data_2HXG
#
_entry.id   2HXG
#
_cell.length_a   116.870
_cell.length_b   116.870
_cell.length_c   215.076
_cell.angle_alpha   90.00
_cell.angle_beta   90.00
_cell.angle_gamma   120.00
#
_symmetry.space_group_name_H-M   'P 32 2 1'
#
loop_
_entity.id
_entity.type
_entity.pdbx_description
1 polymer 'L-arabinose isomerase'
2 non-polymer 'MANGANESE (II) ION'
3 water water
#
_entity_poly.entity_id   1
_entity_poly.type   'polypeptide(L)'
_entity_poly.pdbx_seq_one_letter_code
;MTIFDNYEVWFVIGSQHLYGPETLRQVTQHAEHVVNALNTEAKLPCKLVLKPLGTTPDEITAICRDANYDDPCAGLVVWL
HTFSPAKMWINGLTMLNKPLLQFHTQFNAALPWDSIDMDFMNLNQTAHGGREFGFIGARMRQQHAVVTGHWQDKQAHERI
GSWMRQAVSKQDTRHLKVCRFGDNMREVAVTDGDKVAAQIKFGFSVNTWAVGDLVQVVNSISDGDVNALVDEYESCYTMT
PATQIHGEKRQNVLEAARIELGMKRFLEQGGFHAFTTTFEDLHGLKQLPGLAVQRLMQQGYGFAGEGDWKTAALLRIMKV
MSTGLQGGTSFMEDYTYHFEKGNDLVLGSHMLEVCPSIAVEEKPILDVQHLGIGGKDDPARLIFNTQTGPAIVASLIDLG
DRYRLLVNCIDTVKTPHSLPKLPVANALWKAQPDLPTASEAWILAGGAHHTVFSHALNLNDMRQFAEMHDIEITVIDNDT
RLPAFKDALRWNEVYYGFRR
;
_entity_poly.pdbx_strand_id   A,B,C
#
loop_
_chem_comp.id
_chem_comp.type
_chem_comp.name
_chem_comp.formula
MN non-polymer 'MANGANESE (II) ION' 'Mn 2'
#
# COMPACT_ATOMS: atom_id res chain seq x y z
N MET A 1 -14.91 36.12 -22.94
CA MET A 1 -15.90 35.91 -21.83
C MET A 1 -15.19 35.44 -20.54
N THR A 2 -14.87 34.15 -20.44
CA THR A 2 -14.14 33.62 -19.27
C THR A 2 -12.72 33.22 -19.62
N ILE A 3 -11.94 33.03 -18.56
CA ILE A 3 -10.48 32.82 -18.62
C ILE A 3 -10.05 31.65 -19.53
N PHE A 4 -10.94 30.70 -19.77
CA PHE A 4 -10.66 29.62 -20.72
C PHE A 4 -10.47 30.14 -22.15
N ASP A 5 -10.99 31.33 -22.43
CA ASP A 5 -10.72 32.00 -23.70
C ASP A 5 -9.27 32.48 -23.83
N ASN A 6 -8.55 32.64 -22.71
CA ASN A 6 -7.15 33.04 -22.74
C ASN A 6 -6.23 31.92 -23.22
N TYR A 7 -6.48 30.69 -22.76
CA TYR A 7 -5.57 29.55 -22.98
C TYR A 7 -6.02 28.61 -24.09
N GLU A 8 -5.08 27.77 -24.52
CA GLU A 8 -5.26 26.83 -25.60
C GLU A 8 -4.50 25.55 -25.26
N VAL A 9 -4.86 24.44 -25.89
CA VAL A 9 -4.05 23.23 -25.80
C VAL A 9 -3.55 22.91 -27.18
N TRP A 10 -2.27 22.61 -27.24
CA TRP A 10 -1.66 22.32 -28.50
C TRP A 10 -1.95 20.85 -28.78
N PHE A 11 -2.06 20.53 -30.06
CA PHE A 11 -2.34 19.16 -30.47
C PHE A 11 -1.19 18.63 -31.29
N VAL A 12 -0.20 18.09 -30.59
CA VAL A 12 1.00 17.58 -31.23
C VAL A 12 0.74 16.16 -31.69
N ILE A 13 1.42 15.76 -32.74
CA ILE A 13 1.26 14.45 -33.35
C ILE A 13 2.62 13.87 -33.70
N GLY A 14 2.80 12.58 -33.44
CA GLY A 14 4.10 11.95 -33.49
C GLY A 14 4.29 10.92 -34.59
N SER A 15 5.21 11.22 -35.49
CA SER A 15 5.73 10.23 -36.45
C SER A 15 7.21 10.48 -36.71
N GLN A 16 7.80 9.70 -37.61
CA GLN A 16 9.21 9.87 -37.99
C GLN A 16 9.35 10.58 -39.34
N HIS A 17 10.45 11.33 -39.50
CA HIS A 17 10.78 12.00 -40.75
C HIS A 17 10.74 11.04 -41.94
N LEU A 18 10.98 9.77 -41.65
CA LEU A 18 10.78 8.70 -42.63
C LEU A 18 9.39 8.10 -42.39
N TYR A 19 8.60 7.88 -43.44
CA TYR A 19 8.95 8.23 -44.81
C TYR A 19 7.74 8.26 -45.74
N GLY A 20 7.71 9.24 -46.63
CA GLY A 20 6.67 9.36 -47.63
C GLY A 20 5.85 10.62 -47.42
N PRO A 21 6.25 11.73 -48.07
CA PRO A 21 5.46 12.97 -48.05
C PRO A 21 3.96 12.74 -48.24
N GLU A 22 3.60 11.75 -49.05
CA GLU A 22 2.25 11.20 -49.08
C GLU A 22 1.89 10.71 -47.67
N THR A 23 2.45 9.58 -47.26
CA THR A 23 2.22 9.03 -45.91
C THR A 23 2.29 10.10 -44.82
N LEU A 24 3.34 10.91 -44.86
CA LEU A 24 3.56 12.01 -43.91
C LEU A 24 2.63 13.21 -44.12
N ARG A 25 2.14 13.41 -45.34
CA ARG A 25 1.14 14.45 -45.63
C ARG A 25 -0.27 13.89 -45.44
N GLN A 26 -0.42 12.60 -45.71
CA GLN A 26 -1.65 11.87 -45.47
C GLN A 26 -2.02 11.92 -43.98
N VAL A 27 -1.03 11.79 -43.11
CA VAL A 27 -1.28 11.88 -41.65
C VAL A 27 -1.72 13.28 -41.20
N THR A 28 -1.09 14.29 -41.78
CA THR A 28 -1.46 15.68 -41.51
C THR A 28 -2.98 15.87 -41.68
N GLN A 29 -3.55 15.20 -42.69
CA GLN A 29 -4.99 15.28 -43.02
C GLN A 29 -5.92 14.87 -41.88
N HIS A 30 -5.48 13.89 -41.08
CA HIS A 30 -6.35 13.26 -40.09
C HIS A 30 -6.35 14.10 -38.85
N ALA A 31 -5.16 14.48 -38.42
CA ALA A 31 -4.99 15.44 -37.33
C ALA A 31 -5.86 16.68 -37.57
N GLU A 32 -5.91 17.16 -38.82
CA GLU A 32 -6.77 18.29 -39.18
C GLU A 32 -8.26 17.94 -39.08
N HIS A 33 -8.61 16.67 -39.26
CA HIS A 33 -9.99 16.21 -39.09
C HIS A 33 -10.36 16.03 -37.63
N VAL A 34 -9.63 15.18 -36.92
CA VAL A 34 -9.91 14.94 -35.49
C VAL A 34 -9.95 16.23 -34.68
N VAL A 35 -9.04 17.15 -34.98
CA VAL A 35 -8.99 18.43 -34.28
C VAL A 35 -10.23 19.28 -34.58
N ASN A 36 -10.50 19.52 -35.86
CA ASN A 36 -11.73 20.24 -36.23
C ASN A 36 -12.97 19.50 -35.75
N ALA A 37 -12.97 18.17 -35.88
CA ALA A 37 -14.06 17.36 -35.34
C ALA A 37 -14.22 17.65 -33.85
N LEU A 38 -13.13 17.59 -33.10
CA LEU A 38 -13.19 17.84 -31.66
C LEU A 38 -13.55 19.27 -31.29
N ASN A 39 -13.06 20.24 -32.04
CA ASN A 39 -13.27 21.66 -31.71
C ASN A 39 -14.73 22.15 -31.86
N THR A 40 -15.50 21.55 -32.76
CA THR A 40 -16.93 21.91 -32.90
C THR A 40 -17.89 20.95 -32.20
N GLU A 41 -17.52 19.67 -32.11
CA GLU A 41 -18.43 18.61 -31.59
C GLU A 41 -18.26 18.29 -30.10
N ALA A 42 -17.06 18.47 -29.56
CA ALA A 42 -16.72 17.90 -28.24
C ALA A 42 -17.11 18.71 -26.98
N LYS A 43 -17.33 20.02 -27.12
CA LYS A 43 -17.62 20.91 -25.98
C LYS A 43 -16.55 20.85 -24.86
N LEU A 44 -15.29 21.00 -25.25
CA LEU A 44 -14.18 20.96 -24.31
C LEU A 44 -13.89 22.35 -23.74
N PRO A 45 -13.40 22.41 -22.48
CA PRO A 45 -13.13 23.67 -21.75
C PRO A 45 -12.52 24.79 -22.58
N CYS A 46 -11.61 24.46 -23.50
CA CYS A 46 -11.06 25.44 -24.42
C CYS A 46 -10.51 24.78 -25.68
N LYS A 47 -10.19 25.59 -26.67
CA LYS A 47 -9.91 25.08 -28.01
C LYS A 47 -8.61 24.28 -28.09
N LEU A 48 -8.50 23.48 -29.16
CA LEU A 48 -7.33 22.66 -29.46
C LEU A 48 -6.64 23.17 -30.72
N VAL A 49 -5.44 23.71 -30.57
CA VAL A 49 -4.70 24.19 -31.73
C VAL A 49 -3.77 23.10 -32.23
N LEU A 50 -4.04 22.60 -33.45
CA LEU A 50 -3.15 21.64 -34.10
C LEU A 50 -1.85 22.31 -34.48
N LYS A 51 -0.75 21.59 -34.28
CA LYS A 51 0.58 22.06 -34.62
C LYS A 51 1.20 21.17 -35.71
N PRO A 52 2.27 21.65 -36.36
CA PRO A 52 2.94 20.85 -37.38
C PRO A 52 3.56 19.58 -36.84
N LEU A 53 3.74 18.60 -37.70
CA LEU A 53 4.12 17.25 -37.28
C LEU A 53 5.49 17.18 -36.62
N GLY A 54 5.54 16.52 -35.46
CA GLY A 54 6.80 16.20 -34.82
C GLY A 54 7.40 14.98 -35.48
N THR A 55 8.27 15.22 -36.45
CA THR A 55 8.90 14.14 -37.22
C THR A 55 10.38 13.93 -36.87
N THR A 56 11.08 15.03 -36.63
CA THR A 56 12.49 14.99 -36.24
C THR A 56 12.62 15.40 -34.78
N PRO A 57 13.80 15.17 -34.17
CA PRO A 57 14.05 15.74 -32.84
C PRO A 57 13.86 17.26 -32.77
N ASP A 58 14.57 17.99 -33.61
CA ASP A 58 14.52 19.47 -33.62
C ASP A 58 13.10 20.03 -33.71
N GLU A 59 12.24 19.40 -34.49
CA GLU A 59 10.87 19.86 -34.63
C GLU A 59 10.11 19.68 -33.34
N ILE A 60 10.35 18.58 -32.65
CA ILE A 60 9.71 18.31 -31.36
C ILE A 60 10.26 19.29 -30.32
N THR A 61 11.57 19.54 -30.38
CA THR A 61 12.23 20.49 -29.49
C THR A 61 11.73 21.92 -29.73
N ALA A 62 11.47 22.27 -31.00
CA ALA A 62 10.85 23.55 -31.32
C ALA A 62 9.45 23.60 -30.75
N ILE A 63 8.63 22.62 -31.10
CA ILE A 63 7.27 22.53 -30.56
C ILE A 63 7.26 22.76 -29.05
N CYS A 64 8.25 22.21 -28.35
CA CYS A 64 8.37 22.39 -26.90
C CYS A 64 8.81 23.79 -26.54
N ARG A 65 9.85 24.28 -27.22
CA ARG A 65 10.31 25.64 -27.04
C ARG A 65 9.13 26.60 -27.11
N ASP A 66 8.39 26.54 -28.21
CA ASP A 66 7.22 27.40 -28.40
C ASP A 66 6.19 27.14 -27.28
N ALA A 67 5.91 25.86 -27.02
CA ALA A 67 4.92 25.47 -26.03
C ALA A 67 5.21 26.05 -24.64
N ASN A 68 6.50 26.19 -24.32
CA ASN A 68 6.89 26.78 -23.05
C ASN A 68 6.78 28.29 -23.05
N TYR A 69 7.14 28.88 -24.18
CA TYR A 69 7.18 30.33 -24.34
C TYR A 69 5.79 30.93 -24.40
N ASP A 70 4.86 30.20 -25.03
CA ASP A 70 3.48 30.70 -25.25
C ASP A 70 2.64 30.59 -23.97
N ASP A 71 2.40 31.73 -23.36
CA ASP A 71 1.71 31.81 -22.08
C ASP A 71 0.23 31.40 -22.09
N PRO A 72 -0.39 31.28 -23.28
CA PRO A 72 -1.71 30.69 -23.32
C PRO A 72 -1.68 29.21 -23.73
N CYS A 73 -0.50 28.62 -23.85
CA CYS A 73 -0.41 27.17 -23.98
C CYS A 73 -0.55 26.58 -22.59
N ALA A 74 -1.67 25.93 -22.33
CA ALA A 74 -1.91 25.36 -21.01
C ALA A 74 -1.33 23.95 -20.89
N GLY A 75 -1.09 23.33 -22.04
CA GLY A 75 -0.47 22.01 -22.09
C GLY A 75 -0.52 21.39 -23.47
N LEU A 76 0.20 20.29 -23.64
CA LEU A 76 0.16 19.54 -24.88
C LEU A 76 -0.74 18.33 -24.72
N VAL A 77 -1.61 18.10 -25.71
CA VAL A 77 -2.28 16.82 -25.87
C VAL A 77 -1.56 16.19 -27.04
N VAL A 78 -1.13 14.95 -26.87
CA VAL A 78 -0.30 14.32 -27.88
C VAL A 78 -0.90 12.98 -28.28
N TRP A 79 -0.97 12.77 -29.58
CA TRP A 79 -1.41 11.51 -30.14
C TRP A 79 -0.34 11.06 -31.11
N LEU A 80 0.05 9.80 -30.99
CA LEU A 80 1.19 9.25 -31.71
C LEU A 80 0.71 8.46 -32.92
N HIS A 81 0.60 9.14 -34.05
CA HIS A 81 -0.06 8.59 -35.22
C HIS A 81 0.72 7.42 -35.82
N THR A 82 1.83 7.70 -36.50
CA THR A 82 2.60 6.66 -37.18
C THR A 82 3.41 5.86 -36.16
N PHE A 83 4.59 6.37 -35.84
CA PHE A 83 5.49 5.75 -34.86
C PHE A 83 6.65 6.73 -34.71
N SER A 84 6.76 7.36 -33.54
CA SER A 84 7.80 8.36 -33.31
C SER A 84 8.75 7.94 -32.20
N PRO A 85 9.84 7.24 -32.56
CA PRO A 85 10.92 6.89 -31.63
C PRO A 85 11.18 7.98 -30.58
N ALA A 86 11.11 7.60 -29.31
CA ALA A 86 11.02 8.54 -28.18
C ALA A 86 12.34 9.27 -27.87
N LYS A 87 13.44 8.78 -28.43
CA LYS A 87 14.74 9.44 -28.28
C LYS A 87 14.70 10.85 -28.93
N MET A 88 13.85 11.00 -29.94
CA MET A 88 13.61 12.31 -30.56
C MET A 88 12.94 13.29 -29.60
N TRP A 89 12.14 12.77 -28.68
CA TRP A 89 11.38 13.60 -27.76
C TRP A 89 12.18 14.10 -26.56
N ILE A 90 13.38 13.55 -26.39
CA ILE A 90 14.16 13.72 -25.15
C ILE A 90 14.42 15.18 -24.80
N ASN A 91 15.16 15.86 -25.68
CA ASN A 91 15.60 17.24 -25.45
C ASN A 91 14.41 18.15 -25.24
N GLY A 92 13.35 17.90 -26.02
CA GLY A 92 12.08 18.61 -25.89
C GLY A 92 11.39 18.34 -24.57
N LEU A 93 11.06 17.06 -24.32
CA LEU A 93 10.39 16.66 -23.07
C LEU A 93 11.16 17.06 -21.84
N THR A 94 12.48 17.10 -21.97
CA THR A 94 13.33 17.53 -20.87
C THR A 94 13.11 19.01 -20.50
N MET A 95 12.95 19.89 -21.50
CA MET A 95 12.73 21.32 -21.24
C MET A 95 11.26 21.65 -21.02
N LEU A 96 10.35 20.72 -21.33
CA LEU A 96 8.91 21.02 -21.39
C LEU A 96 8.32 21.33 -20.02
N ASN A 97 8.01 22.60 -19.78
CA ASN A 97 7.46 23.05 -18.48
C ASN A 97 5.94 23.03 -18.41
N LYS A 98 5.27 22.64 -19.50
CA LYS A 98 3.82 22.60 -19.55
C LYS A 98 3.30 21.16 -19.64
N PRO A 99 2.20 20.85 -18.95
CA PRO A 99 1.71 19.48 -18.84
C PRO A 99 1.36 18.80 -20.16
N LEU A 100 1.32 17.47 -20.11
CA LEU A 100 1.17 16.63 -21.29
C LEU A 100 0.15 15.52 -21.02
N LEU A 101 -0.57 15.15 -22.07
CA LEU A 101 -1.53 14.06 -22.00
C LEU A 101 -1.49 13.26 -23.29
N GLN A 102 -1.25 11.97 -23.18
CA GLN A 102 -1.25 11.13 -24.37
C GLN A 102 -2.66 10.69 -24.65
N PHE A 103 -3.29 11.32 -25.64
CA PHE A 103 -4.54 10.78 -26.12
C PHE A 103 -4.14 9.60 -27.00
N HIS A 104 -4.39 8.40 -26.47
CA HIS A 104 -3.98 7.15 -27.09
C HIS A 104 -5.13 6.64 -27.94
N THR A 105 -5.12 7.04 -29.21
CA THR A 105 -6.27 6.84 -30.10
C THR A 105 -5.86 6.42 -31.49
N GLN A 106 -6.88 6.07 -32.29
CA GLN A 106 -6.70 5.54 -33.64
C GLN A 106 -7.38 6.47 -34.64
N PHE A 107 -7.32 6.11 -35.90
CA PHE A 107 -8.13 6.80 -36.90
C PHE A 107 -9.59 6.51 -36.66
N ASN A 108 -9.86 5.23 -36.43
CA ASN A 108 -10.99 4.55 -37.04
C ASN A 108 -11.55 3.53 -36.07
N ALA A 109 -12.82 3.72 -35.68
CA ALA A 109 -13.36 3.06 -34.50
C ALA A 109 -13.34 1.54 -34.63
N ALA A 110 -13.15 1.03 -35.84
CA ALA A 110 -13.07 -0.41 -36.04
C ALA A 110 -12.20 -0.84 -37.23
N LEU A 111 -12.23 -2.14 -37.52
CA LEU A 111 -11.11 -2.85 -38.13
C LEU A 111 -11.40 -3.43 -39.51
N PRO A 112 -10.60 -3.02 -40.51
CA PRO A 112 -10.75 -3.49 -41.88
C PRO A 112 -10.16 -4.90 -42.04
N TRP A 113 -11.02 -5.90 -42.13
CA TRP A 113 -10.56 -7.30 -42.13
C TRP A 113 -10.13 -7.74 -43.52
N ASP A 114 -10.89 -7.31 -44.54
CA ASP A 114 -10.54 -7.56 -45.94
C ASP A 114 -9.77 -6.41 -46.55
N SER A 115 -9.80 -5.25 -45.91
CA SER A 115 -9.18 -4.03 -46.44
C SER A 115 -7.95 -3.60 -45.62
N ILE A 116 -7.04 -4.54 -45.39
CA ILE A 116 -5.83 -4.27 -44.60
C ILE A 116 -4.58 -4.54 -45.44
N ASP A 117 -3.70 -3.54 -45.53
CA ASP A 117 -2.45 -3.66 -46.26
C ASP A 117 -1.24 -3.22 -45.43
N MET A 118 -0.06 -3.38 -46.03
CA MET A 118 1.18 -2.94 -45.41
C MET A 118 1.32 -1.43 -45.55
N ASP A 119 0.82 -0.89 -46.66
CA ASP A 119 0.67 0.56 -46.82
C ASP A 119 -0.16 1.13 -45.68
N PHE A 120 -1.20 0.40 -45.28
CA PHE A 120 -1.99 0.79 -44.11
C PHE A 120 -1.17 0.67 -42.83
N MET A 121 -0.41 -0.43 -42.70
CA MET A 121 0.36 -0.65 -41.47
C MET A 121 1.56 0.28 -41.36
N ASN A 122 2.04 0.78 -42.50
CA ASN A 122 3.08 1.81 -42.51
C ASN A 122 2.61 3.05 -41.74
N LEU A 123 1.38 3.49 -41.99
CA LEU A 123 0.83 4.72 -41.43
C LEU A 123 -0.40 4.51 -40.56
N ASN A 124 -0.48 5.23 -39.45
CA ASN A 124 -1.53 5.01 -38.48
C ASN A 124 -1.24 3.71 -37.73
N GLN A 125 -0.52 3.84 -36.61
CA GLN A 125 -0.06 2.69 -35.80
C GLN A 125 0.23 3.13 -34.35
N THR A 126 -0.80 3.65 -33.67
CA THR A 126 -0.66 4.17 -32.31
C THR A 126 -0.57 3.03 -31.28
N ALA A 127 -1.11 1.87 -31.63
CA ALA A 127 -1.09 0.70 -30.73
C ALA A 127 0.30 0.44 -30.14
N HIS A 128 1.32 0.42 -30.98
CA HIS A 128 2.69 0.25 -30.48
C HIS A 128 3.36 1.61 -30.24
N GLY A 129 3.25 2.52 -31.19
CA GLY A 129 3.85 3.85 -31.05
C GLY A 129 3.48 4.57 -29.77
N GLY A 130 2.25 4.39 -29.31
CA GLY A 130 1.82 5.00 -28.07
C GLY A 130 2.56 4.44 -26.86
N ARG A 131 2.81 3.13 -26.89
CA ARG A 131 3.45 2.45 -25.75
C ARG A 131 4.90 2.92 -25.52
N GLU A 132 5.66 3.00 -26.61
CA GLU A 132 7.05 3.50 -26.59
C GLU A 132 7.15 4.86 -25.89
N PHE A 133 6.15 5.71 -26.16
CA PHE A 133 6.09 7.05 -25.63
C PHE A 133 5.82 7.07 -24.13
N GLY A 134 4.92 6.18 -23.68
CA GLY A 134 4.67 6.01 -22.24
C GLY A 134 5.94 5.64 -21.51
N PHE A 135 6.74 4.75 -22.11
CA PHE A 135 8.01 4.31 -21.54
C PHE A 135 8.90 5.48 -21.13
N ILE A 136 9.13 6.40 -22.07
CA ILE A 136 10.04 7.51 -21.79
C ILE A 136 9.44 8.43 -20.72
N GLY A 137 8.13 8.65 -20.78
CA GLY A 137 7.44 9.38 -19.73
C GLY A 137 7.61 8.71 -18.37
N ALA A 138 7.60 7.38 -18.37
CA ALA A 138 7.80 6.60 -17.15
C ALA A 138 9.28 6.57 -16.73
N ARG A 139 10.17 6.39 -17.72
CA ARG A 139 11.62 6.32 -17.50
C ARG A 139 12.11 7.64 -16.94
N MET A 140 11.69 8.73 -17.58
CA MET A 140 12.03 10.08 -17.11
C MET A 140 11.24 10.46 -15.88
N ARG A 141 10.18 9.69 -15.60
CA ARG A 141 9.36 9.89 -14.40
C ARG A 141 8.54 11.18 -14.44
N GLN A 142 8.09 11.56 -15.64
CA GLN A 142 7.17 12.68 -15.83
C GLN A 142 5.74 12.19 -15.63
N GLN A 143 4.81 13.11 -15.44
CA GLN A 143 3.41 12.75 -15.21
C GLN A 143 2.89 11.98 -16.41
N HIS A 144 2.53 12.69 -17.47
CA HIS A 144 1.89 12.12 -18.63
C HIS A 144 0.61 11.38 -18.23
N ALA A 145 -0.50 12.11 -18.22
CA ALA A 145 -1.81 11.49 -18.21
C ALA A 145 -1.95 10.77 -19.51
N VAL A 146 -2.75 9.71 -19.50
CA VAL A 146 -3.08 8.95 -20.69
C VAL A 146 -4.57 8.74 -20.69
N VAL A 147 -5.20 9.02 -21.81
CA VAL A 147 -6.58 8.62 -22.02
C VAL A 147 -6.60 7.76 -23.28
N THR A 148 -7.21 6.58 -23.14
CA THR A 148 -7.35 5.67 -24.25
C THR A 148 -8.80 5.67 -24.69
N GLY A 149 -9.00 5.67 -26.00
CA GLY A 149 -10.34 5.62 -26.57
C GLY A 149 -10.37 5.98 -28.04
N HIS A 150 -11.53 5.79 -28.64
CA HIS A 150 -11.77 6.28 -29.99
C HIS A 150 -12.23 7.75 -29.90
N TRP A 151 -11.38 8.68 -30.35
CA TRP A 151 -11.72 10.12 -30.53
C TRP A 151 -13.20 10.52 -30.54
N GLN A 152 -14.05 9.77 -31.25
CA GLN A 152 -15.50 10.04 -31.27
C GLN A 152 -16.18 9.62 -29.95
N ASP A 153 -15.43 8.98 -29.06
CA ASP A 153 -15.97 8.47 -27.79
C ASP A 153 -16.42 9.61 -26.89
N LYS A 154 -17.69 9.58 -26.51
CA LYS A 154 -18.23 10.52 -25.54
C LYS A 154 -17.42 10.48 -24.26
N GLN A 155 -17.25 9.29 -23.70
CA GLN A 155 -16.52 9.10 -22.46
C GLN A 155 -15.12 9.72 -22.53
N ALA A 156 -14.42 9.53 -23.66
CA ALA A 156 -13.04 10.03 -23.82
C ALA A 156 -12.95 11.54 -23.97
N HIS A 157 -13.95 12.15 -24.59
CA HIS A 157 -14.02 13.61 -24.63
C HIS A 157 -14.04 14.13 -23.21
N GLU A 158 -14.95 13.58 -22.41
CA GLU A 158 -15.08 13.95 -21.00
C GLU A 158 -13.75 13.89 -20.28
N ARG A 159 -13.04 12.79 -20.48
CA ARG A 159 -11.83 12.55 -19.70
C ARG A 159 -10.79 13.61 -20.02
N ILE A 160 -10.62 13.87 -21.32
CA ILE A 160 -9.60 14.80 -21.84
C ILE A 160 -9.87 16.25 -21.41
N GLY A 161 -11.13 16.65 -21.41
CA GLY A 161 -11.51 18.00 -21.02
C GLY A 161 -11.28 18.28 -19.56
N SER A 162 -11.49 17.27 -18.71
CA SER A 162 -11.27 17.42 -17.28
C SER A 162 -9.80 17.67 -17.02
N TRP A 163 -8.96 16.96 -17.79
CA TRP A 163 -7.53 17.22 -17.81
C TRP A 163 -7.23 18.62 -18.34
N MET A 164 -7.81 18.96 -19.48
CA MET A 164 -7.67 20.30 -20.06
C MET A 164 -8.05 21.37 -19.05
N ARG A 165 -9.06 21.08 -18.26
CA ARG A 165 -9.49 21.99 -17.23
C ARG A 165 -8.39 22.23 -16.21
N GLN A 166 -7.75 21.14 -15.78
CA GLN A 166 -6.68 21.21 -14.78
C GLN A 166 -5.46 21.92 -15.36
N ALA A 167 -5.13 21.59 -16.60
CA ALA A 167 -4.01 22.20 -17.28
C ALA A 167 -4.10 23.73 -17.22
N VAL A 168 -5.32 24.24 -17.41
CA VAL A 168 -5.60 25.67 -17.37
C VAL A 168 -5.54 26.22 -15.95
N SER A 169 -6.04 25.46 -14.98
CA SER A 169 -5.95 25.88 -13.57
C SER A 169 -4.48 26.06 -13.18
N LYS A 170 -3.66 25.09 -13.54
CA LYS A 170 -2.24 25.12 -13.26
C LYS A 170 -1.63 26.44 -13.71
N GLN A 171 -2.00 26.87 -14.91
CA GLN A 171 -1.49 28.10 -15.47
C GLN A 171 -2.00 29.32 -14.72
N ASP A 172 -3.29 29.35 -14.40
CA ASP A 172 -3.86 30.50 -13.71
C ASP A 172 -3.23 30.69 -12.34
N THR A 173 -3.02 29.59 -11.63
CA THR A 173 -2.41 29.66 -10.31
C THR A 173 -1.05 30.32 -10.39
N ARG A 174 -0.31 30.03 -11.46
CA ARG A 174 0.98 30.68 -11.67
C ARG A 174 0.91 32.20 -11.45
N HIS A 175 -0.15 32.85 -11.93
CA HIS A 175 -0.32 34.31 -11.84
C HIS A 175 -1.19 34.81 -10.69
N LEU A 176 -1.67 33.89 -9.86
CA LEU A 176 -2.61 34.22 -8.79
C LEU A 176 -1.91 35.05 -7.70
N LYS A 177 -2.54 36.13 -7.26
CA LYS A 177 -1.94 37.05 -6.28
C LYS A 177 -2.84 37.23 -5.05
N VAL A 178 -2.42 36.71 -3.90
CA VAL A 178 -3.16 36.91 -2.68
C VAL A 178 -2.73 38.23 -2.07
N CYS A 179 -3.67 38.95 -1.48
CA CYS A 179 -3.40 40.19 -0.75
C CYS A 179 -3.91 40.09 0.66
N ARG A 180 -3.00 40.16 1.62
CA ARG A 180 -3.39 40.00 3.02
C ARG A 180 -3.54 41.35 3.69
N PHE A 181 -4.62 41.50 4.44
CA PHE A 181 -4.88 42.71 5.20
C PHE A 181 -4.68 42.36 6.65
N GLY A 182 -3.42 42.43 7.07
CA GLY A 182 -3.01 42.03 8.40
C GLY A 182 -2.44 40.63 8.33
N ASP A 183 -1.97 40.12 9.46
CA ASP A 183 -1.30 38.83 9.57
C ASP A 183 -2.25 37.77 10.18
N ASN A 184 -1.73 36.58 10.49
CA ASN A 184 -2.58 35.44 10.99
C ASN A 184 -3.17 35.74 12.37
N MET A 185 -4.28 35.11 12.68
CA MET A 185 -4.77 35.14 14.05
C MET A 185 -3.63 34.61 14.93
N ARG A 186 -3.34 35.33 16.02
CA ARG A 186 -2.26 34.97 16.92
C ARG A 186 -2.47 33.56 17.48
N GLU A 187 -1.35 32.85 17.61
CA GLU A 187 -1.27 31.52 18.18
C GLU A 187 -1.91 30.45 17.30
N VAL A 188 -2.18 30.74 16.03
CA VAL A 188 -2.83 29.75 15.17
C VAL A 188 -1.79 29.02 14.29
N ALA A 189 -1.99 27.72 14.10
CA ALA A 189 -1.01 26.88 13.40
C ALA A 189 -1.38 26.59 11.94
N VAL A 190 -2.54 25.98 11.70
CA VAL A 190 -2.86 25.49 10.33
C VAL A 190 -2.72 26.53 9.25
N THR A 191 -2.97 27.79 9.61
CA THR A 191 -3.08 28.89 8.66
C THR A 191 -1.77 29.66 8.51
N ASP A 192 -0.80 29.35 9.37
CA ASP A 192 0.60 29.80 9.20
C ASP A 192 1.28 28.91 8.15
N GLY A 193 2.54 29.20 7.82
CA GLY A 193 3.25 28.41 6.81
C GLY A 193 4.32 29.21 6.08
N ASP A 194 4.92 28.60 5.07
CA ASP A 194 6.05 29.21 4.34
C ASP A 194 5.58 29.69 2.97
N LYS A 195 5.30 30.98 2.87
CA LYS A 195 4.79 31.57 1.65
C LYS A 195 5.77 31.37 0.52
N VAL A 196 7.05 31.50 0.84
CA VAL A 196 8.09 31.28 -0.14
C VAL A 196 7.90 29.93 -0.79
N ALA A 197 7.68 28.89 0.01
CA ALA A 197 7.53 27.51 -0.47
C ALA A 197 6.34 27.32 -1.39
N ALA A 198 5.21 27.94 -1.02
CA ALA A 198 3.99 27.83 -1.79
C ALA A 198 4.15 28.48 -3.17
N GLN A 199 4.85 29.61 -3.20
CA GLN A 199 5.10 30.28 -4.46
C GLN A 199 6.05 29.49 -5.35
N ILE A 200 7.04 28.84 -4.74
CA ILE A 200 7.89 27.91 -5.49
C ILE A 200 7.05 26.79 -6.12
N LYS A 201 6.17 26.17 -5.33
CA LYS A 201 5.41 24.97 -5.70
C LYS A 201 4.24 25.20 -6.67
N PHE A 202 3.35 26.11 -6.30
CA PHE A 202 2.15 26.38 -7.08
C PHE A 202 2.26 27.66 -7.88
N GLY A 203 3.11 28.56 -7.42
CA GLY A 203 3.41 29.76 -8.15
C GLY A 203 2.60 30.96 -7.72
N PHE A 204 1.62 30.76 -6.83
CA PHE A 204 0.85 31.91 -6.33
C PHE A 204 1.68 32.69 -5.30
N SER A 205 1.47 33.99 -5.25
CA SER A 205 2.24 34.89 -4.40
C SER A 205 1.38 35.34 -3.24
N VAL A 206 1.99 35.61 -2.10
CA VAL A 206 1.22 36.03 -0.92
C VAL A 206 1.98 37.16 -0.22
N ASN A 207 1.39 38.35 -0.23
CA ASN A 207 2.04 39.57 0.30
C ASN A 207 1.03 40.50 0.93
N THR A 208 1.44 41.22 1.96
CA THR A 208 0.46 41.84 2.83
C THR A 208 0.51 43.37 2.73
N TRP A 209 -0.68 43.94 2.61
CA TRP A 209 -0.84 45.37 2.62
C TRP A 209 -1.46 45.78 3.94
N ALA A 210 -0.97 46.88 4.49
CA ALA A 210 -1.43 47.40 5.77
C ALA A 210 -2.93 47.66 5.79
N VAL A 211 -3.56 47.26 6.89
CA VAL A 211 -4.94 47.61 7.16
C VAL A 211 -5.14 49.13 6.97
N GLY A 212 -4.16 49.92 7.40
CA GLY A 212 -4.21 51.35 7.18
C GLY A 212 -4.37 51.73 5.71
N ASP A 213 -3.75 50.97 4.81
CA ASP A 213 -3.82 51.28 3.39
C ASP A 213 -5.26 51.17 2.92
N LEU A 214 -5.83 49.99 3.09
CA LEU A 214 -7.21 49.75 2.71
C LEU A 214 -8.10 50.90 3.20
N VAL A 215 -7.94 51.25 4.46
CA VAL A 215 -8.77 52.29 5.11
C VAL A 215 -8.75 53.60 4.34
N GLN A 216 -7.58 53.92 3.80
CA GLN A 216 -7.40 55.11 2.98
C GLN A 216 -8.31 55.06 1.75
N VAL A 217 -8.43 53.88 1.15
CA VAL A 217 -9.32 53.70 -0.01
C VAL A 217 -10.80 53.66 0.39
N VAL A 218 -11.09 53.00 1.51
CA VAL A 218 -12.47 52.91 2.01
C VAL A 218 -12.97 54.29 2.39
N ASN A 219 -12.11 55.07 3.05
CA ASN A 219 -12.42 56.47 3.41
C ASN A 219 -12.48 57.45 2.22
N SER A 220 -12.28 56.94 0.99
CA SER A 220 -12.25 57.78 -0.22
C SER A 220 -13.43 57.63 -1.17
N ILE A 221 -14.26 56.61 -0.96
CA ILE A 221 -15.33 56.32 -1.93
C ILE A 221 -16.41 57.39 -1.81
N SER A 222 -16.96 57.83 -2.95
CA SER A 222 -17.98 58.88 -2.91
C SER A 222 -19.30 58.38 -2.33
N ASP A 223 -19.98 59.25 -1.58
CA ASP A 223 -21.33 58.96 -1.08
C ASP A 223 -22.24 58.52 -2.23
N GLY A 224 -22.12 59.21 -3.36
CA GLY A 224 -22.79 58.79 -4.60
C GLY A 224 -22.62 57.31 -4.93
N ASP A 225 -21.36 56.86 -5.00
CA ASP A 225 -21.06 55.46 -5.31
C ASP A 225 -21.56 54.49 -4.21
N VAL A 226 -21.43 54.93 -2.96
CA VAL A 226 -21.88 54.18 -1.79
C VAL A 226 -23.39 53.91 -1.89
N ASN A 227 -24.15 54.97 -2.14
CA ASN A 227 -25.62 54.91 -2.21
C ASN A 227 -26.08 54.03 -3.36
N ALA A 228 -25.37 54.13 -4.48
CA ALA A 228 -25.71 53.39 -5.70
C ALA A 228 -25.70 51.89 -5.47
N LEU A 229 -24.70 51.41 -4.74
CA LEU A 229 -24.55 49.99 -4.44
C LEU A 229 -25.72 49.53 -3.59
N VAL A 230 -26.10 50.36 -2.62
CA VAL A 230 -27.23 50.04 -1.75
C VAL A 230 -28.51 49.82 -2.57
N ASP A 231 -28.68 50.59 -3.64
CA ASP A 231 -29.79 50.36 -4.59
C ASP A 231 -29.70 48.97 -5.21
N GLU A 232 -28.49 48.46 -5.35
CA GLU A 232 -28.30 47.09 -5.83
C GLU A 232 -28.56 46.05 -4.74
N TYR A 233 -28.38 46.42 -3.46
CA TYR A 233 -28.73 45.54 -2.35
C TYR A 233 -30.25 45.41 -2.19
N GLU A 234 -30.95 46.52 -2.35
CA GLU A 234 -32.41 46.55 -2.32
C GLU A 234 -32.97 45.58 -3.33
N SER A 235 -32.36 45.59 -4.52
CA SER A 235 -32.86 44.81 -5.65
C SER A 235 -32.40 43.37 -5.64
N CYS A 236 -31.29 43.08 -4.96
CA CYS A 236 -30.75 41.73 -4.89
C CYS A 236 -31.26 40.91 -3.72
N TYR A 237 -31.48 41.56 -2.59
CA TYR A 237 -31.72 40.85 -1.37
C TYR A 237 -33.00 41.27 -0.65
N THR A 238 -33.32 40.49 0.38
CA THR A 238 -34.46 40.75 1.25
C THR A 238 -34.00 41.55 2.47
N MET A 239 -34.13 42.86 2.37
CA MET A 239 -33.75 43.76 3.45
C MET A 239 -34.67 43.52 4.64
N THR A 240 -34.09 43.18 5.78
CA THR A 240 -34.84 43.02 7.03
C THR A 240 -35.34 44.37 7.54
N PRO A 241 -36.29 44.36 8.50
CA PRO A 241 -36.83 45.64 9.00
C PRO A 241 -35.74 46.65 9.37
N ALA A 242 -34.79 46.23 10.20
CA ALA A 242 -33.68 47.08 10.65
C ALA A 242 -32.78 47.54 9.51
N THR A 243 -32.69 46.70 8.47
CA THR A 243 -31.82 46.95 7.34
C THR A 243 -32.29 48.11 6.47
N GLN A 244 -33.60 48.20 6.23
CA GLN A 244 -34.16 49.19 5.30
C GLN A 244 -34.10 50.63 5.80
N ILE A 245 -34.49 51.56 4.93
CA ILE A 245 -34.70 52.97 5.30
C ILE A 245 -35.50 53.10 6.60
N HIS A 246 -35.22 54.17 7.35
CA HIS A 246 -35.75 54.36 8.71
C HIS A 246 -35.36 53.20 9.63
N GLY A 247 -34.50 52.30 9.17
CA GLY A 247 -34.06 51.18 9.96
C GLY A 247 -33.04 51.60 11.00
N GLU A 248 -33.06 50.93 12.15
CA GLU A 248 -32.17 51.25 13.26
C GLU A 248 -30.71 51.05 12.92
N LYS A 249 -30.43 50.20 11.91
CA LYS A 249 -29.07 49.93 11.47
C LYS A 249 -28.88 50.23 9.97
N ARG A 250 -29.61 51.21 9.44
CA ARG A 250 -29.51 51.56 8.01
C ARG A 250 -28.11 52.03 7.65
N GLN A 251 -27.47 52.74 8.58
CA GLN A 251 -26.11 53.25 8.38
C GLN A 251 -25.09 52.11 8.32
N ASN A 252 -25.33 51.05 9.09
CA ASN A 252 -24.44 49.89 9.07
C ASN A 252 -24.38 49.28 7.67
N VAL A 253 -25.50 49.35 6.94
CA VAL A 253 -25.57 48.92 5.54
C VAL A 253 -24.72 49.81 4.62
N LEU A 254 -24.76 51.11 4.86
CA LEU A 254 -24.01 52.05 4.06
C LEU A 254 -22.51 51.84 4.31
N GLU A 255 -22.14 51.69 5.58
CA GLU A 255 -20.76 51.43 5.96
C GLU A 255 -20.24 50.16 5.33
N ALA A 256 -21.03 49.10 5.41
CA ALA A 256 -20.72 47.85 4.71
C ALA A 256 -20.47 48.13 3.23
N ALA A 257 -21.40 48.85 2.61
CA ALA A 257 -21.32 49.17 1.19
C ALA A 257 -20.04 49.93 0.86
N ARG A 258 -19.74 50.94 1.69
CA ARG A 258 -18.52 51.73 1.59
C ARG A 258 -17.28 50.83 1.65
N ILE A 259 -17.26 49.95 2.66
CA ILE A 259 -16.16 49.02 2.83
C ILE A 259 -15.97 48.20 1.56
N GLU A 260 -17.04 47.56 1.11
CA GLU A 260 -17.00 46.74 -0.12
C GLU A 260 -16.42 47.51 -1.30
N LEU A 261 -16.88 48.73 -1.52
CA LEU A 261 -16.39 49.51 -2.63
C LEU A 261 -14.89 49.77 -2.48
N GLY A 262 -14.46 50.15 -1.28
CA GLY A 262 -13.04 50.39 -1.03
C GLY A 262 -12.21 49.14 -1.26
N MET A 263 -12.63 48.03 -0.64
CA MET A 263 -11.97 46.73 -0.82
C MET A 263 -11.92 46.34 -2.28
N LYS A 264 -13.01 46.57 -3.00
CA LYS A 264 -13.06 46.20 -4.39
C LYS A 264 -12.02 47.03 -5.14
N ARG A 265 -12.23 48.33 -5.18
CA ARG A 265 -11.34 49.27 -5.86
C ARG A 265 -9.89 48.85 -5.60
N PHE A 266 -9.58 48.60 -4.33
CA PHE A 266 -8.23 48.23 -3.93
C PHE A 266 -7.74 46.98 -4.67
N LEU A 267 -8.53 45.93 -4.59
CA LEU A 267 -8.19 44.65 -5.20
C LEU A 267 -8.05 44.80 -6.71
N GLU A 268 -8.94 45.55 -7.33
CA GLU A 268 -8.96 45.64 -8.79
C GLU A 268 -7.64 46.21 -9.29
N GLN A 269 -7.28 47.39 -8.76
CA GLN A 269 -6.08 48.15 -9.13
C GLN A 269 -4.77 47.41 -8.91
N GLY A 270 -4.67 46.72 -7.77
CA GLY A 270 -3.51 45.87 -7.48
C GLY A 270 -3.50 44.53 -8.22
N GLY A 271 -4.47 44.30 -9.10
CA GLY A 271 -4.48 43.11 -9.94
C GLY A 271 -4.60 41.83 -9.13
N PHE A 272 -5.26 41.92 -7.98
CA PHE A 272 -5.41 40.81 -7.04
C PHE A 272 -6.58 39.87 -7.37
N HIS A 273 -6.43 38.62 -6.96
CA HIS A 273 -7.40 37.56 -7.24
C HIS A 273 -7.91 36.88 -5.95
N ALA A 274 -7.24 37.12 -4.83
CA ALA A 274 -7.70 36.63 -3.52
C ALA A 274 -7.19 37.51 -2.38
N PHE A 275 -7.80 37.37 -1.21
CA PHE A 275 -7.38 38.16 -0.05
C PHE A 275 -7.83 37.53 1.24
N THR A 276 -7.30 38.08 2.33
CA THR A 276 -7.66 37.66 3.67
C THR A 276 -7.93 38.90 4.51
N THR A 277 -8.41 38.69 5.73
CA THR A 277 -8.62 39.76 6.71
C THR A 277 -8.23 39.21 8.10
N THR A 278 -8.33 40.02 9.15
CA THR A 278 -8.01 39.56 10.50
C THR A 278 -8.76 40.42 11.49
N PHE A 279 -9.61 39.82 12.33
CA PHE A 279 -10.36 40.60 13.29
C PHE A 279 -9.49 41.26 14.37
N GLU A 280 -8.28 40.71 14.57
CA GLU A 280 -7.29 41.28 15.48
C GLU A 280 -6.62 42.56 14.96
N ASP A 281 -6.77 42.84 13.66
CA ASP A 281 -6.31 44.11 13.08
C ASP A 281 -7.34 44.66 12.10
N LEU A 282 -8.16 45.60 12.58
CA LEU A 282 -9.20 46.28 11.78
C LEU A 282 -9.13 47.80 11.95
N HIS A 283 -8.02 48.29 12.50
CA HIS A 283 -7.88 49.70 12.85
C HIS A 283 -8.22 50.62 11.66
N GLY A 284 -9.22 51.47 11.87
CA GLY A 284 -9.68 52.40 10.85
C GLY A 284 -10.86 51.89 10.03
N LEU A 285 -11.29 50.66 10.30
CA LEU A 285 -12.45 50.08 9.61
C LEU A 285 -13.63 49.98 10.57
N LYS A 286 -14.76 50.53 10.13
CA LYS A 286 -15.95 50.68 10.97
C LYS A 286 -16.55 49.34 11.44
N GLN A 287 -16.48 48.31 10.58
CA GLN A 287 -16.94 46.96 10.94
C GLN A 287 -16.15 45.88 10.16
N LEU A 288 -16.15 44.65 10.66
CA LEU A 288 -15.40 43.56 10.01
C LEU A 288 -16.07 43.24 8.68
N PRO A 289 -15.31 43.29 7.56
CA PRO A 289 -15.83 42.92 6.26
C PRO A 289 -16.59 41.59 6.24
N GLY A 290 -17.90 41.66 5.97
CA GLY A 290 -18.76 40.48 5.85
C GLY A 290 -19.45 40.49 4.50
N LEU A 291 -20.51 41.26 4.40
CA LEU A 291 -21.26 41.40 3.15
C LEU A 291 -20.31 41.69 1.97
N ALA A 292 -19.42 42.66 2.18
CA ALA A 292 -18.39 43.00 1.19
C ALA A 292 -17.68 41.74 0.72
N VAL A 293 -17.15 40.99 1.69
CA VAL A 293 -16.38 39.78 1.42
C VAL A 293 -17.23 38.78 0.67
N GLN A 294 -18.48 38.62 1.08
CA GLN A 294 -19.35 37.63 0.47
C GLN A 294 -19.59 37.91 -1.00
N ARG A 295 -19.95 39.14 -1.32
CA ARG A 295 -20.24 39.49 -2.71
C ARG A 295 -18.99 39.41 -3.56
N LEU A 296 -17.83 39.65 -2.95
CA LEU A 296 -16.58 39.61 -3.69
C LEU A 296 -16.23 38.17 -4.00
N MET A 297 -16.42 37.29 -3.02
CA MET A 297 -16.34 35.82 -3.24
C MET A 297 -17.24 35.41 -4.41
N GLN A 298 -18.46 35.95 -4.41
CA GLN A 298 -19.45 35.61 -5.44
C GLN A 298 -19.06 36.11 -6.81
N GLN A 299 -18.24 37.16 -6.86
CA GLN A 299 -17.79 37.74 -8.12
C GLN A 299 -16.54 37.04 -8.64
N GLY A 300 -15.94 36.18 -7.82
CA GLY A 300 -14.82 35.37 -8.24
C GLY A 300 -13.62 35.41 -7.33
N TYR A 301 -13.56 36.36 -6.39
CA TYR A 301 -12.41 36.49 -5.50
C TYR A 301 -12.35 35.37 -4.47
N GLY A 302 -11.20 34.70 -4.42
CA GLY A 302 -10.90 33.79 -3.32
C GLY A 302 -10.71 34.57 -2.03
N PHE A 303 -11.08 33.96 -0.91
CA PHE A 303 -10.87 34.57 0.40
C PHE A 303 -10.96 33.51 1.46
N ALA A 304 -10.23 33.74 2.56
CA ALA A 304 -10.38 32.92 3.75
C ALA A 304 -10.07 33.75 4.99
N GLY A 305 -10.69 33.36 6.08
CA GLY A 305 -10.76 34.19 7.27
C GLY A 305 -9.46 34.28 8.03
N GLU A 306 -9.37 35.30 8.88
CA GLU A 306 -8.24 35.47 9.77
C GLU A 306 -6.94 35.01 9.15
N GLY A 307 -6.49 35.74 8.13
CA GLY A 307 -5.13 35.64 7.62
C GLY A 307 -4.78 34.39 6.86
N ASP A 308 -5.76 33.54 6.60
CA ASP A 308 -5.50 32.21 6.03
C ASP A 308 -5.31 32.23 4.48
N TRP A 309 -4.10 32.61 4.07
CA TRP A 309 -3.76 32.73 2.65
C TRP A 309 -3.92 31.43 1.86
N LYS A 310 -3.57 30.29 2.48
CA LYS A 310 -3.62 28.99 1.80
C LYS A 310 -5.03 28.72 1.30
N THR A 311 -5.98 28.71 2.24
CA THR A 311 -7.38 28.46 1.89
C THR A 311 -7.90 29.52 0.94
N ALA A 312 -7.54 30.78 1.22
CA ALA A 312 -7.94 31.90 0.36
C ALA A 312 -7.53 31.67 -1.09
N ALA A 313 -6.27 31.29 -1.30
CA ALA A 313 -5.76 30.95 -2.64
C ALA A 313 -6.50 29.75 -3.23
N LEU A 314 -6.65 28.70 -2.42
CA LEU A 314 -7.32 27.50 -2.88
C LEU A 314 -8.76 27.80 -3.32
N LEU A 315 -9.43 28.74 -2.65
CA LEU A 315 -10.79 29.11 -3.07
C LEU A 315 -10.73 29.69 -4.45
N ARG A 316 -9.85 30.67 -4.64
CA ARG A 316 -9.67 31.30 -5.96
C ARG A 316 -9.38 30.25 -7.02
N ILE A 317 -8.49 29.33 -6.70
CA ILE A 317 -8.14 28.24 -7.59
C ILE A 317 -9.36 27.44 -7.99
N MET A 318 -10.06 26.92 -6.99
CA MET A 318 -11.21 26.04 -7.23
C MET A 318 -12.35 26.80 -7.91
N LYS A 319 -12.48 28.10 -7.60
CA LYS A 319 -13.50 28.96 -8.24
C LYS A 319 -13.26 29.05 -9.73
N VAL A 320 -12.00 29.27 -10.12
CA VAL A 320 -11.61 29.28 -11.53
C VAL A 320 -11.68 27.89 -12.11
N MET A 321 -11.26 26.90 -11.34
CA MET A 321 -11.34 25.50 -11.79
C MET A 321 -12.77 25.20 -12.24
N SER A 322 -13.74 25.56 -11.40
CA SER A 322 -15.15 25.26 -11.65
C SER A 322 -15.82 26.08 -12.75
N THR A 323 -15.13 27.04 -13.38
CA THR A 323 -15.79 27.89 -14.40
C THR A 323 -16.53 27.04 -15.45
N GLY A 324 -17.75 27.46 -15.80
CA GLY A 324 -18.56 26.73 -16.76
C GLY A 324 -19.19 25.46 -16.22
N LEU A 325 -19.25 25.33 -14.88
CA LEU A 325 -19.90 24.18 -14.24
C LEU A 325 -21.04 24.60 -13.32
N GLN A 326 -22.09 23.79 -13.26
CA GLN A 326 -23.21 24.04 -12.34
C GLN A 326 -22.76 23.74 -10.93
N GLY A 327 -23.01 24.67 -10.00
CA GLY A 327 -22.61 24.50 -8.61
C GLY A 327 -21.79 25.66 -8.09
N GLY A 328 -21.66 25.71 -6.77
CA GLY A 328 -21.19 26.90 -6.04
C GLY A 328 -19.70 27.05 -5.78
N THR A 329 -19.20 26.43 -4.72
CA THR A 329 -17.78 26.64 -4.27
C THR A 329 -17.59 27.83 -3.31
N SER A 330 -17.38 27.56 -2.03
CA SER A 330 -17.29 28.61 -1.03
C SER A 330 -16.21 28.36 0.03
N PHE A 331 -15.78 29.45 0.66
CA PHE A 331 -15.08 29.35 1.93
C PHE A 331 -16.06 28.74 2.96
N MET A 332 -15.53 27.98 3.90
CA MET A 332 -16.35 27.22 4.84
C MET A 332 -15.53 26.75 6.03
N GLU A 333 -16.18 26.70 7.20
CA GLU A 333 -15.54 26.22 8.44
C GLU A 333 -16.52 25.40 9.28
N ASP A 334 -16.22 24.11 9.43
CA ASP A 334 -17.00 23.21 10.28
C ASP A 334 -17.28 23.96 11.58
N TYR A 335 -18.55 24.20 11.89
CA TYR A 335 -18.88 25.04 13.03
C TYR A 335 -19.46 24.26 14.20
N THR A 336 -20.38 23.34 13.93
CA THR A 336 -20.89 22.49 14.99
C THR A 336 -21.62 21.23 14.44
N TYR A 337 -22.15 20.38 15.33
CA TYR A 337 -22.57 19.04 14.98
C TYR A 337 -23.94 18.67 15.51
N HIS A 338 -24.55 17.72 14.81
CA HIS A 338 -25.78 17.11 15.23
C HIS A 338 -25.51 15.61 15.26
N PHE A 339 -25.44 15.04 16.46
CA PHE A 339 -25.29 13.59 16.64
C PHE A 339 -26.63 12.93 16.76
N GLU A 340 -26.96 12.10 15.79
CA GLU A 340 -28.23 11.40 15.82
C GLU A 340 -28.02 10.12 15.05
N LYS A 341 -28.34 8.98 15.69
CA LYS A 341 -28.16 7.68 15.09
C LYS A 341 -28.71 7.72 13.66
N GLY A 342 -27.85 7.38 12.71
CA GLY A 342 -28.21 7.39 11.29
C GLY A 342 -28.14 8.75 10.60
N ASN A 343 -27.98 9.82 11.35
CA ASN A 343 -28.15 11.14 10.80
C ASN A 343 -27.18 12.12 11.46
N ASP A 344 -25.90 11.78 11.47
CA ASP A 344 -24.87 12.66 12.01
C ASP A 344 -24.63 13.75 11.00
N LEU A 345 -24.66 15.01 11.45
CA LEU A 345 -24.54 16.16 10.54
C LEU A 345 -23.54 17.21 11.05
N VAL A 346 -22.96 17.93 10.09
CA VAL A 346 -22.05 19.04 10.36
C VAL A 346 -22.74 20.29 9.87
N LEU A 347 -22.85 21.30 10.74
CA LEU A 347 -23.27 22.63 10.29
C LEU A 347 -22.03 23.46 9.96
N GLY A 348 -21.82 23.75 8.68
CA GLY A 348 -20.75 24.64 8.28
C GLY A 348 -21.17 26.10 8.31
N SER A 349 -20.21 27.00 8.45
CA SER A 349 -20.44 28.45 8.36
C SER A 349 -19.14 29.19 8.67
N HIS A 350 -19.21 30.52 8.69
CA HIS A 350 -18.16 31.34 9.29
C HIS A 350 -18.79 32.53 10.01
N MET A 351 -17.98 33.15 10.87
CA MET A 351 -18.30 34.41 11.56
C MET A 351 -19.30 35.24 10.77
N LEU A 352 -18.94 35.54 9.53
CA LEU A 352 -19.82 36.22 8.58
C LEU A 352 -19.62 35.75 7.13
N GLU A 353 -18.43 35.27 6.82
CA GLU A 353 -17.98 35.21 5.43
C GLU A 353 -18.29 33.86 4.82
N VAL A 354 -19.46 33.76 4.18
CA VAL A 354 -19.84 32.56 3.43
C VAL A 354 -20.34 33.01 2.07
N CYS A 355 -19.91 32.31 1.02
CA CYS A 355 -20.24 32.73 -0.34
C CYS A 355 -21.68 32.35 -0.71
N PRO A 356 -22.48 33.34 -1.10
CA PRO A 356 -23.81 33.06 -1.70
C PRO A 356 -23.78 32.29 -3.02
N SER A 357 -22.61 31.83 -3.41
CA SER A 357 -22.44 31.00 -4.58
C SER A 357 -23.25 29.70 -4.46
N ILE A 358 -23.36 29.22 -3.21
CA ILE A 358 -23.91 27.91 -2.87
C ILE A 358 -25.37 27.97 -2.38
N ALA A 359 -26.03 29.12 -2.57
CA ALA A 359 -27.33 29.38 -1.95
C ALA A 359 -28.49 28.81 -2.76
N VAL A 360 -29.62 28.59 -2.08
CA VAL A 360 -30.84 28.07 -2.72
C VAL A 360 -31.82 29.15 -3.21
N GLU A 361 -31.79 30.33 -2.57
CA GLU A 361 -32.84 31.37 -2.74
C GLU A 361 -32.30 32.71 -3.26
N GLU A 362 -33.15 33.75 -3.27
CA GLU A 362 -32.69 35.16 -3.21
C GLU A 362 -32.38 35.52 -1.76
N LYS A 363 -31.19 36.03 -1.51
CA LYS A 363 -30.60 35.96 -0.17
C LYS A 363 -31.13 37.06 0.74
N PRO A 364 -31.47 36.73 1.99
CA PRO A 364 -31.76 37.77 3.00
C PRO A 364 -30.51 38.45 3.55
N ILE A 365 -30.52 39.78 3.61
CA ILE A 365 -29.43 40.58 4.24
C ILE A 365 -29.95 41.16 5.53
N LEU A 366 -29.14 41.05 6.58
CA LEU A 366 -29.52 41.49 7.88
C LEU A 366 -28.33 42.16 8.54
N ASP A 367 -28.63 42.82 9.64
CA ASP A 367 -27.61 43.29 10.52
C ASP A 367 -27.60 42.48 11.81
N VAL A 368 -28.75 42.31 12.48
CA VAL A 368 -28.81 41.56 13.78
C VAL A 368 -27.43 40.96 14.07
N GLN A 369 -26.47 41.84 14.39
CA GLN A 369 -25.06 41.53 14.19
C GLN A 369 -24.25 41.30 15.43
N HIS A 370 -24.48 42.13 16.45
CA HIS A 370 -23.45 42.32 17.48
C HIS A 370 -22.35 41.27 17.42
N LEU A 371 -21.34 41.51 16.61
CA LEU A 371 -20.15 40.66 16.62
C LEU A 371 -19.24 41.06 17.78
N GLY A 372 -19.30 40.28 18.85
CA GLY A 372 -18.38 40.47 19.97
C GLY A 372 -16.96 40.35 19.48
N ILE A 373 -16.75 39.43 18.53
CA ILE A 373 -15.42 39.18 17.97
C ILE A 373 -14.96 40.39 17.18
N GLY A 374 -13.75 40.85 17.49
CA GLY A 374 -13.20 42.08 16.93
C GLY A 374 -13.48 43.23 17.87
N GLY A 375 -14.76 43.58 17.95
CA GLY A 375 -15.21 44.69 18.78
C GLY A 375 -15.58 45.92 17.97
N LYS A 376 -16.08 45.69 16.75
CA LYS A 376 -16.44 46.78 15.86
C LYS A 376 -17.97 46.93 15.77
N ASP A 377 -18.45 47.74 14.83
CA ASP A 377 -19.88 47.94 14.62
C ASP A 377 -20.58 46.64 14.17
N ASP A 378 -21.82 46.50 14.62
CA ASP A 378 -22.74 45.49 14.14
C ASP A 378 -22.65 45.45 12.60
N PRO A 379 -21.98 44.42 12.05
CA PRO A 379 -21.75 44.38 10.60
C PRO A 379 -22.87 43.70 9.80
N ALA A 380 -22.93 44.03 8.52
CA ALA A 380 -23.90 43.44 7.61
C ALA A 380 -23.44 42.06 7.15
N ARG A 381 -24.39 41.20 6.78
CA ARG A 381 -24.09 39.87 6.25
C ARG A 381 -25.26 39.31 5.46
N LEU A 382 -24.99 38.33 4.60
CA LEU A 382 -26.02 37.60 3.89
C LEU A 382 -26.28 36.28 4.62
N ILE A 383 -27.50 36.11 5.11
CA ILE A 383 -27.97 34.84 5.65
C ILE A 383 -28.69 34.06 4.55
N PHE A 384 -28.45 32.76 4.48
CA PHE A 384 -29.07 31.91 3.46
C PHE A 384 -28.79 30.43 3.76
N ASN A 385 -29.49 29.55 3.06
CA ASN A 385 -29.24 28.13 3.22
C ASN A 385 -28.49 27.62 2.01
N THR A 386 -27.69 26.58 2.25
CA THR A 386 -26.89 25.95 1.22
C THR A 386 -27.75 24.90 0.53
N GLN A 387 -27.54 24.78 -0.78
CA GLN A 387 -28.32 23.86 -1.61
C GLN A 387 -28.20 22.41 -1.16
N THR A 388 -29.12 21.61 -1.66
CA THR A 388 -29.12 20.18 -1.48
C THR A 388 -28.29 19.53 -2.56
N GLY A 389 -27.37 18.63 -2.19
CA GLY A 389 -26.69 17.81 -3.19
C GLY A 389 -25.26 17.39 -2.88
N PRO A 390 -24.67 16.58 -3.77
CA PRO A 390 -23.28 16.11 -3.59
C PRO A 390 -22.29 17.25 -3.60
N ALA A 391 -21.33 17.21 -2.68
CA ALA A 391 -20.29 18.23 -2.59
C ALA A 391 -19.01 17.68 -1.96
N ILE A 392 -17.98 18.51 -1.92
CA ILE A 392 -16.72 18.19 -1.27
C ILE A 392 -16.25 19.40 -0.45
N VAL A 393 -15.48 19.12 0.59
CA VAL A 393 -14.73 20.14 1.33
C VAL A 393 -13.30 19.75 1.12
N ALA A 394 -12.42 20.74 0.95
CA ALA A 394 -11.02 20.45 0.72
C ALA A 394 -10.14 21.38 1.56
N SER A 395 -8.98 20.87 1.98
CA SER A 395 -7.99 21.65 2.72
C SER A 395 -6.59 21.35 2.23
N LEU A 396 -5.80 22.40 2.02
CA LEU A 396 -4.38 22.28 1.72
C LEU A 396 -3.61 22.64 2.97
N ILE A 397 -2.87 21.69 3.53
CA ILE A 397 -2.08 21.97 4.73
C ILE A 397 -0.60 21.90 4.41
N ASP A 398 0.19 22.62 5.20
CA ASP A 398 1.64 22.60 5.09
C ASP A 398 2.20 21.77 6.23
N LEU A 399 2.86 20.67 5.86
CA LEU A 399 3.45 19.76 6.82
C LEU A 399 4.92 20.05 7.01
N GLY A 400 5.40 21.24 6.65
CA GLY A 400 6.80 21.56 6.82
C GLY A 400 7.67 21.25 5.60
N ASP A 401 7.70 19.98 5.21
CA ASP A 401 8.52 19.56 4.04
C ASP A 401 7.72 19.35 2.77
N ARG A 402 6.40 19.36 2.90
CA ARG A 402 5.51 19.07 1.78
C ARG A 402 4.05 19.40 2.13
N TYR A 403 3.23 19.52 1.10
CA TYR A 403 1.83 19.86 1.26
C TYR A 403 0.98 18.60 1.15
N ARG A 404 -0.18 18.62 1.80
CA ARG A 404 -1.14 17.53 1.73
C ARG A 404 -2.52 18.11 1.41
N LEU A 405 -3.18 17.59 0.39
CA LEU A 405 -4.54 18.00 0.08
C LEU A 405 -5.49 16.94 0.61
N LEU A 406 -6.35 17.31 1.55
CA LEU A 406 -7.37 16.41 2.06
C LEU A 406 -8.67 16.78 1.38
N VAL A 407 -9.44 15.78 1.00
CA VAL A 407 -10.78 16.01 0.44
C VAL A 407 -11.74 14.93 0.90
N ASN A 408 -12.76 15.41 1.60
CA ASN A 408 -13.82 14.63 2.16
C ASN A 408 -15.04 14.77 1.23
N CYS A 409 -15.57 13.64 0.79
CA CYS A 409 -16.82 13.63 0.02
C CYS A 409 -18.02 13.70 0.95
N ILE A 410 -18.98 14.52 0.57
CA ILE A 410 -20.11 14.86 1.43
C ILE A 410 -21.40 15.01 0.62
N ASP A 411 -22.51 15.18 1.33
CA ASP A 411 -23.81 15.34 0.72
C ASP A 411 -24.61 16.30 1.56
N THR A 412 -24.90 17.46 0.99
CA THR A 412 -25.60 18.53 1.71
C THR A 412 -27.10 18.26 1.73
N VAL A 413 -27.76 18.77 2.76
CA VAL A 413 -29.12 18.37 3.09
C VAL A 413 -29.93 19.50 3.70
N LYS A 414 -31.23 19.50 3.41
CA LYS A 414 -32.17 20.52 3.87
C LYS A 414 -32.18 20.62 5.38
N THR A 415 -31.98 21.80 5.93
CA THR A 415 -32.10 21.99 7.37
C THR A 415 -33.53 21.59 7.77
N PRO A 416 -33.68 20.68 8.75
CA PRO A 416 -34.98 20.04 8.97
C PRO A 416 -35.95 20.94 9.73
N HIS A 417 -35.53 22.20 9.89
CA HIS A 417 -36.24 23.20 10.67
C HIS A 417 -35.55 24.52 10.34
N SER A 418 -36.32 25.60 10.36
CA SER A 418 -35.76 26.94 10.25
C SER A 418 -34.82 27.19 11.43
N LEU A 419 -33.90 28.13 11.23
CA LEU A 419 -32.88 28.46 12.24
C LEU A 419 -33.00 29.95 12.59
N PRO A 420 -34.08 30.31 13.31
CA PRO A 420 -34.53 31.70 13.42
C PRO A 420 -33.57 32.66 14.12
N LYS A 421 -32.68 32.12 14.95
CA LYS A 421 -31.78 32.97 15.72
C LYS A 421 -30.32 32.96 15.22
N LEU A 422 -30.02 32.10 14.24
CA LEU A 422 -28.67 32.00 13.72
C LEU A 422 -28.36 33.22 12.87
N PRO A 423 -27.52 34.13 13.38
CA PRO A 423 -27.26 35.36 12.63
C PRO A 423 -26.48 35.16 11.33
N VAL A 424 -26.14 33.92 10.98
CA VAL A 424 -25.33 33.70 9.79
C VAL A 424 -25.87 32.56 8.92
N ALA A 425 -25.41 32.54 7.68
CA ALA A 425 -25.80 31.50 6.72
C ALA A 425 -25.21 30.18 7.14
N ASN A 426 -25.73 29.09 6.59
CA ASN A 426 -25.28 27.77 6.98
C ASN A 426 -25.15 26.79 5.82
N ALA A 427 -24.24 25.86 5.98
CA ALA A 427 -24.20 24.66 5.18
C ALA A 427 -24.43 23.49 6.12
N LEU A 428 -24.97 22.41 5.59
CA LEU A 428 -25.35 21.27 6.41
C LEU A 428 -25.18 20.00 5.62
N TRP A 429 -24.36 19.08 6.12
CA TRP A 429 -24.05 17.88 5.37
C TRP A 429 -23.80 16.69 6.25
N LYS A 430 -24.08 15.51 5.69
CA LYS A 430 -23.56 14.28 6.22
C LYS A 430 -22.23 14.00 5.55
N ALA A 431 -21.25 13.60 6.35
CA ALA A 431 -19.89 13.31 5.89
C ALA A 431 -19.67 11.85 5.55
N GLN A 432 -19.11 11.56 4.37
CA GLN A 432 -18.82 10.17 4.01
C GLN A 432 -17.55 9.65 4.71
N PRO A 433 -17.55 8.38 5.14
CA PRO A 433 -18.67 7.42 5.19
C PRO A 433 -19.61 7.65 6.37
N ASP A 434 -19.12 8.28 7.44
CA ASP A 434 -19.95 8.74 8.57
C ASP A 434 -19.16 9.73 9.40
N LEU A 435 -19.86 10.52 10.22
CA LEU A 435 -19.23 11.58 10.98
C LEU A 435 -18.01 11.09 11.76
N PRO A 436 -18.18 10.04 12.57
CA PRO A 436 -17.04 9.73 13.41
C PRO A 436 -15.76 9.44 12.65
N THR A 437 -15.84 8.65 11.58
CA THR A 437 -14.65 8.31 10.80
C THR A 437 -14.25 9.46 9.89
N ALA A 438 -15.24 10.06 9.23
CA ALA A 438 -14.98 11.27 8.46
C ALA A 438 -14.11 12.20 9.26
N SER A 439 -14.56 12.50 10.49
CA SER A 439 -13.90 13.48 11.33
C SER A 439 -12.57 12.97 11.82
N GLU A 440 -12.54 11.72 12.24
CA GLU A 440 -11.38 11.11 12.85
C GLU A 440 -10.27 10.97 11.84
N ALA A 441 -10.64 10.59 10.63
CA ALA A 441 -9.67 10.37 9.57
C ALA A 441 -8.97 11.72 9.19
N TRP A 442 -9.77 12.77 9.13
CA TRP A 442 -9.33 14.13 8.89
C TRP A 442 -8.37 14.62 9.97
N ILE A 443 -8.64 14.26 11.21
CA ILE A 443 -7.84 14.73 12.34
C ILE A 443 -6.48 14.01 12.35
N LEU A 444 -6.52 12.70 12.15
CA LEU A 444 -5.32 11.90 11.99
C LEU A 444 -4.44 12.54 10.93
N ALA A 445 -5.06 12.93 9.81
CA ALA A 445 -4.34 13.56 8.71
C ALA A 445 -4.05 15.05 8.92
N GLY A 446 -4.54 15.62 10.02
CA GLY A 446 -4.32 17.02 10.36
C GLY A 446 -5.49 17.82 9.85
N GLY A 447 -5.24 18.64 8.82
CA GLY A 447 -6.33 19.09 7.97
C GLY A 447 -7.13 20.19 8.60
N ALA A 448 -7.15 21.33 7.94
CA ALA A 448 -7.62 22.54 8.57
C ALA A 448 -9.08 22.47 8.96
N HIS A 449 -9.44 23.36 9.88
CA HIS A 449 -10.82 23.69 10.17
C HIS A 449 -11.42 24.52 9.06
N HIS A 450 -10.56 25.28 8.36
CA HIS A 450 -10.94 26.07 7.19
C HIS A 450 -10.91 25.20 5.95
N THR A 451 -12.02 25.17 5.20
CA THR A 451 -12.07 24.37 3.97
C THR A 451 -12.72 25.15 2.86
N VAL A 452 -12.46 24.74 1.62
CA VAL A 452 -13.15 25.27 0.45
C VAL A 452 -14.25 24.28 0.11
N PHE A 453 -15.50 24.69 0.30
CA PHE A 453 -16.65 23.82 0.05
C PHE A 453 -16.98 23.99 -1.43
N SER A 454 -17.34 22.90 -2.13
CA SER A 454 -17.69 22.99 -3.55
C SER A 454 -18.75 21.97 -3.97
N HIS A 455 -19.82 22.47 -4.60
CA HIS A 455 -20.86 21.63 -5.20
C HIS A 455 -20.49 21.21 -6.61
N ALA A 456 -19.68 22.03 -7.29
CA ALA A 456 -19.38 21.84 -8.72
C ALA A 456 -18.24 20.87 -8.99
N LEU A 457 -17.23 20.86 -8.13
CA LEU A 457 -16.05 20.02 -8.33
C LEU A 457 -16.14 18.74 -7.50
N ASN A 458 -15.49 17.68 -7.97
CA ASN A 458 -15.58 16.38 -7.33
C ASN A 458 -14.21 15.77 -7.03
N LEU A 459 -14.23 14.58 -6.43
CA LEU A 459 -13.02 13.92 -5.99
C LEU A 459 -12.04 13.76 -7.16
N ASN A 460 -12.57 13.34 -8.31
CA ASN A 460 -11.78 13.17 -9.54
C ASN A 460 -11.10 14.47 -10.00
N ASP A 461 -11.82 15.60 -9.95
CA ASP A 461 -11.21 16.90 -10.26
C ASP A 461 -9.98 17.09 -9.36
N MET A 462 -10.20 17.00 -8.06
CA MET A 462 -9.15 17.15 -7.07
C MET A 462 -8.04 16.08 -7.17
N ARG A 463 -8.37 14.89 -7.65
CA ARG A 463 -7.34 13.86 -7.86
C ARG A 463 -6.34 14.29 -8.90
N GLN A 464 -6.85 14.74 -10.04
CA GLN A 464 -6.00 15.26 -11.09
C GLN A 464 -5.23 16.51 -10.63
N PHE A 465 -5.89 17.36 -9.85
CA PHE A 465 -5.24 18.53 -9.29
C PHE A 465 -3.99 18.13 -8.50
N ALA A 466 -4.18 17.23 -7.54
CA ALA A 466 -3.08 16.72 -6.72
C ALA A 466 -1.95 16.08 -7.55
N GLU A 467 -2.30 15.31 -8.59
CA GLU A 467 -1.32 14.69 -9.50
C GLU A 467 -0.59 15.77 -10.26
N MET A 468 -1.36 16.75 -10.73
CA MET A 468 -0.82 17.87 -11.49
C MET A 468 0.24 18.61 -10.68
N HIS A 469 0.06 18.73 -9.37
CA HIS A 469 1.05 19.40 -8.52
C HIS A 469 2.02 18.49 -7.77
N ASP A 470 1.83 17.17 -7.86
CA ASP A 470 2.67 16.17 -7.18
C ASP A 470 2.57 16.36 -5.65
N ILE A 471 1.35 16.56 -5.18
CA ILE A 471 1.11 16.55 -3.75
C ILE A 471 0.28 15.34 -3.40
N GLU A 472 0.41 14.94 -2.14
CA GLU A 472 -0.42 13.88 -1.59
C GLU A 472 -1.88 14.31 -1.54
N ILE A 473 -2.76 13.44 -2.02
CA ILE A 473 -4.19 13.64 -1.81
C ILE A 473 -4.63 12.60 -0.79
N THR A 474 -5.16 13.06 0.34
CA THR A 474 -5.75 12.16 1.31
C THR A 474 -7.25 12.13 1.03
N VAL A 475 -7.82 10.94 0.95
CA VAL A 475 -9.20 10.77 0.52
C VAL A 475 -10.04 10.14 1.62
N ILE A 476 -11.08 10.87 2.02
CA ILE A 476 -12.07 10.40 2.99
C ILE A 476 -13.41 10.33 2.28
N ASP A 477 -13.91 9.11 2.08
CA ASP A 477 -15.19 8.90 1.39
C ASP A 477 -15.81 7.51 1.71
N ASN A 478 -16.94 7.21 1.08
CA ASN A 478 -17.67 5.99 1.41
C ASN A 478 -16.82 4.71 1.46
N ASP A 479 -15.68 4.69 0.76
CA ASP A 479 -14.83 3.50 0.71
C ASP A 479 -13.76 3.47 1.81
N THR A 480 -13.75 4.47 2.69
CA THR A 480 -12.69 4.63 3.68
C THR A 480 -12.81 3.62 4.82
N ARG A 481 -11.65 3.16 5.29
CA ARG A 481 -11.51 2.29 6.47
C ARG A 481 -10.23 2.71 7.19
N LEU A 482 -10.25 2.77 8.51
CA LEU A 482 -9.10 3.34 9.22
C LEU A 482 -7.78 2.55 9.10
N PRO A 483 -7.83 1.21 9.16
CA PRO A 483 -6.57 0.49 8.94
C PRO A 483 -5.88 0.78 7.61
N ALA A 484 -6.63 0.81 6.49
CA ALA A 484 -6.03 1.06 5.16
C ALA A 484 -5.59 2.53 5.00
N PHE A 485 -6.41 3.42 5.53
CA PHE A 485 -6.17 4.85 5.56
C PHE A 485 -4.89 5.15 6.30
N LYS A 486 -4.79 4.62 7.52
CA LYS A 486 -3.59 4.83 8.32
C LYS A 486 -2.34 4.32 7.58
N ASP A 487 -2.45 3.10 7.04
CA ASP A 487 -1.38 2.49 6.26
C ASP A 487 -0.92 3.45 5.16
N ALA A 488 -1.88 3.94 4.37
CA ALA A 488 -1.62 4.89 3.26
C ALA A 488 -0.89 6.17 3.72
N LEU A 489 -1.18 6.63 4.93
CA LEU A 489 -0.51 7.81 5.47
C LEU A 489 0.97 7.53 5.73
N ARG A 490 1.26 6.34 6.21
CA ARG A 490 2.65 5.93 6.43
C ARG A 490 3.39 5.65 5.11
N TRP A 491 2.74 4.95 4.18
CA TRP A 491 3.36 4.58 2.91
C TRP A 491 3.54 5.77 1.99
N ASN A 492 2.64 6.73 2.09
CA ASN A 492 2.83 8.01 1.41
C ASN A 492 3.89 8.88 2.04
N GLU A 493 3.98 8.87 3.36
CA GLU A 493 4.94 9.72 4.02
C GLU A 493 6.33 9.47 3.46
N VAL A 494 6.73 8.21 3.41
CA VAL A 494 8.01 7.86 2.81
C VAL A 494 8.08 8.01 1.28
N TYR A 495 6.97 7.88 0.56
CA TYR A 495 7.06 8.15 -0.87
C TYR A 495 7.40 9.62 -1.10
N TYR A 496 6.46 10.51 -0.71
CA TYR A 496 6.65 11.94 -0.89
C TYR A 496 7.69 12.54 0.07
N GLY A 497 8.25 11.73 0.98
CA GLY A 497 9.34 12.16 1.86
C GLY A 497 10.67 12.11 1.14
N PHE A 498 10.78 12.90 0.06
CA PHE A 498 11.92 12.84 -0.87
C PHE A 498 12.15 14.21 -1.57
N MET B 1 -7.80 -2.75 44.07
CA MET B 1 -6.72 -3.77 44.25
C MET B 1 -5.73 -3.89 43.07
N THR B 2 -6.21 -3.70 41.84
CA THR B 2 -5.39 -3.85 40.63
C THR B 2 -4.51 -2.66 40.26
N ILE B 3 -3.50 -2.91 39.43
CA ILE B 3 -2.53 -1.87 39.04
C ILE B 3 -3.20 -0.69 38.31
N PHE B 4 -4.38 -0.92 37.72
CA PHE B 4 -5.19 0.17 37.17
C PHE B 4 -5.54 1.20 38.24
N ASP B 5 -5.77 0.75 39.47
CA ASP B 5 -6.10 1.66 40.56
C ASP B 5 -4.90 2.53 40.99
N ASN B 6 -3.70 2.17 40.55
CA ASN B 6 -2.49 2.98 40.76
C ASN B 6 -2.22 4.01 39.66
N TYR B 7 -3.20 4.23 38.77
CA TYR B 7 -3.09 5.25 37.72
C TYR B 7 -4.39 6.02 37.57
N GLU B 8 -4.27 7.23 37.00
CA GLU B 8 -5.42 8.02 36.58
C GLU B 8 -5.10 8.73 35.28
N VAL B 9 -6.13 8.94 34.46
CA VAL B 9 -5.99 9.65 33.21
C VAL B 9 -6.48 11.07 33.43
N TRP B 10 -5.83 12.01 32.76
CA TRP B 10 -6.14 13.42 32.93
C TRP B 10 -7.07 13.90 31.84
N PHE B 11 -8.12 14.62 32.25
CA PHE B 11 -9.07 15.14 31.31
C PHE B 11 -8.71 16.60 31.18
N VAL B 12 -8.12 16.99 30.05
CA VAL B 12 -7.76 18.38 29.83
C VAL B 12 -8.64 19.01 28.76
N ILE B 13 -9.20 20.17 29.09
CA ILE B 13 -10.05 20.90 28.19
C ILE B 13 -9.26 22.08 27.62
N GLY B 14 -9.25 22.17 26.29
CA GLY B 14 -8.62 23.29 25.58
C GLY B 14 -9.64 24.32 25.16
N SER B 15 -9.30 25.59 25.30
CA SER B 15 -10.18 26.69 24.90
C SER B 15 -9.33 27.91 24.55
N GLN B 16 -9.86 29.11 24.80
CA GLN B 16 -9.10 30.36 24.67
C GLN B 16 -9.87 31.49 25.35
N HIS B 17 -9.23 32.62 25.59
CA HIS B 17 -9.91 33.75 26.26
C HIS B 17 -10.81 34.61 25.37
N LEU B 18 -10.55 34.62 24.07
CA LEU B 18 -11.30 35.46 23.11
C LEU B 18 -12.70 35.87 23.58
N TYR B 19 -13.57 34.90 23.86
CA TYR B 19 -14.93 35.21 24.36
C TYR B 19 -14.89 35.44 25.89
N GLY B 20 -14.77 34.37 26.69
CA GLY B 20 -14.61 34.41 28.15
C GLY B 20 -15.29 35.54 28.92
N PRO B 21 -15.01 35.65 30.24
CA PRO B 21 -14.48 34.64 31.15
C PRO B 21 -15.62 33.81 31.74
N GLU B 22 -16.85 34.20 31.43
CA GLU B 22 -18.05 33.45 31.79
C GLU B 22 -18.42 32.48 30.69
N THR B 23 -17.92 32.71 29.48
CA THR B 23 -17.97 31.74 28.39
C THR B 23 -17.06 30.55 28.72
N LEU B 24 -15.99 30.81 29.46
CA LEU B 24 -15.18 29.75 30.08
C LEU B 24 -15.96 29.02 31.19
N ARG B 25 -16.67 29.79 32.00
CA ARG B 25 -17.38 29.24 33.16
C ARG B 25 -18.41 28.17 32.76
N GLN B 26 -19.05 28.35 31.62
CA GLN B 26 -19.89 27.30 31.05
C GLN B 26 -19.05 26.08 30.65
N VAL B 27 -17.95 26.32 29.94
CA VAL B 27 -17.03 25.25 29.55
C VAL B 27 -16.67 24.40 30.76
N THR B 28 -16.31 25.05 31.86
CA THR B 28 -15.99 24.33 33.09
C THR B 28 -17.20 23.53 33.61
N GLN B 29 -18.39 24.12 33.58
CA GLN B 29 -19.61 23.40 33.96
C GLN B 29 -19.72 22.12 33.16
N HIS B 30 -19.63 22.22 31.83
CA HIS B 30 -19.65 21.05 30.96
C HIS B 30 -18.60 20.02 31.36
N ALA B 31 -17.34 20.43 31.43
CA ALA B 31 -16.24 19.50 31.73
C ALA B 31 -16.49 18.72 33.02
N GLU B 32 -16.72 19.45 34.11
CA GLU B 32 -17.02 18.83 35.40
C GLU B 32 -18.22 17.87 35.29
N HIS B 33 -19.20 18.26 34.48
CA HIS B 33 -20.39 17.44 34.25
C HIS B 33 -20.03 16.16 33.49
N VAL B 34 -19.27 16.30 32.41
CA VAL B 34 -18.89 15.15 31.61
C VAL B 34 -17.91 14.24 32.38
N VAL B 35 -17.07 14.83 33.24
CA VAL B 35 -16.11 14.01 34.00
C VAL B 35 -16.80 13.16 35.04
N ASN B 36 -17.76 13.76 35.75
CA ASN B 36 -18.48 13.03 36.77
C ASN B 36 -19.30 11.91 36.17
N ALA B 37 -20.05 12.23 35.12
CA ALA B 37 -20.94 11.26 34.49
C ALA B 37 -20.17 10.09 33.87
N LEU B 38 -18.93 10.31 33.46
CA LEU B 38 -18.13 9.21 32.94
C LEU B 38 -17.56 8.36 34.07
N ASN B 39 -16.85 8.99 35.00
CA ASN B 39 -16.34 8.29 36.19
C ASN B 39 -17.41 7.49 36.91
N THR B 40 -18.65 8.00 36.91
CA THR B 40 -19.79 7.31 37.53
C THR B 40 -20.31 6.15 36.68
N GLU B 41 -20.61 6.43 35.42
CA GLU B 41 -21.48 5.58 34.60
C GLU B 41 -20.82 4.88 33.41
N ALA B 42 -19.59 5.26 33.06
CA ALA B 42 -18.95 4.78 31.84
C ALA B 42 -18.06 3.55 32.02
N LYS B 43 -18.00 3.02 33.24
CA LYS B 43 -17.23 1.80 33.53
C LYS B 43 -15.91 1.73 32.76
N LEU B 44 -15.09 2.76 32.91
CA LEU B 44 -13.80 2.85 32.20
C LEU B 44 -12.69 2.23 33.04
N PRO B 45 -11.64 1.71 32.39
CA PRO B 45 -10.56 0.98 33.08
C PRO B 45 -9.87 1.69 34.25
N CYS B 46 -9.86 3.02 34.26
CA CYS B 46 -9.32 3.77 35.40
C CYS B 46 -9.90 5.20 35.50
N LYS B 47 -9.40 5.99 36.46
CA LYS B 47 -10.01 7.29 36.81
C LYS B 47 -9.60 8.47 35.93
N LEU B 48 -10.57 9.36 35.70
CA LEU B 48 -10.37 10.61 34.97
C LEU B 48 -10.31 11.78 35.93
N VAL B 49 -9.17 12.45 35.98
CA VAL B 49 -9.02 13.67 36.79
C VAL B 49 -9.04 14.90 35.90
N LEU B 50 -10.07 15.73 36.05
CA LEU B 50 -10.21 16.98 35.30
C LEU B 50 -9.22 18.06 35.75
N LYS B 51 -8.30 18.43 34.88
CA LYS B 51 -7.39 19.52 35.19
C LYS B 51 -8.01 20.91 34.86
N PRO B 52 -7.51 21.97 35.52
CA PRO B 52 -7.98 23.31 35.20
C PRO B 52 -7.79 23.64 33.74
N LEU B 53 -8.72 24.40 33.20
CA LEU B 53 -8.75 24.74 31.78
C LEU B 53 -7.39 25.18 31.22
N GLY B 54 -7.07 24.71 30.03
CA GLY B 54 -5.91 25.19 29.29
C GLY B 54 -6.33 26.17 28.21
N THR B 55 -6.14 27.46 28.49
CA THR B 55 -6.55 28.55 27.56
C THR B 55 -5.40 29.48 27.11
N THR B 56 -4.16 29.18 27.55
CA THR B 56 -2.97 29.94 27.23
C THR B 56 -1.79 29.00 27.03
N PRO B 57 -0.70 29.47 26.41
CA PRO B 57 0.51 28.64 26.29
C PRO B 57 1.08 28.12 27.61
N ASP B 58 1.19 29.01 28.59
CA ASP B 58 1.80 28.66 29.88
C ASP B 58 0.97 27.68 30.69
N GLU B 59 -0.35 27.81 30.62
CA GLU B 59 -1.25 26.85 31.23
C GLU B 59 -1.11 25.47 30.59
N ILE B 60 -0.84 25.43 29.29
CA ILE B 60 -0.77 24.15 28.56
C ILE B 60 0.58 23.48 28.81
N THR B 61 1.65 24.25 28.76
CA THR B 61 2.95 23.74 29.19
C THR B 61 2.87 23.21 30.63
N ALA B 62 2.27 23.98 31.52
CA ALA B 62 2.14 23.57 32.93
C ALA B 62 1.55 22.17 33.04
N ILE B 63 0.44 21.94 32.35
CA ILE B 63 -0.25 20.66 32.43
C ILE B 63 0.62 19.50 31.93
N CYS B 64 1.31 19.69 30.81
CA CYS B 64 2.18 18.64 30.28
C CYS B 64 3.36 18.36 31.20
N ARG B 65 4.00 19.43 31.65
CA ARG B 65 5.06 19.33 32.64
C ARG B 65 4.59 18.51 33.83
N ASP B 66 3.45 18.89 34.42
CA ASP B 66 2.84 18.13 35.51
C ASP B 66 2.61 16.65 35.13
N ALA B 67 2.07 16.41 33.94
CA ALA B 67 1.77 15.05 33.46
C ALA B 67 3.02 14.15 33.41
N ASN B 68 4.14 14.71 32.96
CA ASN B 68 5.43 14.01 33.01
C ASN B 68 5.87 13.67 34.44
N TYR B 69 5.67 14.62 35.36
CA TYR B 69 6.13 14.46 36.74
C TYR B 69 5.30 13.47 37.56
N ASP B 70 4.00 13.41 37.32
CA ASP B 70 3.10 12.54 38.09
C ASP B 70 3.15 11.08 37.59
N ASP B 71 3.68 10.19 38.43
CA ASP B 71 3.90 8.82 37.99
C ASP B 71 2.60 8.04 37.65
N PRO B 72 1.50 8.25 38.43
CA PRO B 72 0.15 7.77 38.06
C PRO B 72 -0.48 8.33 36.78
N CYS B 73 -0.02 9.47 36.29
CA CYS B 73 -0.57 10.02 35.05
C CYS B 73 -0.19 9.14 33.87
N ALA B 74 -1.16 8.37 33.35
CA ALA B 74 -0.90 7.34 32.34
C ALA B 74 -1.10 7.84 30.92
N GLY B 75 -1.87 8.91 30.77
CA GLY B 75 -2.17 9.53 29.47
C GLY B 75 -3.03 10.77 29.60
N LEU B 76 -3.24 11.48 28.50
CA LEU B 76 -4.13 12.64 28.49
C LEU B 76 -5.25 12.41 27.50
N VAL B 77 -6.47 12.79 27.90
CA VAL B 77 -7.60 12.82 26.97
C VAL B 77 -8.04 14.26 26.93
N VAL B 78 -7.89 14.86 25.76
CA VAL B 78 -8.13 16.28 25.61
C VAL B 78 -9.42 16.50 24.81
N TRP B 79 -10.24 17.43 25.31
CA TRP B 79 -11.44 17.88 24.63
C TRP B 79 -11.27 19.35 24.34
N LEU B 80 -11.53 19.74 23.10
CA LEU B 80 -11.41 21.12 22.67
C LEU B 80 -12.80 21.68 22.57
N HIS B 81 -13.29 22.18 23.69
CA HIS B 81 -14.67 22.65 23.81
C HIS B 81 -14.89 23.80 22.84
N THR B 82 -13.85 24.60 22.64
CA THR B 82 -13.86 25.70 21.70
C THR B 82 -12.63 25.66 20.78
N PHE B 83 -12.39 26.73 20.04
CA PHE B 83 -11.15 26.90 19.30
C PHE B 83 -10.06 27.12 20.31
N SER B 84 -8.86 26.64 20.00
CA SER B 84 -7.77 26.65 20.94
C SER B 84 -6.48 26.75 20.15
N PRO B 85 -6.06 27.98 19.82
CA PRO B 85 -4.96 28.17 18.89
C PRO B 85 -3.83 27.19 19.16
N ALA B 86 -3.54 26.33 18.19
CA ALA B 86 -2.69 25.15 18.42
C ALA B 86 -1.23 25.44 18.73
N LYS B 87 -0.73 26.61 18.31
CA LYS B 87 0.63 27.05 18.69
C LYS B 87 0.78 27.08 20.22
N MET B 88 -0.29 27.46 20.93
CA MET B 88 -0.31 27.46 22.41
C MET B 88 0.19 26.13 22.99
N TRP B 89 -0.11 25.05 22.27
CA TRP B 89 0.17 23.71 22.76
C TRP B 89 1.55 23.19 22.42
N ILE B 90 2.22 23.83 21.48
CA ILE B 90 3.46 23.27 20.93
C ILE B 90 4.46 22.98 22.02
N ASN B 91 4.77 23.97 22.85
CA ASN B 91 5.85 23.81 23.81
C ASN B 91 5.56 22.75 24.84
N GLY B 92 4.29 22.60 25.21
CA GLY B 92 3.87 21.52 26.09
C GLY B 92 4.03 20.21 25.36
N LEU B 93 3.51 20.15 24.15
CA LEU B 93 3.53 18.90 23.39
C LEU B 93 4.93 18.40 23.04
N THR B 94 5.91 19.30 23.03
CA THR B 94 7.28 18.91 22.73
C THR B 94 8.01 18.39 23.95
N MET B 95 7.44 18.57 25.14
CA MET B 95 8.05 18.00 26.33
C MET B 95 7.28 16.77 26.82
N LEU B 96 6.11 16.50 26.25
CA LEU B 96 5.21 15.47 26.80
C LEU B 96 5.71 14.03 26.62
N ASN B 97 5.84 13.31 27.73
CA ASN B 97 6.21 11.90 27.74
C ASN B 97 5.02 10.98 27.67
N LYS B 98 3.83 11.51 27.95
CA LYS B 98 2.62 10.70 28.12
C LYS B 98 1.72 10.68 26.87
N PRO B 99 0.97 9.58 26.66
CA PRO B 99 0.14 9.51 25.49
C PRO B 99 -1.11 10.38 25.59
N LEU B 100 -1.65 10.72 24.42
CA LEU B 100 -2.72 11.69 24.27
C LEU B 100 -3.80 11.11 23.38
N LEU B 101 -5.04 11.38 23.76
CA LEU B 101 -6.18 11.04 22.94
C LEU B 101 -7.08 12.25 22.88
N GLN B 102 -7.44 12.66 21.67
CA GLN B 102 -8.45 13.69 21.53
C GLN B 102 -9.81 13.01 21.58
N PHE B 103 -10.67 13.47 22.48
CA PHE B 103 -12.03 13.01 22.52
C PHE B 103 -12.84 14.05 21.79
N HIS B 104 -13.05 13.81 20.51
CA HIS B 104 -13.68 14.79 19.66
C HIS B 104 -15.17 14.72 19.88
N THR B 105 -15.61 15.30 21.00
CA THR B 105 -16.99 15.21 21.47
C THR B 105 -17.67 16.58 21.55
N GLN B 106 -18.92 16.60 21.97
CA GLN B 106 -19.70 17.83 22.07
C GLN B 106 -20.67 17.68 23.24
N PHE B 107 -21.06 18.78 23.88
CA PHE B 107 -21.94 18.67 25.04
C PHE B 107 -23.35 18.20 24.66
N ASN B 108 -24.01 18.93 23.77
CA ASN B 108 -25.28 18.49 23.20
C ASN B 108 -25.08 17.48 22.07
N ALA B 109 -26.01 16.53 21.97
CA ALA B 109 -26.04 15.59 20.84
C ALA B 109 -26.78 16.23 19.67
N ALA B 110 -28.03 16.64 19.93
CA ALA B 110 -28.84 17.29 18.91
C ALA B 110 -28.46 18.76 18.78
N LEU B 111 -28.39 19.24 17.54
CA LEU B 111 -28.25 20.65 17.27
C LEU B 111 -29.62 21.30 17.49
N PRO B 112 -29.71 22.23 18.46
CA PRO B 112 -30.97 22.89 18.80
C PRO B 112 -31.40 23.87 17.72
N TRP B 113 -31.88 23.32 16.62
CA TRP B 113 -32.16 24.09 15.40
C TRP B 113 -32.85 25.42 15.65
N ASP B 114 -33.90 25.37 16.46
CA ASP B 114 -34.77 26.52 16.68
C ASP B 114 -34.18 27.63 17.57
N SER B 115 -33.16 27.29 18.37
CA SER B 115 -32.59 28.25 19.34
C SER B 115 -31.17 28.72 18.98
N ILE B 116 -30.39 27.86 18.33
CA ILE B 116 -28.98 28.14 18.09
C ILE B 116 -28.71 29.59 17.66
N ASP B 117 -27.67 30.18 18.25
CA ASP B 117 -27.27 31.55 17.96
C ASP B 117 -25.75 31.63 18.05
N MET B 118 -25.18 32.81 17.77
CA MET B 118 -23.73 33.00 17.81
C MET B 118 -23.06 32.63 19.15
N ASP B 119 -23.72 32.96 20.26
CA ASP B 119 -23.17 32.60 21.56
C ASP B 119 -22.94 31.10 21.60
N PHE B 120 -24.00 30.37 21.26
CA PHE B 120 -23.95 28.93 21.19
C PHE B 120 -22.87 28.51 20.18
N MET B 121 -23.10 28.83 18.91
CA MET B 121 -22.15 28.63 17.82
C MET B 121 -20.69 28.82 18.23
N ASN B 122 -20.38 29.89 18.94
CA ASN B 122 -18.99 30.16 19.33
C ASN B 122 -18.54 29.42 20.62
N LEU B 123 -19.48 29.00 21.46
CA LEU B 123 -19.24 27.92 22.44
C LEU B 123 -19.49 26.57 21.74
N ASN B 124 -19.04 25.45 22.30
CA ASN B 124 -19.16 24.13 21.60
C ASN B 124 -18.80 24.20 20.11
N GLN B 125 -17.59 24.65 19.82
CA GLN B 125 -17.08 24.67 18.46
C GLN B 125 -15.99 23.60 18.24
N THR B 126 -16.06 22.52 19.02
CA THR B 126 -15.14 21.37 18.88
C THR B 126 -15.02 20.87 17.44
N ALA B 127 -16.11 20.98 16.69
CA ALA B 127 -16.14 20.69 15.26
C ALA B 127 -14.92 21.28 14.53
N HIS B 128 -14.53 22.51 14.87
CA HIS B 128 -13.35 23.11 14.26
C HIS B 128 -12.16 23.20 15.20
N GLY B 129 -12.43 23.45 16.48
CA GLY B 129 -11.37 23.49 17.49
C GLY B 129 -10.58 22.18 17.56
N GLY B 130 -11.25 21.08 17.26
CA GLY B 130 -10.62 19.77 17.23
C GLY B 130 -9.78 19.54 16.00
N ARG B 131 -10.07 20.27 14.93
CA ARG B 131 -9.36 20.11 13.69
C ARG B 131 -8.08 20.92 13.71
N GLU B 132 -8.09 22.06 14.41
CA GLU B 132 -6.90 22.89 14.59
C GLU B 132 -5.88 22.07 15.35
N PHE B 133 -6.38 21.37 16.37
CA PHE B 133 -5.54 20.50 17.19
C PHE B 133 -5.03 19.31 16.39
N GLY B 134 -5.92 18.68 15.64
CA GLY B 134 -5.52 17.59 14.76
C GLY B 134 -4.25 17.95 14.02
N PHE B 135 -4.20 19.15 13.45
CA PHE B 135 -3.11 19.57 12.58
C PHE B 135 -1.71 19.53 13.21
N ILE B 136 -1.54 20.23 14.32
CA ILE B 136 -0.22 20.36 14.96
C ILE B 136 0.35 18.99 15.29
N GLY B 137 -0.50 18.15 15.88
CA GLY B 137 -0.14 16.79 16.21
C GLY B 137 0.26 16.04 14.96
N ALA B 138 -0.47 16.24 13.87
CA ALA B 138 -0.13 15.60 12.61
C ALA B 138 1.16 16.21 12.08
N ARG B 139 1.28 17.52 12.17
CA ARG B 139 2.48 18.22 11.72
C ARG B 139 3.72 17.74 12.47
N MET B 140 3.56 17.40 13.75
CA MET B 140 4.73 17.02 14.54
C MET B 140 5.02 15.53 14.37
N ARG B 141 4.27 14.84 13.51
CA ARG B 141 4.17 13.38 13.52
C ARG B 141 4.10 12.86 14.97
N GLN B 142 3.24 13.45 15.79
CA GLN B 142 3.01 12.98 17.14
C GLN B 142 1.77 12.11 17.09
N GLN B 143 1.91 10.80 17.25
CA GLN B 143 0.76 9.92 17.20
C GLN B 143 -0.23 10.23 18.33
N HIS B 144 -1.25 11.02 18.01
CA HIS B 144 -2.39 11.22 18.91
C HIS B 144 -3.54 10.34 18.45
N ALA B 145 -4.39 9.93 19.38
CA ALA B 145 -5.53 9.13 19.01
C ALA B 145 -6.77 10.03 18.94
N VAL B 146 -7.77 9.58 18.19
CA VAL B 146 -9.06 10.25 18.14
C VAL B 146 -10.21 9.28 18.20
N VAL B 147 -11.17 9.62 19.07
CA VAL B 147 -12.48 9.07 18.97
C VAL B 147 -13.40 10.28 18.85
N THR B 148 -14.16 10.28 17.76
CA THR B 148 -15.31 11.16 17.61
C THR B 148 -16.54 10.45 18.18
N GLY B 149 -17.38 11.20 18.89
CA GLY B 149 -18.68 10.69 19.31
C GLY B 149 -19.23 11.56 20.42
N HIS B 150 -20.55 11.60 20.57
CA HIS B 150 -21.13 12.35 21.67
C HIS B 150 -20.61 11.75 22.98
N TRP B 151 -20.56 12.56 24.06
CA TRP B 151 -19.91 12.11 25.29
C TRP B 151 -20.66 11.03 26.11
N GLN B 152 -21.92 10.77 25.76
CA GLN B 152 -22.67 9.67 26.39
C GLN B 152 -22.68 8.43 25.53
N ASP B 153 -22.10 8.52 24.33
CA ASP B 153 -22.12 7.41 23.40
C ASP B 153 -21.33 6.27 24.01
N LYS B 154 -22.03 5.15 24.24
CA LYS B 154 -21.40 3.99 24.85
C LYS B 154 -20.35 3.33 23.94
N GLN B 155 -20.58 3.35 22.62
CA GLN B 155 -19.56 2.92 21.67
C GLN B 155 -18.24 3.71 21.84
N ALA B 156 -18.37 5.02 22.13
CA ALA B 156 -17.20 5.88 22.39
C ALA B 156 -16.53 5.48 23.68
N HIS B 157 -17.27 5.45 24.78
CA HIS B 157 -16.74 4.95 26.06
C HIS B 157 -15.77 3.78 25.88
N GLU B 158 -16.19 2.77 25.11
CA GLU B 158 -15.35 1.60 24.76
C GLU B 158 -14.00 1.96 24.13
N ARG B 159 -14.06 2.75 23.06
CA ARG B 159 -12.87 3.08 22.32
C ARG B 159 -11.99 4.00 23.15
N ILE B 160 -12.61 4.90 23.90
CA ILE B 160 -11.91 5.72 24.90
C ILE B 160 -11.32 4.79 25.93
N GLY B 161 -12.18 3.95 26.52
CA GLY B 161 -11.78 3.01 27.55
C GLY B 161 -10.69 2.07 27.09
N SER B 162 -10.85 1.51 25.89
CA SER B 162 -9.83 0.66 25.28
C SER B 162 -8.46 1.36 25.16
N TRP B 163 -8.47 2.66 24.88
CA TRP B 163 -7.23 3.44 24.82
C TRP B 163 -6.62 3.64 26.20
N MET B 164 -7.45 3.94 27.18
CA MET B 164 -6.96 4.10 28.55
C MET B 164 -6.15 2.84 28.95
N ARG B 165 -6.64 1.68 28.52
CA ARG B 165 -5.98 0.38 28.75
C ARG B 165 -4.52 0.36 28.32
N GLN B 166 -4.27 0.89 27.12
CA GLN B 166 -2.94 0.91 26.53
C GLN B 166 -2.02 1.90 27.22
N ALA B 167 -2.59 3.02 27.63
CA ALA B 167 -1.87 4.02 28.43
C ALA B 167 -1.23 3.37 29.67
N VAL B 168 -2.03 2.58 30.38
CA VAL B 168 -1.57 1.91 31.59
C VAL B 168 -0.58 0.78 31.28
N SER B 169 -0.87 0.00 30.24
CA SER B 169 0.07 -1.01 29.74
C SER B 169 1.42 -0.38 29.39
N LYS B 170 1.40 0.76 28.70
CA LYS B 170 2.61 1.47 28.31
C LYS B 170 3.47 1.91 29.48
N GLN B 171 2.84 2.33 30.58
CA GLN B 171 3.58 2.78 31.78
C GLN B 171 4.06 1.64 32.67
N ASP B 172 3.32 0.53 32.71
CA ASP B 172 3.73 -0.64 33.48
C ASP B 172 4.97 -1.27 32.86
N THR B 173 4.98 -1.36 31.53
CA THR B 173 6.12 -1.91 30.79
C THR B 173 7.39 -1.12 31.07
N ARG B 174 7.20 0.16 31.36
CA ARG B 174 8.28 1.09 31.70
C ARG B 174 8.88 0.75 33.08
N HIS B 175 8.32 -0.26 33.77
CA HIS B 175 8.83 -0.75 35.06
C HIS B 175 8.98 -2.28 35.14
N LEU B 176 8.69 -2.99 34.06
CA LEU B 176 8.71 -4.44 34.04
C LEU B 176 10.13 -4.98 34.04
N LYS B 177 10.43 -5.90 34.97
CA LYS B 177 11.77 -6.46 35.12
C LYS B 177 11.75 -7.96 34.91
N VAL B 178 12.38 -8.43 33.84
CA VAL B 178 12.52 -9.85 33.57
C VAL B 178 13.76 -10.37 34.29
N CYS B 179 13.61 -11.50 34.97
CA CYS B 179 14.73 -12.19 35.60
C CYS B 179 14.93 -13.54 34.95
N ARG B 180 15.94 -13.63 34.11
CA ARG B 180 16.28 -14.90 33.50
C ARG B 180 17.08 -15.74 34.48
N PHE B 181 16.87 -17.04 34.41
CA PHE B 181 17.66 -17.97 35.20
C PHE B 181 18.53 -18.75 34.21
N GLY B 182 19.54 -18.06 33.66
CA GLY B 182 20.39 -18.61 32.61
C GLY B 182 20.17 -17.94 31.26
N ASP B 183 20.77 -18.51 30.21
CA ASP B 183 20.77 -17.88 28.88
C ASP B 183 19.93 -18.70 27.89
N ASN B 184 19.77 -18.15 26.68
CA ASN B 184 19.05 -18.81 25.60
C ASN B 184 19.56 -20.20 25.32
N MET B 185 18.65 -21.14 25.09
CA MET B 185 18.99 -22.40 24.46
C MET B 185 20.06 -22.11 23.41
N ARG B 186 21.14 -22.89 23.42
CA ARG B 186 22.20 -22.72 22.42
C ARG B 186 21.66 -22.87 20.98
N GLU B 187 22.27 -22.11 20.07
CA GLU B 187 22.01 -22.16 18.62
C GLU B 187 20.63 -21.64 18.15
N VAL B 188 19.84 -21.11 19.08
CA VAL B 188 18.49 -20.63 18.76
C VAL B 188 18.51 -19.13 18.47
N ALA B 189 17.83 -18.71 17.41
CA ALA B 189 17.89 -17.31 16.95
C ALA B 189 16.78 -16.38 17.50
N VAL B 190 15.51 -16.76 17.26
CA VAL B 190 14.38 -15.87 17.58
C VAL B 190 14.34 -15.39 19.01
N THR B 191 14.65 -16.28 19.94
CA THR B 191 14.57 -15.96 21.36
C THR B 191 15.74 -15.06 21.80
N ASP B 192 16.69 -14.85 20.90
CA ASP B 192 17.81 -13.99 21.13
C ASP B 192 17.48 -12.61 20.56
N GLY B 193 18.32 -11.63 20.89
CA GLY B 193 18.13 -10.26 20.45
C GLY B 193 18.93 -9.26 21.26
N ASP B 194 18.69 -7.97 21.00
CA ASP B 194 19.39 -6.86 21.63
C ASP B 194 18.55 -6.37 22.81
N LYS B 195 18.95 -6.76 24.02
CA LYS B 195 18.24 -6.34 25.23
C LYS B 195 18.26 -4.83 25.45
N VAL B 196 19.33 -4.17 25.04
CA VAL B 196 19.43 -2.71 25.13
C VAL B 196 18.33 -2.06 24.30
N ALA B 197 18.16 -2.52 23.07
CA ALA B 197 17.08 -2.03 22.23
C ALA B 197 15.73 -2.15 22.94
N ALA B 198 15.46 -3.30 23.55
CA ALA B 198 14.19 -3.53 24.23
C ALA B 198 13.92 -2.48 25.30
N GLN B 199 14.84 -2.36 26.25
CA GLN B 199 14.72 -1.39 27.34
C GLN B 199 14.66 0.06 26.82
N ILE B 200 15.40 0.38 25.78
CA ILE B 200 15.26 1.69 25.14
C ILE B 200 13.81 1.90 24.65
N LYS B 201 13.45 1.18 23.58
CA LYS B 201 12.07 1.10 23.03
C LYS B 201 10.93 0.89 24.05
N PHE B 202 11.04 -0.13 24.89
CA PHE B 202 9.91 -0.57 25.71
C PHE B 202 10.02 -0.25 27.18
N GLY B 203 11.24 -0.05 27.68
CA GLY B 203 11.44 0.30 29.08
C GLY B 203 11.56 -0.87 30.02
N PHE B 204 11.21 -2.07 29.59
CA PHE B 204 11.41 -3.24 30.45
C PHE B 204 12.87 -3.67 30.38
N SER B 205 13.36 -4.20 31.50
CA SER B 205 14.75 -4.61 31.60
C SER B 205 14.83 -6.11 31.76
N VAL B 206 15.89 -6.67 31.20
CA VAL B 206 16.15 -8.09 31.24
C VAL B 206 17.57 -8.24 31.77
N ASN B 207 17.76 -9.13 32.74
CA ASN B 207 19.05 -9.32 33.41
C ASN B 207 19.11 -10.74 34.05
N THR B 208 20.29 -11.32 34.07
CA THR B 208 20.44 -12.77 34.35
C THR B 208 21.04 -13.07 35.73
N TRP B 209 20.25 -13.73 36.57
CA TRP B 209 20.77 -14.26 37.81
C TRP B 209 21.21 -15.68 37.58
N ALA B 210 22.26 -16.09 38.28
CA ALA B 210 22.73 -17.46 38.21
C ALA B 210 21.63 -18.42 38.65
N VAL B 211 21.57 -19.58 38.01
CA VAL B 211 20.68 -20.64 38.44
C VAL B 211 20.99 -20.96 39.91
N GLY B 212 22.28 -20.91 40.25
CA GLY B 212 22.74 -21.11 41.61
C GLY B 212 22.22 -20.10 42.62
N ASP B 213 21.97 -18.86 42.20
CA ASP B 213 21.39 -17.86 43.10
C ASP B 213 20.00 -18.34 43.53
N LEU B 214 19.24 -18.83 42.55
CA LEU B 214 17.91 -19.41 42.81
C LEU B 214 17.96 -20.69 43.65
N VAL B 215 18.80 -21.62 43.22
CA VAL B 215 18.99 -22.89 43.93
C VAL B 215 19.13 -22.68 45.43
N GLN B 216 19.86 -21.62 45.79
CA GLN B 216 20.10 -21.29 47.19
C GLN B 216 18.79 -20.96 47.92
N VAL B 217 17.93 -20.17 47.28
CA VAL B 217 16.61 -19.87 47.85
C VAL B 217 15.73 -21.10 47.73
N VAL B 218 15.85 -21.80 46.61
CA VAL B 218 15.10 -23.02 46.34
C VAL B 218 15.31 -24.11 47.39
N ASN B 219 16.53 -24.23 47.90
CA ASN B 219 16.90 -25.22 48.91
C ASN B 219 16.59 -24.77 50.35
N SER B 220 16.41 -23.47 50.55
CA SER B 220 16.32 -22.90 51.90
C SER B 220 14.94 -23.02 52.56
N ILE B 221 13.92 -23.35 51.78
CA ILE B 221 12.52 -23.29 52.24
C ILE B 221 12.23 -24.33 53.29
N SER B 222 11.28 -24.01 54.17
CA SER B 222 10.93 -24.88 55.30
C SER B 222 9.86 -25.91 54.91
N ASP B 223 9.94 -27.09 55.52
CA ASP B 223 8.99 -28.16 55.24
C ASP B 223 7.57 -27.68 55.59
N GLY B 224 7.46 -26.97 56.71
CA GLY B 224 6.21 -26.32 57.10
C GLY B 224 5.59 -25.53 55.97
N ASP B 225 6.42 -24.76 55.27
CA ASP B 225 5.96 -24.00 54.11
C ASP B 225 5.75 -24.87 52.87
N VAL B 226 6.49 -25.97 52.77
CA VAL B 226 6.34 -26.91 51.66
C VAL B 226 5.03 -27.70 51.75
N ASN B 227 4.84 -28.45 52.83
CA ASN B 227 3.62 -29.24 53.01
C ASN B 227 2.34 -28.40 53.05
N ALA B 228 2.45 -27.15 53.48
CA ALA B 228 1.34 -26.20 53.36
C ALA B 228 0.90 -26.06 51.91
N LEU B 229 1.85 -25.73 51.05
CA LEU B 229 1.61 -25.61 49.61
C LEU B 229 1.17 -26.93 48.97
N VAL B 230 1.63 -28.06 49.53
CA VAL B 230 1.22 -29.39 49.07
C VAL B 230 -0.27 -29.60 49.30
N ASP B 231 -0.80 -28.99 50.36
CA ASP B 231 -2.23 -29.07 50.65
C ASP B 231 -3.06 -28.30 49.61
N GLU B 232 -2.60 -27.12 49.23
CA GLU B 232 -3.30 -26.29 48.23
C GLU B 232 -3.43 -26.96 46.84
N TYR B 233 -2.53 -27.90 46.56
CA TYR B 233 -2.65 -28.74 45.36
C TYR B 233 -3.84 -29.68 45.49
N GLU B 234 -3.80 -30.55 46.49
CA GLU B 234 -4.86 -31.54 46.71
C GLU B 234 -6.24 -30.88 46.77
N SER B 235 -6.29 -29.66 47.32
CA SER B 235 -7.51 -28.86 47.33
C SER B 235 -7.95 -28.49 45.92
N CYS B 236 -7.04 -27.89 45.16
CA CYS B 236 -7.35 -27.30 43.85
C CYS B 236 -7.51 -28.31 42.72
N TYR B 237 -6.69 -29.36 42.73
CA TYR B 237 -6.47 -30.18 41.54
C TYR B 237 -6.77 -31.65 41.76
N THR B 238 -7.15 -32.33 40.68
CA THR B 238 -7.30 -33.78 40.69
C THR B 238 -5.91 -34.41 40.76
N MET B 239 -5.68 -35.20 41.81
CA MET B 239 -4.40 -35.85 41.99
C MET B 239 -4.50 -37.24 41.36
N THR B 240 -3.67 -37.50 40.35
CA THR B 240 -3.65 -38.83 39.72
C THR B 240 -2.99 -39.81 40.68
N PRO B 241 -3.35 -41.09 40.60
CA PRO B 241 -2.87 -42.06 41.59
C PRO B 241 -1.38 -41.94 41.89
N ALA B 242 -0.57 -41.88 40.84
CA ALA B 242 0.88 -41.68 40.96
C ALA B 242 1.27 -40.51 41.88
N THR B 243 0.42 -39.50 41.94
CA THR B 243 0.67 -38.25 42.70
C THR B 243 0.30 -38.35 44.18
N GLN B 244 -0.57 -39.30 44.53
CA GLN B 244 -1.06 -39.44 45.91
C GLN B 244 0.01 -39.89 46.89
N ILE B 245 -0.21 -39.55 48.17
CA ILE B 245 0.63 -39.96 49.34
C ILE B 245 1.54 -41.19 49.20
N HIS B 246 0.95 -42.36 48.96
CA HIS B 246 1.73 -43.61 48.85
C HIS B 246 2.11 -43.91 47.40
N GLY B 247 1.73 -43.03 46.48
CA GLY B 247 2.11 -43.12 45.06
C GLY B 247 3.61 -43.11 44.94
N GLU B 248 4.13 -43.89 43.98
CA GLU B 248 5.57 -44.00 43.76
C GLU B 248 6.23 -42.68 43.35
N LYS B 249 5.45 -41.71 42.92
CA LYS B 249 5.97 -40.39 42.58
C LYS B 249 5.36 -39.26 43.44
N ARG B 250 5.19 -39.52 44.74
CA ARG B 250 4.78 -38.46 45.67
C ARG B 250 5.94 -37.50 45.94
N GLN B 251 7.10 -38.08 46.26
CA GLN B 251 8.32 -37.30 46.51
C GLN B 251 8.56 -36.22 45.44
N ASN B 252 8.15 -36.49 44.20
CA ASN B 252 8.31 -35.51 43.12
C ASN B 252 7.36 -34.31 43.25
N VAL B 253 6.27 -34.47 44.00
CA VAL B 253 5.31 -33.38 44.27
C VAL B 253 5.86 -32.45 45.33
N LEU B 254 6.66 -33.01 46.25
CA LEU B 254 7.35 -32.21 47.24
C LEU B 254 8.36 -31.27 46.57
N GLU B 255 9.16 -31.80 45.65
CA GLU B 255 10.18 -31.03 44.94
C GLU B 255 9.56 -29.96 44.05
N ALA B 256 8.40 -30.26 43.48
CA ALA B 256 7.66 -29.26 42.70
C ALA B 256 7.28 -28.07 43.57
N ALA B 257 6.71 -28.37 44.74
CA ALA B 257 6.23 -27.38 45.70
C ALA B 257 7.31 -26.40 46.12
N ARG B 258 8.48 -26.94 46.47
CA ARG B 258 9.58 -26.12 46.92
C ARG B 258 10.09 -25.22 45.79
N ILE B 259 10.24 -25.80 44.60
CA ILE B 259 10.64 -25.01 43.45
C ILE B 259 9.62 -23.89 43.21
N GLU B 260 8.34 -24.13 43.53
CA GLU B 260 7.33 -23.04 43.44
C GLU B 260 7.58 -21.98 44.50
N LEU B 261 7.74 -22.41 45.75
CA LEU B 261 7.99 -21.47 46.85
C LEU B 261 9.27 -20.70 46.61
N GLY B 262 10.32 -21.45 46.28
CA GLY B 262 11.65 -20.88 46.00
C GLY B 262 11.66 -19.83 44.90
N MET B 263 10.99 -20.14 43.79
CA MET B 263 10.90 -19.20 42.68
C MET B 263 10.05 -18.00 43.07
N LYS B 264 9.01 -18.22 43.88
CA LYS B 264 8.11 -17.13 44.26
C LYS B 264 8.78 -16.15 45.21
N ARG B 265 9.63 -16.66 46.11
CA ARG B 265 10.30 -15.80 47.09
C ARG B 265 11.42 -15.00 46.43
N PHE B 266 12.15 -15.66 45.55
CA PHE B 266 13.19 -15.01 44.77
C PHE B 266 12.60 -13.92 43.90
N LEU B 267 11.44 -14.19 43.31
CA LEU B 267 10.81 -13.27 42.38
C LEU B 267 10.16 -12.05 43.06
N GLU B 268 9.63 -12.26 44.27
CA GLU B 268 9.06 -11.16 45.07
C GLU B 268 10.14 -10.28 45.70
N GLN B 269 11.20 -10.90 46.18
CA GLN B 269 12.31 -10.17 46.81
C GLN B 269 13.17 -9.44 45.79
N GLY B 270 13.16 -9.95 44.55
CA GLY B 270 13.84 -9.26 43.46
C GLY B 270 13.01 -8.14 42.87
N GLY B 271 11.71 -8.14 43.14
CA GLY B 271 10.78 -7.18 42.57
C GLY B 271 10.52 -7.42 41.09
N PHE B 272 10.42 -8.69 40.71
CA PHE B 272 10.26 -9.06 39.31
C PHE B 272 8.79 -9.22 38.91
N HIS B 273 8.56 -9.25 37.59
CA HIS B 273 7.23 -9.47 37.01
C HIS B 273 7.24 -10.54 35.92
N ALA B 274 8.41 -11.09 35.63
CA ALA B 274 8.55 -12.09 34.56
C ALA B 274 9.87 -12.83 34.73
N PHE B 275 9.99 -13.97 34.05
CA PHE B 275 11.20 -14.79 34.16
C PHE B 275 11.32 -15.87 33.10
N THR B 276 12.56 -16.32 32.89
CA THR B 276 12.86 -17.45 32.00
C THR B 276 13.67 -18.55 32.71
N THR B 277 13.69 -19.72 32.08
CA THR B 277 14.48 -20.86 32.53
C THR B 277 15.13 -21.42 31.29
N THR B 278 16.14 -22.28 31.48
CA THR B 278 16.72 -23.01 30.36
C THR B 278 17.06 -24.39 30.84
N PHE B 279 16.56 -25.38 30.13
CA PHE B 279 16.75 -26.78 30.51
C PHE B 279 18.22 -27.21 30.39
N GLU B 280 19.03 -26.39 29.73
CA GLU B 280 20.45 -26.64 29.56
C GLU B 280 21.28 -26.15 30.76
N ASP B 281 20.60 -25.74 31.82
CA ASP B 281 21.27 -25.21 33.01
C ASP B 281 20.32 -25.30 34.19
N LEU B 282 20.19 -26.52 34.74
CA LEU B 282 19.34 -26.79 35.89
C LEU B 282 20.17 -27.42 37.00
N HIS B 283 21.39 -26.91 37.15
CA HIS B 283 22.32 -27.40 38.17
C HIS B 283 21.85 -26.99 39.56
N GLY B 284 21.50 -28.00 40.36
CA GLY B 284 21.07 -27.80 41.75
C GLY B 284 19.56 -27.86 41.94
N LEU B 285 18.81 -27.84 40.84
CA LEU B 285 17.36 -28.07 40.89
C LEU B 285 17.06 -29.55 40.70
N LYS B 286 16.07 -30.05 41.44
CA LYS B 286 15.72 -31.47 41.40
C LYS B 286 15.01 -31.84 40.08
N GLN B 287 14.20 -30.92 39.57
CA GLN B 287 13.42 -31.11 38.34
C GLN B 287 13.13 -29.77 37.67
N LEU B 288 13.02 -29.78 36.34
CA LEU B 288 12.68 -28.56 35.59
C LEU B 288 11.36 -27.99 36.13
N PRO B 289 11.36 -26.70 36.53
CA PRO B 289 10.16 -26.06 37.06
C PRO B 289 8.98 -26.15 36.10
N GLY B 290 7.98 -26.96 36.45
CA GLY B 290 6.77 -27.09 35.63
C GLY B 290 5.58 -26.50 36.37
N LEU B 291 5.02 -27.31 37.26
CA LEU B 291 3.94 -26.91 38.17
C LEU B 291 4.12 -25.47 38.67
N ALA B 292 5.32 -25.16 39.16
CA ALA B 292 5.62 -23.86 39.72
C ALA B 292 5.47 -22.74 38.71
N VAL B 293 6.09 -22.91 37.53
CA VAL B 293 5.98 -21.95 36.41
C VAL B 293 4.53 -21.78 35.94
N GLN B 294 3.77 -22.88 35.93
CA GLN B 294 2.36 -22.83 35.54
C GLN B 294 1.55 -21.96 36.51
N ARG B 295 1.77 -22.13 37.81
CA ARG B 295 1.00 -21.41 38.82
C ARG B 295 1.46 -19.96 38.98
N LEU B 296 2.76 -19.72 38.81
CA LEU B 296 3.28 -18.35 38.83
C LEU B 296 2.72 -17.58 37.64
N MET B 297 2.48 -18.26 36.52
CA MET B 297 1.81 -17.62 35.36
C MET B 297 0.34 -17.31 35.67
N GLN B 298 -0.30 -18.16 36.45
CA GLN B 298 -1.67 -17.94 36.87
C GLN B 298 -1.73 -16.78 37.87
N GLN B 299 -0.69 -16.70 38.69
CA GLN B 299 -0.63 -15.68 39.72
C GLN B 299 -0.28 -14.32 39.11
N GLY B 300 0.30 -14.33 37.91
CA GLY B 300 0.47 -13.11 37.11
C GLY B 300 1.77 -12.95 36.34
N TYR B 301 2.81 -13.68 36.72
CA TYR B 301 4.13 -13.44 36.13
C TYR B 301 4.17 -13.84 34.67
N GLY B 302 4.94 -13.08 33.90
CA GLY B 302 5.26 -13.45 32.53
C GLY B 302 6.27 -14.56 32.57
N PHE B 303 6.20 -15.45 31.58
CA PHE B 303 7.17 -16.53 31.47
C PHE B 303 7.32 -16.93 30.02
N ALA B 304 8.53 -17.36 29.68
CA ALA B 304 8.75 -18.13 28.46
C ALA B 304 9.88 -19.15 28.65
N GLY B 305 9.79 -20.22 27.89
CA GLY B 305 10.75 -21.30 27.98
C GLY B 305 12.10 -20.91 27.43
N GLU B 306 13.08 -21.78 27.68
CA GLU B 306 14.42 -21.68 27.11
C GLU B 306 14.94 -20.25 26.84
N GLY B 307 15.02 -19.46 27.90
CA GLY B 307 15.70 -18.14 27.89
C GLY B 307 15.02 -16.99 27.17
N ASP B 308 13.78 -17.21 26.73
CA ASP B 308 13.10 -16.33 25.77
C ASP B 308 12.50 -15.09 26.44
N TRP B 309 13.34 -14.08 26.64
CA TRP B 309 12.92 -12.90 27.39
C TRP B 309 11.80 -12.07 26.73
N LYS B 310 11.82 -11.95 25.40
CA LYS B 310 10.83 -11.14 24.67
C LYS B 310 9.40 -11.65 24.90
N THR B 311 9.24 -12.96 24.75
CA THR B 311 7.94 -13.60 24.86
C THR B 311 7.46 -13.66 26.30
N ALA B 312 8.42 -13.80 27.22
CA ALA B 312 8.14 -13.78 28.65
C ALA B 312 7.68 -12.40 29.06
N ALA B 313 8.47 -11.40 28.66
CA ALA B 313 8.07 -10.01 28.82
C ALA B 313 6.67 -9.80 28.26
N LEU B 314 6.49 -10.07 26.96
CA LEU B 314 5.19 -9.93 26.31
C LEU B 314 4.04 -10.53 27.14
N LEU B 315 4.18 -11.79 27.55
CA LEU B 315 3.13 -12.42 28.35
C LEU B 315 2.69 -11.52 29.49
N ARG B 316 3.66 -11.04 30.26
CA ARG B 316 3.37 -10.18 31.42
C ARG B 316 2.64 -8.92 30.98
N ILE B 317 3.03 -8.36 29.84
CA ILE B 317 2.39 -7.15 29.35
C ILE B 317 0.93 -7.45 28.99
N MET B 318 0.68 -8.62 28.39
CA MET B 318 -0.66 -8.96 27.89
C MET B 318 -1.57 -9.43 29.03
N LYS B 319 -0.98 -10.05 30.05
CA LYS B 319 -1.70 -10.36 31.30
C LYS B 319 -2.16 -9.06 31.98
N VAL B 320 -1.21 -8.22 32.35
CA VAL B 320 -1.52 -6.92 32.93
C VAL B 320 -2.61 -6.26 32.09
N MET B 321 -2.31 -6.07 30.81
CA MET B 321 -3.24 -5.46 29.85
C MET B 321 -4.63 -6.08 29.95
N SER B 322 -4.71 -7.38 30.23
CA SER B 322 -5.96 -8.09 30.22
C SER B 322 -6.77 -7.91 31.49
N THR B 323 -6.15 -7.38 32.54
CA THR B 323 -6.90 -7.15 33.79
C THR B 323 -8.37 -6.83 33.52
N GLY B 324 -9.29 -7.46 34.23
CA GLY B 324 -10.71 -7.06 34.16
C GLY B 324 -11.49 -7.61 32.96
N LEU B 325 -10.92 -8.66 32.35
CA LEU B 325 -11.35 -9.12 31.03
C LEU B 325 -11.61 -10.60 31.01
N GLN B 326 -12.38 -11.01 30.02
CA GLN B 326 -12.92 -12.36 29.99
C GLN B 326 -11.93 -13.28 29.33
N GLY B 327 -10.98 -13.77 30.10
CA GLY B 327 -10.18 -14.86 29.64
C GLY B 327 -8.80 -15.04 30.25
N GLY B 328 -7.84 -15.11 29.35
CA GLY B 328 -6.86 -16.17 29.44
C GLY B 328 -5.42 -15.75 29.48
N THR B 329 -4.81 -15.69 28.30
CA THR B 329 -3.42 -15.22 28.18
C THR B 329 -2.43 -16.22 28.81
N SER B 330 -1.68 -16.88 27.93
CA SER B 330 -0.75 -17.93 28.29
C SER B 330 0.39 -18.00 27.29
N PHE B 331 1.57 -18.37 27.78
CA PHE B 331 2.66 -18.85 26.94
C PHE B 331 2.24 -20.13 26.17
N MET B 332 2.80 -20.31 24.96
CA MET B 332 2.27 -21.29 24.00
C MET B 332 3.24 -21.61 22.86
N GLU B 333 3.52 -22.90 22.64
CA GLU B 333 4.28 -23.35 21.46
C GLU B 333 3.36 -24.12 20.52
N ASP B 334 3.48 -23.83 19.22
CA ASP B 334 2.71 -24.54 18.20
C ASP B 334 3.31 -25.93 18.03
N TYR B 335 2.70 -26.93 18.67
CA TYR B 335 3.38 -28.19 18.92
C TYR B 335 3.16 -29.27 17.85
N THR B 336 1.97 -29.34 17.28
CA THR B 336 1.69 -30.36 16.25
C THR B 336 0.41 -30.12 15.46
N TYR B 337 0.40 -30.63 14.22
CA TYR B 337 -0.74 -30.40 13.29
C TYR B 337 -1.64 -31.60 13.07
N HIS B 338 -2.90 -31.31 12.76
CA HIS B 338 -3.82 -32.28 12.23
C HIS B 338 -4.27 -31.79 10.84
N PHE B 339 -4.02 -32.60 9.81
CA PHE B 339 -4.37 -32.23 8.44
C PHE B 339 -5.59 -33.02 7.98
N GLU B 340 -6.58 -32.33 7.41
CA GLU B 340 -7.79 -32.97 6.87
C GLU B 340 -8.61 -31.96 6.08
N LYS B 341 -9.01 -32.32 4.86
CA LYS B 341 -9.93 -31.49 4.08
C LYS B 341 -10.98 -30.93 5.02
N GLY B 342 -11.00 -29.61 5.16
CA GLY B 342 -11.99 -28.92 5.98
C GLY B 342 -11.64 -28.78 7.44
N ASN B 343 -10.74 -29.61 7.95
CA ASN B 343 -10.51 -29.68 9.38
C ASN B 343 -9.04 -29.65 9.77
N ASP B 344 -8.27 -28.77 9.13
CA ASP B 344 -6.86 -28.59 9.47
C ASP B 344 -6.75 -27.92 10.83
N LEU B 345 -5.88 -28.43 11.70
CA LEU B 345 -5.78 -27.90 13.06
C LEU B 345 -4.34 -27.73 13.57
N VAL B 346 -4.20 -26.87 14.57
CA VAL B 346 -2.97 -26.77 15.35
C VAL B 346 -3.27 -27.25 16.78
N LEU B 347 -2.31 -27.93 17.40
CA LEU B 347 -2.36 -28.18 18.83
C LEU B 347 -1.18 -27.48 19.48
N GLY B 348 -1.47 -26.63 20.47
CA GLY B 348 -0.44 -25.88 21.18
C GLY B 348 -0.11 -26.49 22.53
N SER B 349 1.12 -26.20 23.01
CA SER B 349 1.64 -26.66 24.32
C SER B 349 3.12 -26.28 24.46
N HIS B 350 3.75 -26.72 25.54
CA HIS B 350 5.21 -26.74 25.67
C HIS B 350 5.53 -28.09 26.37
N MET B 351 6.78 -28.29 26.78
CA MET B 351 7.16 -29.46 27.60
C MET B 351 6.27 -29.59 28.84
N LEU B 352 5.98 -28.45 29.46
CA LEU B 352 5.30 -28.37 30.76
C LEU B 352 4.50 -27.07 30.97
N GLU B 353 5.11 -25.95 30.59
CA GLU B 353 4.70 -24.62 31.08
C GLU B 353 3.48 -24.00 30.38
N VAL B 354 2.31 -24.55 30.61
CA VAL B 354 1.06 -24.02 30.03
C VAL B 354 0.19 -23.47 31.15
N CYS B 355 -0.18 -22.20 31.05
CA CYS B 355 -0.83 -21.50 32.16
C CYS B 355 -2.29 -21.92 32.34
N PRO B 356 -2.68 -22.27 33.57
CA PRO B 356 -4.05 -22.74 33.80
C PRO B 356 -5.14 -21.66 33.79
N SER B 357 -4.83 -20.45 33.32
CA SER B 357 -5.83 -19.39 33.22
C SER B 357 -6.76 -19.54 32.00
N ILE B 358 -6.33 -20.33 31.00
CA ILE B 358 -7.17 -20.59 29.82
C ILE B 358 -7.88 -21.94 29.85
N ALA B 359 -7.83 -22.63 31.00
CA ALA B 359 -8.47 -23.94 31.18
C ALA B 359 -9.96 -23.80 31.51
N VAL B 360 -10.69 -24.93 31.51
CA VAL B 360 -12.15 -24.94 31.70
C VAL B 360 -12.61 -25.89 32.80
N GLU B 361 -11.68 -26.42 33.58
CA GLU B 361 -11.99 -27.63 34.35
C GLU B 361 -11.21 -27.72 35.66
N GLU B 362 -11.48 -28.78 36.42
CA GLU B 362 -10.63 -29.14 37.56
C GLU B 362 -9.54 -30.12 37.11
N LYS B 363 -8.30 -29.73 37.41
CA LYS B 363 -7.16 -29.95 36.53
C LYS B 363 -6.17 -30.96 37.11
N PRO B 364 -6.01 -32.14 36.48
CA PRO B 364 -5.05 -33.15 36.98
C PRO B 364 -3.57 -32.75 37.07
N ILE B 365 -2.91 -33.25 38.12
CA ILE B 365 -1.55 -32.86 38.51
C ILE B 365 -0.58 -34.06 38.37
N LEU B 366 -0.81 -34.88 37.36
CA LEU B 366 -0.03 -36.10 37.13
C LEU B 366 1.45 -35.81 36.89
N ASP B 367 2.25 -36.87 37.02
CA ASP B 367 3.63 -36.88 36.55
C ASP B 367 3.71 -37.50 35.17
N VAL B 368 3.41 -38.81 35.03
CA VAL B 368 3.73 -39.58 33.80
C VAL B 368 4.91 -38.83 33.19
N GLN B 369 5.97 -38.77 33.97
CA GLN B 369 6.81 -37.61 33.97
C GLN B 369 8.18 -37.74 33.31
N HIS B 370 8.37 -38.67 32.39
CA HIS B 370 9.69 -38.71 31.74
C HIS B 370 9.88 -37.43 30.91
N LEU B 371 10.83 -36.62 31.36
CA LEU B 371 11.39 -35.60 30.54
C LEU B 371 12.86 -35.94 30.37
N GLY B 372 13.16 -36.68 29.31
CA GLY B 372 14.55 -36.89 28.90
C GLY B 372 15.24 -35.55 28.81
N ILE B 373 14.64 -34.62 28.05
CA ILE B 373 15.10 -33.22 27.99
C ILE B 373 15.34 -32.66 29.39
N GLY B 374 16.39 -31.84 29.53
CA GLY B 374 16.83 -31.33 30.83
C GLY B 374 17.66 -32.32 31.65
N GLY B 375 17.30 -33.61 31.59
CA GLY B 375 18.06 -34.68 32.25
C GLY B 375 17.85 -34.76 33.76
N LYS B 376 16.66 -34.35 34.21
CA LYS B 376 16.36 -34.26 35.65
C LYS B 376 15.23 -35.22 36.09
N ASP B 377 14.75 -35.04 37.31
CA ASP B 377 13.66 -35.84 37.86
C ASP B 377 12.34 -35.63 37.12
N ASP B 378 11.58 -36.71 37.04
CA ASP B 378 10.19 -36.65 36.63
C ASP B 378 9.48 -35.45 37.27
N PRO B 379 9.08 -34.44 36.45
CA PRO B 379 8.43 -33.25 37.01
C PRO B 379 6.91 -33.28 37.15
N ALA B 380 6.39 -32.52 38.12
CA ALA B 380 4.96 -32.27 38.31
C ALA B 380 4.46 -31.29 37.27
N ARG B 381 3.26 -31.54 36.73
CA ARG B 381 2.67 -30.62 35.76
C ARG B 381 1.14 -30.71 35.77
N LEU B 382 0.48 -29.58 35.54
CA LEU B 382 -0.97 -29.55 35.41
C LEU B 382 -1.36 -29.85 33.97
N ILE B 383 -2.30 -30.80 33.82
CA ILE B 383 -2.81 -31.24 32.53
C ILE B 383 -4.24 -30.72 32.37
N PHE B 384 -4.51 -30.02 31.27
CA PHE B 384 -5.85 -29.45 31.02
C PHE B 384 -6.17 -29.17 29.54
N ASN B 385 -7.44 -28.87 29.29
CA ASN B 385 -7.94 -28.46 27.99
C ASN B 385 -8.23 -26.97 27.99
N THR B 386 -8.09 -26.34 26.82
CA THR B 386 -8.30 -24.90 26.67
C THR B 386 -9.75 -24.58 26.28
N GLN B 387 -10.28 -23.48 26.82
CA GLN B 387 -11.62 -22.99 26.45
C GLN B 387 -11.76 -22.71 24.95
N THR B 388 -13.00 -22.88 24.49
CA THR B 388 -13.36 -22.72 23.08
C THR B 388 -13.49 -21.24 22.70
N GLY B 389 -13.57 -20.96 21.40
CA GLY B 389 -13.92 -19.63 20.91
C GLY B 389 -12.79 -18.84 20.28
N PRO B 390 -13.03 -17.56 19.97
CA PRO B 390 -12.04 -16.81 19.20
C PRO B 390 -10.89 -16.27 20.05
N ALA B 391 -9.66 -16.69 19.77
CA ALA B 391 -8.50 -16.14 20.48
C ALA B 391 -7.49 -15.49 19.52
N ILE B 392 -6.37 -15.04 20.08
CA ILE B 392 -5.20 -14.61 19.30
C ILE B 392 -3.91 -15.23 19.82
N VAL B 393 -2.90 -15.25 18.96
CA VAL B 393 -1.54 -15.62 19.35
C VAL B 393 -0.60 -14.55 18.84
N ALA B 394 0.16 -13.98 19.76
CA ALA B 394 1.01 -12.84 19.45
C ALA B 394 2.46 -13.26 19.57
N SER B 395 3.27 -12.88 18.58
CA SER B 395 4.71 -13.05 18.64
C SER B 395 5.43 -11.72 18.37
N LEU B 396 6.23 -11.29 19.33
CA LEU B 396 7.11 -10.15 19.15
C LEU B 396 8.50 -10.63 18.77
N ILE B 397 8.95 -10.25 17.58
CA ILE B 397 10.26 -10.65 17.07
C ILE B 397 11.14 -9.42 16.87
N ASP B 398 12.45 -9.61 16.91
CA ASP B 398 13.41 -8.51 16.70
C ASP B 398 14.04 -8.69 15.34
N LEU B 399 13.71 -7.80 14.41
CA LEU B 399 14.28 -7.84 13.07
C LEU B 399 15.68 -7.21 13.04
N GLY B 400 16.16 -6.81 14.22
CA GLY B 400 17.55 -6.41 14.40
C GLY B 400 17.70 -4.91 14.37
N ASP B 401 17.13 -4.31 13.34
CA ASP B 401 17.02 -2.85 13.24
C ASP B 401 15.69 -2.35 13.82
N ARG B 402 14.72 -3.26 14.00
CA ARG B 402 13.43 -2.91 14.58
C ARG B 402 12.63 -4.15 14.99
N TYR B 403 11.50 -3.93 15.66
CA TYR B 403 10.65 -5.01 16.11
C TYR B 403 9.41 -5.08 15.24
N ARG B 404 8.86 -6.28 15.13
CA ARG B 404 7.63 -6.53 14.42
C ARG B 404 6.80 -7.38 15.33
N LEU B 405 5.51 -7.08 15.38
CA LEU B 405 4.56 -7.81 16.19
C LEU B 405 3.60 -8.53 15.26
N LEU B 406 3.57 -9.86 15.32
CA LEU B 406 2.68 -10.64 14.47
C LEU B 406 1.51 -11.07 15.31
N VAL B 407 0.30 -10.96 14.76
CA VAL B 407 -0.90 -11.49 15.42
C VAL B 407 -1.70 -12.39 14.47
N ASN B 408 -2.10 -13.54 14.95
CA ASN B 408 -2.88 -14.46 14.15
C ASN B 408 -4.21 -14.74 14.87
N CYS B 409 -5.31 -14.28 14.30
CA CYS B 409 -6.62 -14.52 14.91
C CYS B 409 -6.94 -16.00 14.77
N ILE B 410 -7.35 -16.62 15.87
CA ILE B 410 -7.56 -18.05 15.86
C ILE B 410 -8.82 -18.42 16.60
N ASP B 411 -9.23 -19.67 16.46
CA ASP B 411 -10.47 -20.12 17.06
C ASP B 411 -10.23 -21.44 17.73
N THR B 412 -10.16 -21.45 19.06
CA THR B 412 -10.04 -22.70 19.79
C THR B 412 -11.31 -23.53 19.61
N VAL B 413 -11.12 -24.85 19.62
CA VAL B 413 -12.17 -25.81 19.36
C VAL B 413 -11.91 -27.05 20.19
N LYS B 414 -12.97 -27.81 20.47
CA LYS B 414 -12.83 -29.02 21.26
C LYS B 414 -12.13 -30.14 20.50
N THR B 415 -11.24 -30.85 21.19
CA THR B 415 -10.58 -32.01 20.62
C THR B 415 -11.65 -33.07 20.39
N PRO B 416 -11.73 -33.63 19.17
CA PRO B 416 -12.76 -34.62 18.85
C PRO B 416 -12.52 -35.98 19.52
N HIS B 417 -11.27 -36.40 19.54
CA HIS B 417 -10.84 -37.57 20.31
C HIS B 417 -9.85 -37.07 21.39
N SER B 418 -9.86 -37.74 22.54
CA SER B 418 -9.07 -37.30 23.70
C SER B 418 -7.62 -37.81 23.66
N LEU B 419 -6.78 -37.25 24.54
CA LEU B 419 -5.33 -37.45 24.51
C LEU B 419 -4.82 -38.15 25.77
N PRO B 420 -5.03 -39.47 25.86
CA PRO B 420 -4.73 -40.22 27.08
C PRO B 420 -3.25 -40.46 27.35
N LYS B 421 -2.41 -40.38 26.31
CA LYS B 421 -0.99 -40.59 26.49
C LYS B 421 -0.27 -39.28 26.70
N LEU B 422 -0.88 -38.20 26.23
CA LEU B 422 -0.24 -36.87 26.22
C LEU B 422 -0.30 -36.19 27.60
N PRO B 423 0.85 -36.13 28.31
CA PRO B 423 0.90 -35.72 29.70
C PRO B 423 1.07 -34.21 29.86
N VAL B 424 0.59 -33.45 28.87
CA VAL B 424 0.69 -32.01 28.88
C VAL B 424 -0.69 -31.40 28.61
N ALA B 425 -0.84 -30.14 28.96
CA ALA B 425 -2.08 -29.43 28.71
C ALA B 425 -2.16 -29.06 27.23
N ASN B 426 -3.35 -29.15 26.66
CA ASN B 426 -3.52 -28.84 25.25
C ASN B 426 -4.24 -27.52 25.01
N ALA B 427 -4.03 -26.99 23.82
CA ALA B 427 -4.90 -25.97 23.26
C ALA B 427 -5.01 -26.31 21.79
N LEU B 428 -6.22 -26.55 21.33
CA LEU B 428 -6.43 -26.93 19.94
C LEU B 428 -7.15 -25.83 19.21
N TRP B 429 -6.65 -25.40 18.05
CA TRP B 429 -7.26 -24.29 17.31
C TRP B 429 -7.14 -24.35 15.78
N LYS B 430 -8.09 -23.68 15.11
CA LYS B 430 -8.02 -23.41 13.67
C LYS B 430 -7.44 -22.02 13.47
N ALA B 431 -6.39 -21.93 12.66
CA ALA B 431 -5.73 -20.65 12.39
C ALA B 431 -6.33 -19.96 11.18
N GLN B 432 -7.06 -18.87 11.45
CA GLN B 432 -7.54 -17.94 10.40
C GLN B 432 -6.38 -17.55 9.49
N PRO B 433 -6.61 -17.55 8.17
CA PRO B 433 -7.81 -17.94 7.48
C PRO B 433 -7.87 -19.45 7.32
N ASP B 434 -6.71 -20.10 7.30
CA ASP B 434 -6.56 -21.55 7.14
C ASP B 434 -5.08 -21.93 7.27
N LEU B 435 -4.80 -23.06 7.92
CA LEU B 435 -3.43 -23.47 8.22
C LEU B 435 -2.43 -23.14 7.13
N PRO B 436 -2.60 -23.70 5.93
CA PRO B 436 -1.58 -23.50 4.92
C PRO B 436 -1.20 -22.02 4.72
N THR B 437 -2.21 -21.17 4.53
CA THR B 437 -1.99 -19.73 4.35
C THR B 437 -1.62 -19.02 5.66
N ALA B 438 -2.23 -19.43 6.77
CA ALA B 438 -1.93 -18.83 8.07
C ALA B 438 -0.50 -19.13 8.48
N SER B 439 -0.07 -20.35 8.21
CA SER B 439 1.28 -20.82 8.51
C SER B 439 2.26 -20.16 7.57
N GLU B 440 1.99 -20.23 6.27
CA GLU B 440 2.82 -19.57 5.27
C GLU B 440 3.16 -18.12 5.66
N ALA B 441 2.12 -17.32 5.89
CA ALA B 441 2.28 -15.89 6.15
C ALA B 441 3.08 -15.64 7.40
N TRP B 442 2.80 -16.42 8.44
CA TRP B 442 3.54 -16.31 9.68
C TRP B 442 5.00 -16.59 9.39
N ILE B 443 5.25 -17.70 8.71
CA ILE B 443 6.61 -18.10 8.36
C ILE B 443 7.28 -17.05 7.45
N LEU B 444 6.50 -16.50 6.52
CA LEU B 444 6.99 -15.51 5.59
C LEU B 444 7.49 -14.29 6.35
N ALA B 445 6.73 -13.91 7.38
CA ALA B 445 6.98 -12.71 8.16
C ALA B 445 7.80 -12.95 9.44
N GLY B 446 8.51 -14.06 9.50
CA GLY B 446 9.31 -14.41 10.67
C GLY B 446 8.35 -14.89 11.71
N GLY B 447 8.49 -14.45 12.95
CA GLY B 447 7.48 -14.83 13.93
C GLY B 447 7.84 -16.17 14.54
N ALA B 448 8.12 -16.13 15.84
CA ALA B 448 8.64 -17.26 16.60
C ALA B 448 7.66 -18.43 16.73
N HIS B 449 8.21 -19.59 17.06
CA HIS B 449 7.42 -20.74 17.55
C HIS B 449 6.83 -20.45 18.94
N HIS B 450 7.45 -19.52 19.65
CA HIS B 450 6.93 -19.03 20.94
C HIS B 450 5.91 -17.96 20.72
N THR B 451 4.76 -18.07 21.38
CA THR B 451 3.70 -17.08 21.29
C THR B 451 3.06 -16.82 22.65
N VAL B 452 2.25 -15.78 22.68
CA VAL B 452 1.34 -15.55 23.78
C VAL B 452 -0.05 -15.82 23.23
N PHE B 453 -0.71 -16.80 23.83
CA PHE B 453 -2.08 -17.13 23.51
C PHE B 453 -2.93 -16.21 24.38
N SER B 454 -4.12 -15.82 23.90
CA SER B 454 -5.08 -15.08 24.75
C SER B 454 -6.55 -15.10 24.30
N HIS B 455 -7.41 -15.48 25.24
CA HIS B 455 -8.86 -15.39 25.05
C HIS B 455 -9.42 -13.96 25.29
N ALA B 456 -8.76 -13.22 26.16
CA ALA B 456 -9.30 -11.96 26.71
C ALA B 456 -9.00 -10.72 25.86
N LEU B 457 -7.82 -10.66 25.26
CA LEU B 457 -7.45 -9.56 24.38
C LEU B 457 -7.68 -9.95 22.93
N ASN B 458 -7.80 -8.97 22.03
CA ASN B 458 -7.93 -9.24 20.58
C ASN B 458 -7.07 -8.34 19.68
N LEU B 459 -7.29 -8.47 18.38
CA LEU B 459 -6.50 -7.79 17.35
C LEU B 459 -6.55 -6.29 17.51
N ASN B 460 -7.74 -5.74 17.76
CA ASN B 460 -7.84 -4.29 17.89
C ASN B 460 -7.11 -3.78 19.13
N ASP B 461 -7.08 -4.63 20.16
CA ASP B 461 -6.30 -4.33 21.36
C ASP B 461 -4.84 -4.24 21.04
N MET B 462 -4.39 -5.16 20.19
CA MET B 462 -2.97 -5.27 19.85
C MET B 462 -2.56 -4.19 18.84
N ARG B 463 -3.50 -3.80 17.98
CA ARG B 463 -3.28 -2.72 17.02
C ARG B 463 -2.97 -1.37 17.70
N GLN B 464 -3.67 -1.11 18.81
CA GLN B 464 -3.43 0.09 19.63
C GLN B 464 -2.09 0.01 20.36
N PHE B 465 -1.73 -1.19 20.80
CA PHE B 465 -0.42 -1.45 21.39
C PHE B 465 0.69 -1.18 20.39
N ALA B 466 0.59 -1.82 19.23
CA ALA B 466 1.54 -1.57 18.14
C ALA B 466 1.62 -0.08 17.85
N GLU B 467 0.48 0.62 17.82
CA GLU B 467 0.48 2.08 17.63
C GLU B 467 1.21 2.78 18.78
N MET B 468 0.70 2.57 19.99
CA MET B 468 1.24 3.20 21.19
C MET B 468 2.76 3.08 21.27
N HIS B 469 3.32 2.00 20.73
CA HIS B 469 4.78 1.78 20.77
C HIS B 469 5.48 2.08 19.45
N ASP B 470 4.73 2.51 18.46
CA ASP B 470 5.26 2.69 17.12
C ASP B 470 6.06 1.47 16.61
N ILE B 471 5.38 0.33 16.45
CA ILE B 471 5.99 -0.81 15.77
C ILE B 471 5.06 -1.34 14.68
N GLU B 472 5.63 -2.07 13.74
CA GLU B 472 4.83 -2.77 12.73
C GLU B 472 3.94 -3.85 13.34
N ILE B 473 2.73 -3.95 12.84
CA ILE B 473 1.89 -5.07 13.13
C ILE B 473 1.64 -5.86 11.84
N THR B 474 1.92 -7.16 11.90
CA THR B 474 1.66 -8.03 10.79
C THR B 474 0.46 -8.85 11.22
N VAL B 475 -0.68 -8.58 10.59
CA VAL B 475 -1.95 -9.23 10.94
C VAL B 475 -2.22 -10.36 9.97
N ILE B 476 -2.73 -11.47 10.51
CA ILE B 476 -3.08 -12.69 9.79
C ILE B 476 -4.43 -13.25 10.30
N ASP B 477 -5.51 -12.86 9.63
CA ASP B 477 -6.87 -13.33 9.94
C ASP B 477 -7.51 -13.77 8.63
N ASN B 478 -8.86 -13.78 8.57
CA ASN B 478 -9.60 -14.18 7.35
C ASN B 478 -9.41 -13.29 6.13
N ASP B 479 -9.11 -12.02 6.36
CA ASP B 479 -8.94 -11.14 5.23
C ASP B 479 -7.60 -11.37 4.55
N THR B 480 -6.68 -12.06 5.24
CA THR B 480 -5.32 -12.24 4.73
C THR B 480 -5.26 -12.94 3.37
N ARG B 481 -4.52 -12.31 2.46
CA ARG B 481 -4.26 -12.82 1.12
C ARG B 481 -2.79 -12.49 0.76
N LEU B 482 -2.01 -13.54 0.55
CA LEU B 482 -0.54 -13.47 0.43
C LEU B 482 0.06 -12.42 -0.50
N PRO B 483 -0.52 -12.22 -1.69
CA PRO B 483 0.00 -11.11 -2.53
C PRO B 483 -0.06 -9.75 -1.82
N ALA B 484 -1.20 -9.43 -1.22
CA ALA B 484 -1.37 -8.18 -0.48
C ALA B 484 -0.52 -8.19 0.79
N PHE B 485 -0.56 -9.32 1.49
CA PHE B 485 0.22 -9.50 2.71
C PHE B 485 1.68 -9.23 2.44
N LYS B 486 2.20 -9.75 1.34
CA LYS B 486 3.61 -9.54 0.94
C LYS B 486 3.92 -8.09 0.62
N ASP B 487 3.08 -7.46 -0.20
CA ASP B 487 3.22 -6.04 -0.53
C ASP B 487 3.36 -5.19 0.73
N ALA B 488 2.48 -5.43 1.69
CA ALA B 488 2.49 -4.68 2.95
C ALA B 488 3.83 -4.84 3.64
N LEU B 489 4.29 -6.08 3.77
CA LEU B 489 5.64 -6.35 4.29
C LEU B 489 6.72 -5.45 3.70
N ARG B 490 6.81 -5.42 2.36
CA ARG B 490 7.72 -4.51 1.63
C ARG B 490 7.51 -3.00 1.95
N TRP B 491 6.27 -2.56 1.82
CA TRP B 491 5.95 -1.17 2.04
C TRP B 491 6.14 -0.75 3.49
N ASN B 492 5.89 -1.65 4.44
CA ASN B 492 6.15 -1.36 5.84
C ASN B 492 7.64 -1.35 6.14
N GLU B 493 8.38 -2.14 5.38
CA GLU B 493 9.82 -2.30 5.59
C GLU B 493 10.53 -0.97 5.32
N VAL B 494 10.13 -0.30 4.25
CA VAL B 494 10.74 0.97 3.91
C VAL B 494 10.32 1.98 4.95
N TYR B 495 9.07 1.90 5.39
CA TYR B 495 8.54 2.93 6.25
C TYR B 495 9.18 2.87 7.63
N TYR B 496 9.10 1.67 8.24
CA TYR B 496 9.70 1.44 9.54
C TYR B 496 11.22 1.32 9.47
N GLY B 497 11.78 1.28 8.26
CA GLY B 497 13.23 1.30 8.09
C GLY B 497 13.83 2.68 8.21
N PHE B 498 13.39 3.44 9.24
CA PHE B 498 14.04 4.70 9.68
C PHE B 498 13.83 4.88 11.19
N MET C 1 14.93 -36.00 -22.16
CA MET C 1 14.68 -35.08 -23.31
C MET C 1 14.78 -33.61 -22.85
N THR C 2 13.89 -33.21 -21.93
CA THR C 2 13.87 -31.82 -21.43
C THR C 2 15.22 -31.48 -20.80
N ILE C 3 15.56 -30.19 -20.79
CA ILE C 3 16.72 -29.72 -20.02
C ILE C 3 16.33 -29.40 -18.56
N PHE C 4 15.18 -29.93 -18.16
CA PHE C 4 14.78 -30.02 -16.76
C PHE C 4 15.40 -31.27 -16.13
N ASP C 5 15.53 -32.32 -16.92
CA ASP C 5 16.13 -33.57 -16.44
C ASP C 5 17.64 -33.47 -16.31
N ASN C 6 18.22 -32.39 -16.87
CA ASN C 6 19.62 -32.02 -16.65
C ASN C 6 19.85 -31.34 -15.30
N TYR C 7 18.79 -31.17 -14.51
CA TYR C 7 18.88 -30.52 -13.22
C TYR C 7 18.28 -31.38 -12.10
N GLU C 8 18.62 -31.05 -10.87
CA GLU C 8 18.26 -31.84 -9.70
C GLU C 8 17.92 -30.93 -8.53
N VAL C 9 16.95 -31.33 -7.73
CA VAL C 9 16.59 -30.55 -6.55
C VAL C 9 16.88 -31.31 -5.28
N TRP C 10 17.42 -30.61 -4.28
CA TRP C 10 17.90 -31.26 -3.08
C TRP C 10 16.84 -31.19 -2.00
N PHE C 11 16.70 -32.28 -1.25
CA PHE C 11 15.71 -32.35 -0.19
C PHE C 11 16.43 -32.40 1.16
N VAL C 12 16.83 -31.21 1.60
CA VAL C 12 17.62 -31.05 2.81
C VAL C 12 16.70 -31.10 4.02
N ILE C 13 17.10 -31.83 5.05
CA ILE C 13 16.26 -32.01 6.22
C ILE C 13 17.00 -31.60 7.49
N GLY C 14 16.33 -30.77 8.28
CA GLY C 14 16.93 -30.21 9.48
C GLY C 14 16.47 -30.92 10.73
N SER C 15 17.43 -31.30 11.58
CA SER C 15 17.13 -31.69 12.95
C SER C 15 18.23 -31.16 13.90
N GLN C 16 18.72 -32.01 14.81
CA GLN C 16 19.80 -31.64 15.73
C GLN C 16 20.36 -32.89 16.39
N HIS C 17 21.69 -33.02 16.46
CA HIS C 17 22.32 -34.29 16.90
C HIS C 17 21.83 -34.72 18.29
N LEU C 18 21.53 -33.72 19.12
CA LEU C 18 21.06 -33.90 20.51
C LEU C 18 20.02 -34.97 20.80
N TYR C 19 19.02 -35.12 19.94
CA TYR C 19 17.86 -35.99 20.22
C TYR C 19 18.19 -37.48 20.44
N GLY C 20 19.34 -37.91 19.92
CA GLY C 20 19.81 -39.27 20.09
C GLY C 20 19.86 -39.95 18.75
N PRO C 21 20.78 -40.91 18.58
CA PRO C 21 20.91 -41.66 17.32
C PRO C 21 19.58 -42.12 16.70
N GLU C 22 18.76 -42.84 17.47
CA GLU C 22 17.57 -43.52 16.94
C GLU C 22 16.47 -42.59 16.42
N THR C 23 16.39 -41.37 16.98
CA THR C 23 15.45 -40.38 16.49
C THR C 23 15.88 -39.92 15.08
N LEU C 24 17.19 -39.89 14.85
CA LEU C 24 17.74 -39.51 13.55
C LEU C 24 17.59 -40.65 12.52
N ARG C 25 17.57 -41.89 13.01
CA ARG C 25 17.27 -43.07 12.18
C ARG C 25 15.79 -43.09 11.75
N GLN C 26 14.93 -42.52 12.60
CA GLN C 26 13.50 -42.46 12.32
C GLN C 26 13.17 -41.39 11.29
N VAL C 27 13.76 -40.20 11.41
CA VAL C 27 13.52 -39.14 10.44
C VAL C 27 14.05 -39.55 9.06
N THR C 28 15.29 -40.02 9.02
CA THR C 28 15.92 -40.40 7.76
C THR C 28 15.04 -41.38 6.97
N GLN C 29 14.33 -42.26 7.68
CA GLN C 29 13.33 -43.14 7.05
C GLN C 29 12.16 -42.34 6.46
N HIS C 30 11.65 -41.37 7.23
CA HIS C 30 10.61 -40.45 6.75
C HIS C 30 11.08 -39.75 5.47
N ALA C 31 12.23 -39.10 5.53
CA ALA C 31 12.87 -38.55 4.34
C ALA C 31 12.83 -39.49 3.15
N GLU C 32 13.44 -40.66 3.29
CA GLU C 32 13.50 -41.66 2.22
C GLU C 32 12.13 -42.16 1.78
N HIS C 33 11.13 -42.03 2.64
CA HIS C 33 9.79 -42.38 2.24
C HIS C 33 9.22 -41.27 1.39
N VAL C 34 9.15 -40.08 1.95
CA VAL C 34 8.51 -38.96 1.28
C VAL C 34 9.20 -38.76 -0.05
N VAL C 35 10.48 -38.41 -0.02
CA VAL C 35 11.27 -38.20 -1.24
C VAL C 35 10.99 -39.25 -2.31
N ASN C 36 10.99 -40.51 -1.89
CA ASN C 36 10.81 -41.60 -2.82
C ASN C 36 9.43 -41.63 -3.44
N ALA C 37 8.42 -41.47 -2.59
CA ALA C 37 7.02 -41.39 -3.01
C ALA C 37 6.78 -40.19 -3.93
N LEU C 38 7.47 -39.09 -3.65
CA LEU C 38 7.30 -37.88 -4.44
C LEU C 38 7.96 -38.02 -5.82
N ASN C 39 9.12 -38.68 -5.87
CA ASN C 39 9.76 -38.96 -7.16
C ASN C 39 8.88 -39.93 -7.94
N THR C 40 8.50 -41.03 -7.29
CA THR C 40 7.57 -42.04 -7.85
C THR C 40 6.31 -41.39 -8.42
N GLU C 41 5.38 -40.99 -7.56
CA GLU C 41 4.16 -40.32 -7.98
C GLU C 41 4.47 -38.83 -8.06
N ALA C 42 3.45 -37.99 -7.97
CA ALA C 42 3.64 -36.54 -7.79
C ALA C 42 4.41 -35.85 -8.92
N LYS C 43 4.30 -36.37 -10.13
CA LYS C 43 5.07 -35.90 -11.31
C LYS C 43 5.50 -34.42 -11.26
N LEU C 44 6.69 -34.20 -10.72
CA LEU C 44 7.34 -32.89 -10.72
C LEU C 44 8.36 -32.82 -11.85
N PRO C 45 8.81 -31.61 -12.22
CA PRO C 45 9.84 -31.48 -13.24
C PRO C 45 11.28 -31.84 -12.80
N CYS C 46 11.41 -32.43 -11.61
CA CYS C 46 12.66 -33.06 -11.12
C CYS C 46 12.21 -33.88 -9.90
N LYS C 47 12.82 -35.00 -9.50
CA LYS C 47 14.27 -35.24 -9.33
C LYS C 47 14.69 -34.59 -7.99
N LEU C 48 14.23 -35.21 -6.89
CA LEU C 48 14.65 -34.88 -5.53
C LEU C 48 15.76 -35.81 -5.04
N VAL C 49 16.94 -35.24 -4.81
CA VAL C 49 18.04 -35.92 -4.14
C VAL C 49 17.95 -35.57 -2.66
N LEU C 50 17.95 -36.58 -1.81
CA LEU C 50 17.95 -36.38 -0.37
C LEU C 50 19.38 -36.28 0.17
N LYS C 51 19.66 -35.22 0.92
CA LYS C 51 20.99 -35.03 1.49
C LYS C 51 21.02 -35.54 2.90
N PRO C 52 22.23 -35.85 3.43
CA PRO C 52 22.35 -36.19 4.85
C PRO C 52 21.70 -35.15 5.73
N LEU C 53 21.18 -35.57 6.87
CA LEU C 53 20.55 -34.64 7.80
C LEU C 53 21.50 -33.51 8.18
N GLY C 54 20.97 -32.29 8.30
CA GLY C 54 21.75 -31.16 8.81
C GLY C 54 21.47 -30.94 10.29
N THR C 55 22.35 -31.48 11.13
CA THR C 55 22.13 -31.49 12.59
C THR C 55 23.14 -30.69 13.39
N THR C 56 24.06 -30.02 12.67
CA THR C 56 25.14 -29.28 13.29
C THR C 56 25.45 -28.11 12.36
N PRO C 57 26.07 -27.05 12.88
CA PRO C 57 26.41 -25.92 12.01
C PRO C 57 27.22 -26.30 10.77
N ASP C 58 28.03 -27.35 10.86
CA ASP C 58 29.01 -27.63 9.82
C ASP C 58 28.44 -28.48 8.73
N GLU C 59 27.68 -29.49 9.13
CA GLU C 59 26.92 -30.29 8.17
C GLU C 59 26.04 -29.40 7.31
N ILE C 60 25.47 -28.36 7.91
CA ILE C 60 24.60 -27.45 7.17
C ILE C 60 25.42 -26.54 6.27
N THR C 61 26.58 -26.13 6.76
CA THR C 61 27.41 -25.21 6.01
C THR C 61 27.94 -25.93 4.77
N ALA C 62 28.31 -27.19 4.93
CA ALA C 62 28.81 -28.00 3.84
C ALA C 62 27.73 -28.16 2.79
N ILE C 63 26.56 -28.62 3.23
CA ILE C 63 25.41 -28.80 2.35
C ILE C 63 25.21 -27.61 1.43
N CYS C 64 25.32 -26.40 1.97
CA CYS C 64 25.17 -25.17 1.20
C CYS C 64 26.34 -24.95 0.25
N ARG C 65 27.55 -25.18 0.75
CA ARG C 65 28.78 -25.11 -0.07
C ARG C 65 28.66 -26.12 -1.20
N ASP C 66 28.27 -27.34 -0.82
CA ASP C 66 28.04 -28.40 -1.77
C ASP C 66 26.94 -28.05 -2.77
N ALA C 67 25.88 -27.39 -2.30
CA ALA C 67 24.79 -26.97 -3.18
C ALA C 67 25.29 -25.98 -4.19
N ASN C 68 25.88 -24.88 -3.70
CA ASN C 68 26.50 -23.89 -4.57
C ASN C 68 27.29 -24.51 -5.70
N TYR C 69 27.99 -25.60 -5.38
CA TYR C 69 28.99 -26.18 -6.27
C TYR C 69 28.37 -26.98 -7.40
N ASP C 70 27.41 -27.81 -7.05
CA ASP C 70 26.85 -28.80 -7.95
C ASP C 70 26.10 -28.11 -9.10
N ASP C 71 26.62 -28.25 -10.33
CA ASP C 71 26.01 -27.59 -11.49
C ASP C 71 24.57 -28.00 -11.84
N PRO C 72 24.14 -29.22 -11.46
CA PRO C 72 22.74 -29.58 -11.60
C PRO C 72 21.88 -29.33 -10.36
N CYS C 73 22.41 -28.69 -9.32
CA CYS C 73 21.60 -28.36 -8.14
C CYS C 73 20.97 -26.99 -8.31
N ALA C 74 19.69 -26.99 -8.64
CA ALA C 74 18.95 -25.77 -8.95
C ALA C 74 18.24 -25.22 -7.72
N GLY C 75 18.03 -26.05 -6.71
CA GLY C 75 17.43 -25.56 -5.47
C GLY C 75 17.56 -26.51 -4.30
N LEU C 76 17.20 -26.00 -3.14
CA LEU C 76 17.01 -26.86 -1.97
C LEU C 76 15.60 -26.67 -1.47
N VAL C 77 15.01 -27.73 -0.92
CA VAL C 77 13.69 -27.64 -0.33
C VAL C 77 13.75 -28.31 1.04
N VAL C 78 13.93 -27.48 2.08
CA VAL C 78 14.20 -27.99 3.42
C VAL C 78 12.90 -28.33 4.12
N TRP C 79 12.91 -29.47 4.80
CA TRP C 79 11.81 -29.84 5.67
C TRP C 79 12.38 -29.97 7.06
N LEU C 80 11.86 -29.18 7.97
CA LEU C 80 12.32 -29.21 9.34
C LEU C 80 11.53 -30.26 10.09
N HIS C 81 11.97 -31.50 9.96
CA HIS C 81 11.33 -32.61 10.65
C HIS C 81 11.20 -32.37 12.15
N THR C 82 12.30 -31.90 12.76
CA THR C 82 12.36 -31.59 14.17
C THR C 82 12.83 -30.16 14.30
N PHE C 83 12.70 -29.60 15.50
CA PHE C 83 13.37 -28.33 15.84
C PHE C 83 14.85 -28.43 15.50
N SER C 84 15.36 -27.43 14.79
CA SER C 84 16.71 -27.47 14.26
C SER C 84 17.25 -26.06 14.27
N PRO C 85 17.84 -25.63 15.41
CA PRO C 85 18.12 -24.23 15.79
C PRO C 85 18.77 -23.39 14.70
N ALA C 86 18.22 -22.21 14.47
CA ALA C 86 18.54 -21.41 13.28
C ALA C 86 19.98 -20.89 13.19
N LYS C 87 20.62 -20.59 14.33
CA LYS C 87 22.03 -20.17 14.29
C LYS C 87 22.90 -21.21 13.55
N MET C 88 22.54 -22.49 13.60
CA MET C 88 23.24 -23.54 12.83
C MET C 88 23.26 -23.25 11.31
N TRP C 89 22.21 -22.59 10.81
CA TRP C 89 22.05 -22.37 9.36
C TRP C 89 22.67 -21.04 8.87
N ILE C 90 23.00 -20.16 9.81
CA ILE C 90 23.45 -18.82 9.48
C ILE C 90 24.63 -18.78 8.52
N ASN C 91 25.67 -19.54 8.84
CA ASN C 91 26.88 -19.52 8.04
C ASN C 91 26.64 -20.18 6.70
N GLY C 92 25.72 -21.14 6.68
CA GLY C 92 25.30 -21.80 5.46
C GLY C 92 24.43 -20.91 4.58
N LEU C 93 23.35 -20.37 5.14
CA LEU C 93 22.44 -19.46 4.40
C LEU C 93 23.14 -18.19 3.97
N THR C 94 24.28 -17.91 4.59
CA THR C 94 25.10 -16.80 4.20
C THR C 94 25.81 -17.06 2.87
N MET C 95 26.25 -18.30 2.62
CA MET C 95 27.00 -18.56 1.40
C MET C 95 26.06 -19.07 0.30
N LEU C 96 24.89 -19.60 0.69
CA LEU C 96 23.95 -20.21 -0.25
C LEU C 96 23.60 -19.24 -1.38
N ASN C 97 23.85 -19.67 -2.62
CA ASN C 97 23.48 -18.90 -3.83
C ASN C 97 22.50 -19.68 -4.72
N LYS C 98 21.73 -20.58 -4.12
CA LYS C 98 20.66 -21.28 -4.81
C LYS C 98 19.29 -21.12 -4.13
N PRO C 99 18.21 -21.07 -4.93
CA PRO C 99 16.83 -21.00 -4.44
C PRO C 99 16.52 -21.99 -3.31
N LEU C 100 15.76 -21.54 -2.32
CA LEU C 100 15.37 -22.37 -1.19
C LEU C 100 13.87 -22.23 -0.87
N LEU C 101 13.22 -23.38 -0.70
CA LEU C 101 11.81 -23.45 -0.35
C LEU C 101 11.61 -24.35 0.86
N GLN C 102 11.01 -23.83 1.92
CA GLN C 102 10.73 -24.67 3.08
C GLN C 102 9.41 -25.38 2.95
N PHE C 103 9.46 -26.69 2.83
CA PHE C 103 8.25 -27.48 2.82
C PHE C 103 7.81 -27.66 4.26
N HIS C 104 6.90 -26.82 4.70
CA HIS C 104 6.42 -26.90 6.07
C HIS C 104 5.42 -28.04 6.13
N THR C 105 5.93 -29.25 6.32
CA THR C 105 5.09 -30.45 6.25
C THR C 105 5.17 -31.35 7.49
N GLN C 106 4.79 -32.61 7.34
CA GLN C 106 4.64 -33.53 8.46
C GLN C 106 4.46 -34.96 7.93
N PHE C 107 5.12 -35.95 8.53
CA PHE C 107 5.00 -37.31 7.99
C PHE C 107 3.55 -37.79 8.06
N ASN C 108 2.97 -37.69 9.24
CA ASN C 108 1.55 -37.97 9.43
C ASN C 108 0.63 -36.80 9.04
N ALA C 109 -0.49 -37.12 8.41
CA ALA C 109 -1.56 -36.15 8.13
C ALA C 109 -2.77 -36.52 8.97
N ALA C 110 -2.61 -36.53 10.28
CA ALA C 110 -3.64 -37.05 11.18
C ALA C 110 -3.03 -37.09 12.56
N LEU C 111 -3.84 -36.82 13.56
CA LEU C 111 -3.34 -36.61 14.90
C LEU C 111 -3.65 -37.88 15.71
N PRO C 112 -2.63 -38.72 15.98
CA PRO C 112 -2.82 -39.89 16.80
C PRO C 112 -3.21 -39.47 18.24
N TRP C 113 -4.51 -39.13 18.37
CA TRP C 113 -5.05 -38.58 19.62
C TRP C 113 -4.85 -39.57 20.75
N ASP C 114 -5.34 -40.79 20.53
CA ASP C 114 -5.28 -41.85 21.52
C ASP C 114 -3.85 -42.34 21.80
N SER C 115 -2.88 -41.94 20.97
CA SER C 115 -1.52 -42.48 21.06
C SER C 115 -0.40 -41.47 21.30
N ILE C 116 -0.68 -40.18 21.27
CA ILE C 116 0.42 -39.24 21.28
C ILE C 116 1.08 -39.07 22.63
N ASP C 117 2.41 -39.16 22.63
CA ASP C 117 3.23 -38.90 23.80
C ASP C 117 4.34 -37.93 23.43
N MET C 118 5.06 -37.49 24.45
CA MET C 118 6.30 -36.72 24.29
C MET C 118 7.17 -37.30 23.18
N ASP C 119 7.45 -38.60 23.27
CA ASP C 119 8.10 -39.37 22.18
C ASP C 119 7.69 -38.81 20.82
N PHE C 120 6.41 -38.96 20.48
CA PHE C 120 5.89 -38.40 19.24
C PHE C 120 6.24 -36.90 19.07
N MET C 121 6.17 -36.14 20.16
CA MET C 121 6.48 -34.71 20.11
C MET C 121 7.96 -34.42 19.86
N ASN C 122 8.86 -35.16 20.51
CA ASN C 122 10.30 -35.05 20.25
C ASN C 122 10.66 -35.27 18.78
N LEU C 123 9.96 -36.19 18.11
CA LEU C 123 10.25 -36.57 16.72
C LEU C 123 9.66 -35.64 15.63
N ASN C 124 8.34 -35.45 15.62
CA ASN C 124 7.68 -34.68 14.55
C ASN C 124 7.38 -33.25 14.98
N GLN C 125 8.40 -32.40 15.02
CA GLN C 125 8.27 -31.07 15.59
C GLN C 125 8.06 -29.94 14.57
N THR C 126 7.91 -30.30 13.30
CA THR C 126 7.90 -29.30 12.22
C THR C 126 7.17 -28.01 12.55
N ALA C 127 6.03 -28.13 13.23
CA ALA C 127 5.19 -27.00 13.60
C ALA C 127 5.97 -25.87 14.25
N HIS C 128 6.78 -26.17 15.26
CA HIS C 128 7.66 -25.14 15.87
C HIS C 128 9.00 -24.98 15.13
N GLY C 129 9.52 -26.09 14.61
CA GLY C 129 10.77 -26.08 13.83
C GLY C 129 10.81 -25.15 12.62
N GLY C 130 9.71 -25.14 11.87
CA GLY C 130 9.61 -24.36 10.64
C GLY C 130 9.49 -22.88 10.89
N ARG C 131 9.07 -22.52 12.09
CA ARG C 131 8.87 -21.11 12.45
C ARG C 131 10.16 -20.43 12.90
N GLU C 132 11.03 -21.19 13.57
CA GLU C 132 12.38 -20.74 13.90
C GLU C 132 13.12 -20.51 12.61
N PHE C 133 13.06 -21.50 11.73
CA PHE C 133 13.64 -21.37 10.41
C PHE C 133 13.03 -20.20 9.66
N GLY C 134 11.70 -20.10 9.73
CA GLY C 134 11.00 -18.97 9.14
C GLY C 134 11.52 -17.65 9.63
N PHE C 135 11.94 -17.59 10.89
CA PHE C 135 12.45 -16.34 11.44
C PHE C 135 13.79 -15.93 10.86
N ILE C 136 14.72 -16.88 10.72
CA ILE C 136 16.07 -16.52 10.32
C ILE C 136 16.07 -16.03 8.87
N GLY C 137 15.30 -16.73 8.00
CA GLY C 137 15.06 -16.25 6.65
C GLY C 137 14.65 -14.78 6.66
N ALA C 138 13.55 -14.51 7.35
CA ALA C 138 12.96 -13.17 7.40
C ALA C 138 13.90 -12.18 8.06
N ARG C 139 14.71 -12.67 8.99
CA ARG C 139 15.71 -11.83 9.66
C ARG C 139 16.86 -11.41 8.74
N MET C 140 17.47 -12.38 8.05
CA MET C 140 18.50 -12.13 7.05
C MET C 140 17.88 -11.59 5.75
N ARG C 141 16.56 -11.40 5.75
CA ARG C 141 15.86 -10.86 4.60
C ARG C 141 16.15 -11.65 3.30
N GLN C 142 16.19 -12.98 3.43
CA GLN C 142 16.35 -13.87 2.28
C GLN C 142 15.00 -14.23 1.68
N GLN C 143 15.05 -14.67 0.43
CA GLN C 143 13.85 -15.02 -0.31
C GLN C 143 13.05 -16.09 0.44
N HIS C 144 13.48 -17.33 0.40
CA HIS C 144 12.78 -18.41 1.09
C HIS C 144 11.27 -18.49 0.84
N ALA C 145 10.90 -19.29 -0.14
CA ALA C 145 9.52 -19.65 -0.35
C ALA C 145 9.06 -20.57 0.77
N VAL C 146 7.74 -20.65 0.97
CA VAL C 146 7.16 -21.60 1.92
C VAL C 146 5.88 -22.21 1.35
N VAL C 147 5.79 -23.53 1.38
CA VAL C 147 4.55 -24.23 1.10
C VAL C 147 4.22 -25.04 2.34
N THR C 148 2.97 -25.02 2.75
CA THR C 148 2.54 -25.80 3.89
C THR C 148 1.47 -26.83 3.53
N GLY C 149 1.47 -27.93 4.28
CA GLY C 149 0.46 -28.94 4.14
C GLY C 149 1.09 -30.29 4.29
N HIS C 150 0.28 -31.34 4.30
CA HIS C 150 0.84 -32.67 4.36
C HIS C 150 1.56 -32.95 3.05
N TRP C 151 2.55 -33.83 3.09
CA TRP C 151 3.38 -34.10 1.92
C TRP C 151 2.62 -34.88 0.86
N GLN C 152 1.55 -35.55 1.28
CA GLN C 152 0.78 -36.45 0.40
C GLN C 152 -0.47 -35.74 -0.13
N ASP C 153 -0.32 -34.44 -0.35
CA ASP C 153 -1.38 -33.51 -0.72
C ASP C 153 -1.06 -32.94 -2.12
N LYS C 154 -1.84 -33.36 -3.11
CA LYS C 154 -1.64 -32.95 -4.52
C LYS C 154 -1.49 -31.44 -4.73
N GLN C 155 -2.20 -30.62 -3.95
CA GLN C 155 -2.07 -29.15 -4.05
C GLN C 155 -0.63 -28.68 -3.81
N ALA C 156 -0.03 -29.20 -2.75
CA ALA C 156 1.36 -28.88 -2.41
C ALA C 156 2.30 -29.28 -3.54
N HIS C 157 2.07 -30.47 -4.13
CA HIS C 157 2.90 -30.93 -5.23
C HIS C 157 2.91 -29.87 -6.32
N GLU C 158 1.71 -29.43 -6.70
CA GLU C 158 1.52 -28.41 -7.71
C GLU C 158 2.38 -27.19 -7.38
N ARG C 159 2.17 -26.62 -6.21
CA ARG C 159 2.88 -25.40 -5.81
C ARG C 159 4.39 -25.62 -5.67
N ILE C 160 4.79 -26.77 -5.13
CA ILE C 160 6.20 -27.10 -5.02
C ILE C 160 6.81 -27.17 -6.42
N GLY C 161 6.25 -28.07 -7.24
CA GLY C 161 6.61 -28.14 -8.65
C GLY C 161 6.69 -26.77 -9.32
N SER C 162 5.74 -25.89 -9.03
CA SER C 162 5.72 -24.56 -9.64
C SER C 162 6.98 -23.74 -9.31
N TRP C 163 7.47 -23.91 -8.08
CA TRP C 163 8.67 -23.21 -7.62
C TRP C 163 9.91 -23.82 -8.27
N MET C 164 9.96 -25.14 -8.30
CA MET C 164 11.00 -25.86 -9.02
C MET C 164 11.18 -25.32 -10.43
N ARG C 165 10.07 -25.00 -11.10
CA ARG C 165 10.12 -24.45 -12.45
C ARG C 165 10.95 -23.20 -12.46
N GLN C 166 10.62 -22.28 -11.56
CA GLN C 166 11.37 -21.05 -11.42
C GLN C 166 12.82 -21.33 -11.06
N ALA C 167 13.04 -22.32 -10.21
CA ALA C 167 14.39 -22.66 -9.74
C ALA C 167 15.31 -23.02 -10.91
N VAL C 168 14.81 -23.87 -11.80
CA VAL C 168 15.58 -24.36 -12.94
C VAL C 168 15.81 -23.21 -13.93
N SER C 169 14.77 -22.40 -14.10
CA SER C 169 14.79 -21.27 -15.00
C SER C 169 15.97 -20.36 -14.63
N LYS C 170 16.04 -20.01 -13.36
CA LYS C 170 17.11 -19.16 -12.85
C LYS C 170 18.49 -19.72 -13.19
N GLN C 171 18.68 -21.03 -13.06
CA GLN C 171 19.97 -21.66 -13.40
C GLN C 171 20.28 -21.49 -14.89
N ASP C 172 19.33 -21.87 -15.75
CA ASP C 172 19.53 -21.75 -17.18
C ASP C 172 19.72 -20.31 -17.60
N THR C 173 18.98 -19.39 -17.00
CA THR C 173 19.11 -17.99 -17.35
C THR C 173 20.55 -17.51 -17.17
N ARG C 174 21.21 -18.00 -16.13
CA ARG C 174 22.58 -17.58 -15.82
C ARG C 174 23.56 -18.04 -16.93
N HIS C 175 23.11 -18.97 -17.79
CA HIS C 175 23.93 -19.46 -18.91
C HIS C 175 23.39 -19.06 -20.29
N LEU C 176 22.40 -18.17 -20.32
CA LEU C 176 21.78 -17.75 -21.57
C LEU C 176 22.70 -16.75 -22.29
N LYS C 177 22.98 -17.00 -23.56
CA LYS C 177 23.85 -16.16 -24.36
C LYS C 177 23.04 -15.70 -25.59
N VAL C 178 22.89 -14.38 -25.73
CA VAL C 178 22.05 -13.81 -26.79
C VAL C 178 22.94 -13.27 -27.91
N CYS C 179 22.44 -13.34 -29.15
CA CYS C 179 23.20 -12.93 -30.32
C CYS C 179 22.63 -11.70 -31.01
N ARG C 180 23.51 -10.74 -31.34
CA ARG C 180 23.09 -9.48 -31.95
C ARG C 180 23.55 -9.31 -33.38
N PHE C 181 22.60 -9.22 -34.29
CA PHE C 181 22.87 -8.84 -35.67
C PHE C 181 22.47 -7.38 -35.82
N GLY C 182 23.47 -6.50 -35.80
CA GLY C 182 23.24 -5.06 -35.85
C GLY C 182 22.77 -4.50 -34.52
N ASP C 183 22.89 -3.18 -34.40
CA ASP C 183 22.56 -2.45 -33.18
C ASP C 183 21.03 -2.46 -32.97
N ASN C 184 20.54 -1.65 -32.04
CA ASN C 184 19.10 -1.36 -31.97
C ASN C 184 18.70 -0.49 -33.15
N MET C 185 17.41 -0.55 -33.51
CA MET C 185 16.82 0.42 -34.42
C MET C 185 17.19 1.80 -33.87
N ARG C 186 17.56 2.74 -34.74
CA ARG C 186 18.03 4.05 -34.28
C ARG C 186 16.88 4.85 -33.70
N GLU C 187 17.20 5.76 -32.78
CA GLU C 187 16.24 6.71 -32.21
C GLU C 187 15.16 6.10 -31.29
N VAL C 188 15.02 4.77 -31.30
CA VAL C 188 14.13 4.07 -30.37
C VAL C 188 14.75 4.20 -28.97
N ALA C 189 13.97 3.98 -27.92
CA ALA C 189 14.46 4.19 -26.55
C ALA C 189 14.20 2.99 -25.62
N VAL C 190 12.97 2.50 -25.60
CA VAL C 190 12.61 1.37 -24.74
C VAL C 190 13.45 0.12 -25.02
N THR C 191 13.86 -0.07 -26.27
CA THR C 191 14.64 -1.27 -26.69
C THR C 191 16.08 -1.21 -26.17
N ASP C 192 16.58 0.00 -25.92
CA ASP C 192 17.92 0.20 -25.36
C ASP C 192 17.88 -0.17 -23.88
N GLY C 193 19.04 -0.05 -23.23
CA GLY C 193 19.16 -0.34 -21.81
C GLY C 193 20.58 -0.75 -21.51
N ASP C 194 20.91 -0.88 -20.23
CA ASP C 194 22.25 -1.30 -19.83
C ASP C 194 22.30 -2.83 -19.87
N LYS C 195 23.27 -3.38 -20.59
CA LYS C 195 23.41 -4.84 -20.75
C LYS C 195 24.25 -5.45 -19.64
N VAL C 196 25.25 -4.69 -19.20
CA VAL C 196 26.03 -5.02 -18.01
C VAL C 196 25.06 -5.21 -16.84
N ALA C 197 24.11 -4.29 -16.69
CA ALA C 197 23.07 -4.36 -15.66
C ALA C 197 22.30 -5.67 -15.70
N ALA C 198 21.91 -6.08 -16.91
CA ALA C 198 21.10 -7.27 -17.12
C ALA C 198 21.88 -8.54 -16.82
N GLN C 199 23.17 -8.54 -17.14
CA GLN C 199 23.99 -9.72 -16.90
C GLN C 199 24.23 -9.91 -15.41
N ILE C 200 24.66 -8.83 -14.76
CA ILE C 200 24.73 -8.80 -13.31
C ILE C 200 23.43 -9.35 -12.72
N LYS C 201 22.33 -8.67 -13.00
CA LYS C 201 21.04 -9.04 -12.40
C LYS C 201 20.66 -10.50 -12.67
N PHE C 202 20.49 -10.84 -13.94
CA PHE C 202 19.89 -12.12 -14.33
C PHE C 202 20.93 -13.14 -14.82
N GLY C 203 21.96 -12.67 -15.52
CA GLY C 203 23.02 -13.55 -15.99
C GLY C 203 22.87 -14.07 -17.41
N PHE C 204 22.07 -13.39 -18.23
CA PHE C 204 22.10 -13.66 -19.67
C PHE C 204 23.06 -12.66 -20.33
N SER C 205 23.90 -13.18 -21.23
CA SER C 205 24.85 -12.35 -21.96
C SER C 205 24.21 -11.93 -23.26
N VAL C 206 24.68 -10.82 -23.82
CA VAL C 206 24.19 -10.35 -25.11
C VAL C 206 25.21 -9.44 -25.76
N ASN C 207 25.83 -9.90 -26.86
CA ASN C 207 26.88 -9.13 -27.55
C ASN C 207 26.69 -9.04 -29.07
N THR C 208 27.33 -8.03 -29.67
CA THR C 208 27.07 -7.62 -31.06
C THR C 208 28.00 -8.17 -32.15
N TRP C 209 27.41 -8.93 -33.08
CA TRP C 209 28.15 -9.48 -34.22
C TRP C 209 27.76 -8.81 -35.53
N ALA C 210 28.72 -8.70 -36.43
CA ALA C 210 28.53 -7.98 -37.68
C ALA C 210 27.49 -8.64 -38.58
N VAL C 211 26.86 -7.84 -39.43
CA VAL C 211 26.11 -8.35 -40.57
C VAL C 211 27.06 -9.19 -41.41
N GLY C 212 28.31 -8.74 -41.51
CA GLY C 212 29.34 -9.42 -42.29
C GLY C 212 29.86 -10.76 -41.79
N ASP C 213 29.34 -11.24 -40.67
CA ASP C 213 29.67 -12.58 -40.13
C ASP C 213 28.62 -13.63 -40.51
N LEU C 214 27.34 -13.29 -40.37
CA LEU C 214 26.25 -14.18 -40.77
C LEU C 214 26.16 -14.28 -42.29
N VAL C 215 26.66 -13.25 -42.97
CA VAL C 215 26.83 -13.27 -44.43
C VAL C 215 27.57 -14.53 -44.87
N GLN C 216 28.73 -14.77 -44.29
CA GLN C 216 29.52 -15.96 -44.62
C GLN C 216 28.78 -17.24 -44.25
N VAL C 217 28.10 -17.25 -43.11
CA VAL C 217 27.25 -18.37 -42.72
C VAL C 217 26.16 -18.66 -43.75
N VAL C 218 25.64 -17.61 -44.40
CA VAL C 218 24.57 -17.74 -45.38
C VAL C 218 25.09 -17.88 -46.82
N ASN C 219 26.22 -17.24 -47.13
CA ASN C 219 26.80 -17.31 -48.47
C ASN C 219 27.37 -18.69 -48.78
N SER C 220 28.27 -19.15 -47.89
CA SER C 220 28.93 -20.45 -48.06
C SER C 220 28.10 -21.58 -47.46
N ILE C 221 27.25 -22.19 -48.28
CA ILE C 221 26.39 -23.31 -47.85
C ILE C 221 25.79 -24.01 -49.07
N SER C 222 25.52 -25.31 -48.92
CA SER C 222 25.01 -26.16 -50.00
C SER C 222 23.64 -25.72 -50.56
N ASP C 223 23.40 -26.07 -51.82
CA ASP C 223 22.10 -25.88 -52.48
C ASP C 223 21.17 -27.05 -52.17
N GLY C 224 21.77 -28.23 -51.92
CA GLY C 224 21.01 -29.41 -51.52
C GLY C 224 20.45 -29.29 -50.12
N ASP C 225 21.23 -28.70 -49.22
CA ASP C 225 20.77 -28.38 -47.87
C ASP C 225 19.58 -27.41 -47.92
N VAL C 226 19.58 -26.54 -48.93
CA VAL C 226 18.43 -25.68 -49.20
C VAL C 226 17.24 -26.55 -49.63
N ASN C 227 17.47 -27.44 -50.59
CA ASN C 227 16.43 -28.34 -51.09
C ASN C 227 15.87 -29.23 -49.98
N ALA C 228 16.75 -29.70 -49.10
CA ALA C 228 16.33 -30.47 -47.93
C ALA C 228 15.27 -29.72 -47.16
N LEU C 229 15.52 -28.43 -46.92
CA LEU C 229 14.60 -27.56 -46.19
C LEU C 229 13.36 -27.18 -47.00
N VAL C 230 13.52 -27.07 -48.32
CA VAL C 230 12.40 -26.74 -49.22
C VAL C 230 11.37 -27.87 -49.28
N ASP C 231 11.86 -29.12 -49.37
CA ASP C 231 11.00 -30.29 -49.22
C ASP C 231 10.34 -30.27 -47.83
N GLU C 232 11.15 -30.03 -46.81
CA GLU C 232 10.67 -29.94 -45.43
C GLU C 232 9.58 -28.87 -45.28
N TYR C 233 9.66 -27.81 -46.08
CA TYR C 233 8.63 -26.79 -46.07
C TYR C 233 7.32 -27.30 -46.67
N GLU C 234 7.33 -27.79 -47.90
CA GLU C 234 6.08 -28.22 -48.55
C GLU C 234 5.35 -29.25 -47.71
N SER C 235 6.09 -30.21 -47.17
CA SER C 235 5.53 -31.25 -46.31
C SER C 235 4.93 -30.67 -45.03
N CYS C 236 5.46 -29.54 -44.60
CA CYS C 236 4.86 -28.75 -43.53
C CYS C 236 3.77 -27.80 -44.05
N TYR C 237 4.17 -26.57 -44.39
CA TYR C 237 3.22 -25.46 -44.60
C TYR C 237 2.28 -25.64 -45.79
N THR C 238 1.06 -25.12 -45.64
CA THR C 238 0.07 -25.06 -46.72
C THR C 238 0.42 -23.93 -47.69
N MET C 239 1.31 -24.22 -48.63
CA MET C 239 1.86 -23.21 -49.52
C MET C 239 0.96 -22.90 -50.71
N THR C 240 0.55 -21.64 -50.80
CA THR C 240 -0.27 -21.17 -51.91
C THR C 240 0.53 -21.24 -53.21
N PRO C 241 -0.17 -21.51 -54.35
CA PRO C 241 0.42 -21.66 -55.70
C PRO C 241 1.57 -20.70 -56.05
N ALA C 242 1.46 -19.45 -55.60
CA ALA C 242 2.52 -18.45 -55.81
C ALA C 242 3.81 -18.70 -55.00
N THR C 243 3.85 -19.79 -54.24
CA THR C 243 5.04 -20.19 -53.48
C THR C 243 5.68 -21.47 -54.03
N GLN C 244 4.86 -22.37 -54.57
CA GLN C 244 5.34 -23.62 -55.16
C GLN C 244 6.06 -23.36 -56.50
N ILE C 245 6.75 -24.38 -57.01
CA ILE C 245 7.55 -24.23 -58.24
C ILE C 245 6.70 -23.73 -59.41
N HIS C 246 7.36 -23.04 -60.35
CA HIS C 246 6.71 -22.31 -61.46
C HIS C 246 6.00 -21.02 -61.00
N GLY C 247 5.84 -20.85 -59.68
CA GLY C 247 5.16 -19.69 -59.13
C GLY C 247 6.01 -18.43 -59.21
N GLU C 248 5.34 -17.28 -59.17
CA GLU C 248 6.02 -15.98 -59.28
C GLU C 248 7.06 -15.78 -58.17
N LYS C 249 6.76 -16.25 -56.97
CA LYS C 249 7.67 -16.15 -55.84
C LYS C 249 8.11 -17.55 -55.40
N ARG C 250 8.84 -18.23 -56.27
CA ARG C 250 9.35 -19.58 -56.01
C ARG C 250 10.88 -19.60 -56.01
N GLN C 251 11.48 -18.96 -57.02
CA GLN C 251 12.94 -18.89 -57.13
C GLN C 251 13.54 -18.26 -55.88
N ASN C 252 12.95 -17.15 -55.44
CA ASN C 252 13.31 -16.53 -54.15
C ASN C 252 12.73 -17.29 -52.95
N VAL C 253 11.71 -18.10 -53.22
CA VAL C 253 11.10 -18.97 -52.21
C VAL C 253 12.12 -19.91 -51.56
N LEU C 254 13.10 -20.35 -52.35
CA LEU C 254 14.18 -21.19 -51.84
C LEU C 254 15.19 -20.42 -50.98
N GLU C 255 15.21 -19.10 -51.10
CA GLU C 255 16.16 -18.26 -50.38
C GLU C 255 15.78 -18.09 -48.92
N ALA C 256 14.50 -18.21 -48.60
CA ALA C 256 14.03 -18.17 -47.21
C ALA C 256 14.60 -19.36 -46.44
N ALA C 257 14.75 -20.50 -47.13
CA ALA C 257 15.45 -21.66 -46.57
C ALA C 257 16.95 -21.39 -46.45
N ARG C 258 17.56 -20.91 -47.53
CA ARG C 258 19.00 -20.66 -47.59
C ARG C 258 19.51 -19.68 -46.52
N ILE C 259 18.61 -18.95 -45.88
CA ILE C 259 18.95 -18.08 -44.74
C ILE C 259 18.64 -18.74 -43.39
N GLU C 260 17.60 -19.57 -43.34
CA GLU C 260 17.36 -20.41 -42.16
C GLU C 260 18.46 -21.46 -42.08
N LEU C 261 18.83 -22.01 -43.25
CA LEU C 261 19.93 -22.97 -43.35
C LEU C 261 21.33 -22.39 -43.10
N GLY C 262 21.41 -21.07 -42.96
CA GLY C 262 22.65 -20.39 -42.55
C GLY C 262 22.57 -19.97 -41.10
N MET C 263 21.50 -19.27 -40.74
CA MET C 263 21.30 -18.82 -39.36
C MET C 263 21.42 -19.96 -38.36
N LYS C 264 20.46 -20.88 -38.39
CA LYS C 264 20.35 -21.96 -37.39
C LYS C 264 21.70 -22.55 -37.00
N ARG C 265 22.60 -22.73 -37.96
CA ARG C 265 23.91 -23.31 -37.68
C ARG C 265 24.87 -22.34 -36.99
N PHE C 266 24.93 -21.10 -37.44
CA PHE C 266 25.77 -20.07 -36.80
C PHE C 266 25.40 -19.89 -35.31
N LEU C 267 24.10 -19.96 -35.03
CA LEU C 267 23.58 -19.92 -33.66
C LEU C 267 23.92 -21.19 -32.87
N GLU C 268 23.90 -22.34 -33.55
CA GLU C 268 24.23 -23.63 -32.92
C GLU C 268 25.69 -23.68 -32.53
N GLN C 269 26.60 -23.43 -33.47
CA GLN C 269 28.03 -23.47 -33.19
C GLN C 269 28.45 -22.34 -32.25
N GLY C 270 27.72 -21.22 -32.29
CA GLY C 270 27.91 -20.17 -31.32
C GLY C 270 27.51 -20.58 -29.90
N GLY C 271 26.54 -21.49 -29.81
CA GLY C 271 26.00 -21.93 -28.52
C GLY C 271 24.89 -21.03 -27.99
N PHE C 272 24.36 -20.16 -28.86
CA PHE C 272 23.40 -19.13 -28.47
C PHE C 272 22.01 -19.70 -28.19
N HIS C 273 21.25 -18.98 -27.37
CA HIS C 273 19.88 -19.37 -27.03
C HIS C 273 18.88 -18.28 -27.42
N ALA C 274 19.38 -17.20 -28.03
CA ALA C 274 18.54 -16.08 -28.46
C ALA C 274 19.30 -15.12 -29.38
N PHE C 275 18.54 -14.26 -30.08
CA PHE C 275 19.12 -13.33 -31.03
C PHE C 275 18.17 -12.20 -31.45
N THR C 276 18.70 -11.20 -32.14
CA THR C 276 17.89 -10.12 -32.71
C THR C 276 18.39 -9.74 -34.10
N THR C 277 17.60 -8.94 -34.80
CA THR C 277 17.94 -8.43 -36.13
C THR C 277 17.35 -7.04 -36.37
N THR C 278 18.15 -6.14 -36.94
CA THR C 278 17.73 -4.77 -37.23
C THR C 278 17.59 -4.56 -38.73
N PHE C 279 16.38 -4.25 -39.19
CA PHE C 279 16.16 -3.97 -40.62
C PHE C 279 16.99 -2.80 -41.14
N GLU C 280 17.34 -1.90 -40.21
CA GLU C 280 18.22 -0.76 -40.48
C GLU C 280 19.60 -1.19 -40.99
N ASP C 281 19.98 -2.44 -40.71
CA ASP C 281 21.20 -3.03 -41.26
C ASP C 281 20.94 -4.48 -41.68
N LEU C 282 20.66 -4.67 -42.97
CA LEU C 282 20.47 -6.00 -43.50
C LEU C 282 21.39 -6.13 -44.72
N HIS C 283 22.51 -5.40 -44.66
CA HIS C 283 23.26 -4.96 -45.83
C HIS C 283 23.47 -5.98 -46.96
N GLY C 284 24.31 -6.99 -46.73
CA GLY C 284 24.73 -7.89 -47.80
C GLY C 284 23.95 -9.19 -47.94
N LEU C 285 22.68 -9.18 -47.54
CA LEU C 285 21.90 -10.42 -47.41
C LEU C 285 20.53 -10.35 -48.09
N LYS C 286 20.02 -11.53 -48.48
CA LYS C 286 19.08 -11.66 -49.60
C LYS C 286 17.58 -11.68 -49.23
N GLN C 287 17.24 -11.09 -48.08
CA GLN C 287 15.86 -11.02 -47.60
C GLN C 287 15.87 -10.87 -46.09
N LEU C 288 15.11 -9.90 -45.57
CA LEU C 288 15.01 -9.69 -44.12
C LEU C 288 14.46 -10.94 -43.44
N PRO C 289 15.26 -11.60 -42.59
CA PRO C 289 14.87 -12.87 -41.96
C PRO C 289 13.42 -12.91 -41.52
N GLY C 290 12.60 -13.70 -42.22
CA GLY C 290 11.18 -13.77 -41.96
C GLY C 290 10.79 -15.06 -41.25
N LEU C 291 11.01 -16.17 -41.95
CA LEU C 291 10.74 -17.50 -41.39
C LEU C 291 12.03 -18.25 -41.01
N ALA C 292 13.19 -17.64 -41.25
CA ALA C 292 14.42 -18.08 -40.60
C ALA C 292 14.26 -17.87 -39.09
N VAL C 293 13.59 -16.77 -38.72
CA VAL C 293 13.35 -16.40 -37.32
C VAL C 293 12.09 -17.02 -36.70
N GLN C 294 11.09 -17.37 -37.54
CA GLN C 294 9.82 -17.93 -37.05
C GLN C 294 9.97 -19.38 -36.61
N ARG C 295 10.68 -20.19 -37.40
CA ARG C 295 10.85 -21.62 -37.09
C ARG C 295 11.97 -21.85 -36.07
N LEU C 296 12.93 -20.94 -36.01
CA LEU C 296 13.93 -20.98 -34.94
C LEU C 296 13.27 -20.66 -33.59
N MET C 297 12.33 -19.71 -33.60
CA MET C 297 11.52 -19.44 -32.40
C MET C 297 10.78 -20.72 -31.98
N GLN C 298 10.17 -21.39 -32.94
CA GLN C 298 9.45 -22.65 -32.71
C GLN C 298 10.34 -23.68 -32.04
N GLN C 299 11.57 -23.81 -32.54
CA GLN C 299 12.56 -24.73 -31.99
C GLN C 299 12.88 -24.41 -30.53
N GLY C 300 12.85 -23.12 -30.19
CA GLY C 300 13.17 -22.68 -28.84
C GLY C 300 13.94 -21.38 -28.77
N TYR C 301 14.63 -21.02 -29.85
CA TYR C 301 15.53 -19.86 -29.84
C TYR C 301 14.80 -18.56 -29.55
N GLY C 302 15.34 -17.79 -28.62
CA GLY C 302 14.77 -16.50 -28.25
C GLY C 302 14.99 -15.47 -29.34
N PHE C 303 14.09 -14.49 -29.42
CA PHE C 303 14.16 -13.50 -30.48
C PHE C 303 13.11 -12.40 -30.29
N ALA C 304 13.51 -11.17 -30.59
CA ALA C 304 12.62 -10.01 -30.53
C ALA C 304 12.91 -9.12 -31.73
N GLY C 305 12.37 -7.91 -31.74
CA GLY C 305 12.40 -7.04 -32.91
C GLY C 305 13.76 -6.45 -33.29
N GLU C 306 13.82 -5.13 -33.35
CA GLU C 306 14.95 -4.44 -33.93
C GLU C 306 15.98 -4.14 -32.86
N GLY C 307 16.74 -5.17 -32.53
CA GLY C 307 17.80 -5.10 -31.52
C GLY C 307 17.30 -5.22 -30.08
N ASP C 308 16.02 -5.51 -29.90
CA ASP C 308 15.41 -5.55 -28.57
C ASP C 308 15.82 -6.81 -27.83
N TRP C 309 17.00 -6.74 -27.21
CA TRP C 309 17.58 -7.88 -26.53
C TRP C 309 16.84 -8.26 -25.24
N LYS C 310 16.23 -7.29 -24.57
CA LYS C 310 15.46 -7.61 -23.37
C LYS C 310 14.38 -8.62 -23.68
N THR C 311 13.50 -8.26 -24.60
CA THR C 311 12.40 -9.14 -24.98
C THR C 311 12.91 -10.43 -25.62
N ALA C 312 14.02 -10.34 -26.35
CA ALA C 312 14.65 -11.52 -26.91
C ALA C 312 14.96 -12.53 -25.81
N ALA C 313 15.70 -12.09 -24.80
CA ALA C 313 16.01 -12.91 -23.63
C ALA C 313 14.73 -13.47 -23.02
N LEU C 314 13.79 -12.57 -22.72
CA LEU C 314 12.54 -12.95 -22.06
C LEU C 314 11.77 -14.05 -22.79
N LEU C 315 11.87 -14.08 -24.12
CA LEU C 315 11.25 -15.16 -24.88
C LEU C 315 11.95 -16.48 -24.53
N ARG C 316 13.28 -16.45 -24.53
CA ARG C 316 14.06 -17.63 -24.19
C ARG C 316 13.77 -18.13 -22.77
N ILE C 317 13.65 -17.22 -21.81
CA ILE C 317 13.37 -17.61 -20.42
C ILE C 317 11.99 -18.26 -20.28
N MET C 318 10.99 -17.55 -20.79
CA MET C 318 9.57 -17.94 -20.61
C MET C 318 9.20 -19.21 -21.38
N LYS C 319 9.84 -19.39 -22.54
CA LYS C 319 9.60 -20.56 -23.37
C LYS C 319 10.28 -21.77 -22.74
N VAL C 320 11.48 -21.56 -22.19
CA VAL C 320 12.18 -22.61 -21.45
C VAL C 320 11.41 -22.92 -20.16
N MET C 321 10.99 -21.86 -19.46
CA MET C 321 10.22 -21.98 -18.21
C MET C 321 9.04 -22.95 -18.31
N SER C 322 8.36 -22.92 -19.47
CA SER C 322 7.06 -23.59 -19.68
C SER C 322 7.12 -25.02 -20.24
N THR C 323 8.29 -25.66 -20.17
CA THR C 323 8.47 -26.98 -20.79
C THR C 323 7.69 -28.07 -20.04
N GLY C 324 6.75 -28.70 -20.73
CA GLY C 324 5.84 -29.70 -20.12
C GLY C 324 4.41 -29.20 -20.08
N LEU C 325 4.24 -27.93 -19.68
CA LEU C 325 2.94 -27.27 -19.71
C LEU C 325 2.47 -27.08 -21.16
N GLN C 326 1.16 -27.09 -21.36
CA GLN C 326 0.61 -26.92 -22.71
C GLN C 326 0.30 -25.45 -23.01
N GLY C 327 1.00 -24.92 -24.00
CA GLY C 327 0.73 -23.55 -24.47
C GLY C 327 1.54 -23.27 -25.72
N GLY C 328 1.92 -22.00 -25.91
CA GLY C 328 2.64 -21.60 -27.11
C GLY C 328 3.89 -20.79 -26.80
N THR C 329 3.69 -19.54 -26.44
CA THR C 329 4.78 -18.60 -26.15
C THR C 329 5.43 -18.04 -27.42
N SER C 330 4.91 -16.89 -27.87
CA SER C 330 5.41 -16.17 -29.02
C SER C 330 6.01 -14.84 -28.59
N PHE C 331 6.86 -14.30 -29.46
CA PHE C 331 7.17 -12.88 -29.44
C PHE C 331 5.96 -12.17 -30.02
N MET C 332 5.73 -10.91 -29.64
CA MET C 332 4.56 -10.18 -30.09
C MET C 332 4.72 -8.68 -29.89
N GLU C 333 4.07 -7.90 -30.75
CA GLU C 333 3.76 -6.50 -30.43
C GLU C 333 2.33 -6.16 -30.84
N ASP C 334 1.77 -5.12 -30.22
CA ASP C 334 0.38 -4.71 -30.44
C ASP C 334 0.30 -3.95 -31.75
N TYR C 335 -0.37 -4.53 -32.75
CA TYR C 335 -0.41 -3.94 -34.10
C TYR C 335 -1.50 -2.89 -34.24
N THR C 336 -2.75 -3.26 -33.95
CA THR C 336 -3.91 -2.36 -34.11
C THR C 336 -5.02 -2.67 -33.10
N TYR C 337 -5.92 -1.72 -32.89
CA TYR C 337 -7.09 -1.91 -32.02
C TYR C 337 -8.37 -2.12 -32.79
N HIS C 338 -9.36 -2.67 -32.08
CA HIS C 338 -10.73 -2.70 -32.56
C HIS C 338 -11.61 -2.19 -31.41
N PHE C 339 -12.41 -1.16 -31.70
CA PHE C 339 -13.30 -0.56 -30.71
C PHE C 339 -14.77 -0.90 -31.00
N GLU C 340 -15.40 -1.62 -30.07
CA GLU C 340 -16.84 -1.87 -30.08
C GLU C 340 -17.37 -1.75 -28.65
N LYS C 341 -18.62 -1.31 -28.50
CA LYS C 341 -19.28 -1.30 -27.20
C LYS C 341 -19.36 -2.73 -26.64
N GLY C 342 -18.62 -3.00 -25.57
CA GLY C 342 -18.57 -4.32 -24.96
C GLY C 342 -17.83 -5.37 -25.80
N ASN C 343 -16.96 -4.92 -26.69
CA ASN C 343 -16.20 -5.83 -27.52
C ASN C 343 -14.95 -5.12 -28.08
N ASP C 344 -14.10 -4.68 -27.15
CA ASP C 344 -12.89 -3.92 -27.47
C ASP C 344 -11.66 -4.82 -27.51
N LEU C 345 -11.09 -5.01 -28.70
CA LEU C 345 -10.08 -6.05 -28.93
C LEU C 345 -8.77 -5.47 -29.48
N VAL C 346 -7.70 -6.27 -29.39
CA VAL C 346 -6.37 -5.88 -29.84
C VAL C 346 -5.76 -6.99 -30.70
N LEU C 347 -5.36 -6.65 -31.91
CA LEU C 347 -4.69 -7.62 -32.79
C LEU C 347 -3.18 -7.39 -32.81
N GLY C 348 -2.43 -8.37 -32.32
CA GLY C 348 -0.97 -8.31 -32.30
C GLY C 348 -0.33 -9.04 -33.45
N SER C 349 0.91 -8.67 -33.76
CA SER C 349 1.71 -9.32 -34.80
C SER C 349 3.12 -8.70 -34.81
N HIS C 350 3.81 -8.81 -35.94
CA HIS C 350 5.04 -8.06 -36.16
C HIS C 350 5.33 -7.94 -37.66
N MET C 351 6.22 -7.01 -37.98
CA MET C 351 6.81 -6.86 -39.31
C MET C 351 6.88 -8.18 -40.11
N LEU C 352 7.33 -9.26 -39.48
CA LEU C 352 7.45 -10.57 -40.16
C LEU C 352 7.26 -11.80 -39.25
N GLU C 353 7.58 -11.68 -37.97
CA GLU C 353 7.98 -12.84 -37.17
C GLU C 353 7.10 -13.08 -35.92
N VAL C 354 6.11 -13.94 -36.07
CA VAL C 354 5.32 -14.44 -34.95
C VAL C 354 5.49 -15.95 -34.90
N CYS C 355 5.82 -16.47 -33.73
CA CYS C 355 6.14 -17.89 -33.58
C CYS C 355 4.94 -18.80 -33.86
N PRO C 356 5.12 -19.85 -34.69
CA PRO C 356 4.05 -20.82 -35.01
C PRO C 356 3.51 -21.67 -33.85
N SER C 357 4.06 -21.53 -32.65
CA SER C 357 3.63 -22.33 -31.50
C SER C 357 2.21 -21.99 -31.03
N ILE C 358 1.72 -20.80 -31.38
CA ILE C 358 0.37 -20.35 -31.00
C ILE C 358 -0.67 -20.53 -32.14
N ALA C 359 -0.39 -21.38 -33.11
CA ALA C 359 -1.34 -21.62 -34.21
C ALA C 359 -2.50 -22.51 -33.73
N VAL C 360 -3.36 -22.95 -34.66
CA VAL C 360 -4.51 -23.80 -34.33
C VAL C 360 -4.63 -25.05 -35.23
N GLU C 361 -4.68 -24.85 -36.55
CA GLU C 361 -4.94 -25.94 -37.50
C GLU C 361 -3.64 -26.39 -38.21
N GLU C 362 -3.48 -26.10 -39.51
CA GLU C 362 -2.19 -26.18 -40.19
C GLU C 362 -1.67 -24.77 -40.40
N LYS C 363 -0.37 -24.63 -40.61
CA LYS C 363 0.24 -23.36 -41.02
C LYS C 363 0.20 -23.28 -42.55
N PRO C 364 -0.57 -22.33 -43.12
CA PRO C 364 -0.52 -22.09 -44.56
C PRO C 364 0.45 -20.95 -44.94
N ILE C 365 1.75 -21.19 -44.69
CA ILE C 365 2.78 -20.19 -44.94
C ILE C 365 3.12 -20.07 -46.43
N LEU C 366 3.34 -18.83 -46.86
CA LEU C 366 3.62 -18.50 -48.26
C LEU C 366 4.52 -17.26 -48.36
N ASP C 367 4.33 -16.43 -49.38
CA ASP C 367 5.13 -15.22 -49.55
C ASP C 367 4.43 -14.23 -50.48
N VAL C 368 3.19 -13.86 -50.12
CA VAL C 368 2.32 -13.04 -50.98
C VAL C 368 2.89 -11.65 -51.37
N GLN C 369 3.73 -11.10 -50.48
CA GLN C 369 4.25 -9.72 -50.55
C GLN C 369 5.73 -9.86 -50.12
N HIS C 370 6.48 -8.88 -49.57
CA HIS C 370 6.55 -7.41 -49.84
C HIS C 370 6.53 -6.68 -48.49
N LEU C 371 7.45 -5.73 -48.24
CA LEU C 371 8.52 -5.34 -49.18
C LEU C 371 9.26 -4.05 -48.79
N GLY C 372 8.56 -3.14 -48.11
CA GLY C 372 9.13 -1.85 -47.70
C GLY C 372 10.11 -1.98 -46.54
N ILE C 373 10.11 -0.98 -45.65
CA ILE C 373 11.09 -0.90 -44.56
C ILE C 373 12.51 -1.07 -45.11
N GLY C 374 12.81 -0.33 -46.18
CA GLY C 374 14.14 -0.31 -46.80
C GLY C 374 14.78 -1.67 -46.99
N GLY C 375 13.97 -2.65 -47.39
CA GLY C 375 14.46 -3.99 -47.64
C GLY C 375 14.71 -4.15 -49.12
N LYS C 376 15.80 -4.84 -49.46
CA LYS C 376 16.11 -5.14 -50.86
C LYS C 376 15.07 -6.11 -51.41
N ASP C 377 15.34 -7.40 -51.27
CA ASP C 377 14.41 -8.44 -51.74
C ASP C 377 13.35 -8.72 -50.66
N ASP C 378 12.15 -9.11 -51.09
CA ASP C 378 11.01 -9.33 -50.18
C ASP C 378 10.96 -10.79 -49.69
N PRO C 379 10.88 -11.00 -48.35
CA PRO C 379 11.07 -12.34 -47.77
C PRO C 379 9.81 -13.18 -47.61
N ALA C 380 9.99 -14.42 -47.15
CA ALA C 380 8.90 -15.38 -46.96
C ALA C 380 8.28 -15.25 -45.57
N ARG C 381 7.02 -15.66 -45.45
CA ARG C 381 6.27 -15.49 -44.21
C ARG C 381 5.47 -16.74 -43.86
N LEU C 382 4.87 -16.72 -42.67
CA LEU C 382 3.86 -17.69 -42.26
C LEU C 382 2.63 -16.93 -41.74
N ILE C 383 1.44 -17.48 -41.99
CA ILE C 383 0.20 -16.87 -41.50
C ILE C 383 -0.60 -17.88 -40.67
N PHE C 384 -1.03 -17.45 -39.49
CA PHE C 384 -1.84 -18.27 -38.60
C PHE C 384 -2.60 -17.36 -37.64
N ASN C 385 -3.63 -17.91 -37.01
CA ASN C 385 -4.37 -17.22 -35.97
C ASN C 385 -3.97 -17.75 -34.59
N THR C 386 -4.44 -17.09 -33.53
CA THR C 386 -4.08 -17.46 -32.16
C THR C 386 -4.77 -18.76 -31.70
N GLN C 387 -5.02 -18.82 -30.40
CA GLN C 387 -5.70 -19.97 -29.78
C GLN C 387 -6.93 -19.51 -29.03
N THR C 388 -7.54 -20.41 -28.27
CA THR C 388 -8.75 -20.09 -27.52
C THR C 388 -8.54 -20.30 -26.02
N GLY C 389 -8.55 -19.19 -25.27
CA GLY C 389 -8.50 -19.25 -23.81
C GLY C 389 -7.47 -18.32 -23.19
N PRO C 390 -7.41 -18.32 -21.84
CA PRO C 390 -6.56 -17.39 -21.10
C PRO C 390 -5.09 -17.49 -21.48
N ALA C 391 -4.43 -16.33 -21.47
CA ALA C 391 -3.01 -16.22 -21.75
C ALA C 391 -2.49 -15.00 -21.02
N ILE C 392 -1.21 -14.68 -21.22
CA ILE C 392 -0.60 -13.49 -20.63
C ILE C 392 0.39 -12.86 -21.61
N VAL C 393 0.36 -11.53 -21.69
CA VAL C 393 1.36 -10.75 -22.40
C VAL C 393 2.23 -10.05 -21.34
N ALA C 394 3.54 -10.08 -21.52
CA ALA C 394 4.47 -9.54 -20.52
C ALA C 394 5.70 -8.88 -21.14
N SER C 395 6.22 -7.89 -20.43
CA SER C 395 7.36 -7.12 -20.92
C SER C 395 8.25 -6.68 -19.76
N LEU C 396 9.55 -6.81 -19.95
CA LEU C 396 10.53 -6.37 -18.99
C LEU C 396 11.14 -5.09 -19.50
N ILE C 397 11.07 -4.01 -18.71
CA ILE C 397 11.62 -2.72 -19.12
C ILE C 397 12.73 -2.27 -18.18
N ASP C 398 13.65 -1.46 -18.68
CA ASP C 398 14.76 -0.96 -17.86
C ASP C 398 14.50 0.47 -17.46
N LEU C 399 14.09 0.66 -16.20
CA LEU C 399 13.90 1.99 -15.66
C LEU C 399 15.23 2.68 -15.33
N GLY C 400 16.34 2.01 -15.63
CA GLY C 400 17.67 2.65 -15.61
C GLY C 400 18.41 2.35 -14.32
N ASP C 401 17.72 2.57 -13.21
CA ASP C 401 18.19 2.18 -11.87
C ASP C 401 17.62 0.84 -11.42
N ARG C 402 16.66 0.29 -12.18
CA ARG C 402 16.07 -1.01 -11.87
C ARG C 402 15.17 -1.53 -12.99
N TYR C 403 14.70 -2.77 -12.83
CA TYR C 403 13.83 -3.38 -13.81
C TYR C 403 12.41 -3.47 -13.29
N ARG C 404 11.46 -3.57 -14.22
CA ARG C 404 10.04 -3.78 -13.91
C ARG C 404 9.47 -4.85 -14.84
N LEU C 405 8.84 -5.86 -14.26
CA LEU C 405 8.11 -6.82 -15.04
C LEU C 405 6.63 -6.47 -15.06
N LEU C 406 6.15 -6.00 -16.21
CA LEU C 406 4.72 -5.77 -16.43
C LEU C 406 4.07 -7.04 -16.94
N VAL C 407 2.87 -7.33 -16.44
CA VAL C 407 2.12 -8.50 -16.91
C VAL C 407 0.63 -8.15 -16.89
N ASN C 408 0.00 -8.20 -18.07
CA ASN C 408 -1.45 -8.03 -18.23
C ASN C 408 -2.02 -9.31 -18.79
N CYS C 409 -2.90 -9.98 -18.02
CA CYS C 409 -3.52 -11.21 -18.51
C CYS C 409 -4.53 -10.88 -19.60
N ILE C 410 -4.85 -11.87 -20.42
CA ILE C 410 -5.66 -11.66 -21.61
C ILE C 410 -6.45 -12.91 -21.92
N ASP C 411 -7.36 -12.81 -22.89
CA ASP C 411 -8.13 -13.96 -23.38
C ASP C 411 -8.27 -13.89 -24.91
N THR C 412 -7.53 -14.74 -25.61
CA THR C 412 -7.63 -14.80 -27.07
C THR C 412 -9.02 -15.27 -27.48
N VAL C 413 -9.54 -14.70 -28.57
CA VAL C 413 -10.82 -15.12 -29.17
C VAL C 413 -10.60 -15.23 -30.67
N LYS C 414 -11.46 -15.99 -31.35
CA LYS C 414 -11.31 -16.18 -32.80
C LYS C 414 -11.67 -14.92 -33.56
N THR C 415 -11.11 -14.83 -34.77
CA THR C 415 -11.38 -13.73 -35.70
C THR C 415 -12.85 -13.72 -36.15
N PRO C 416 -13.55 -12.58 -35.95
CA PRO C 416 -14.97 -12.48 -36.32
C PRO C 416 -15.21 -12.35 -37.83
N HIS C 417 -14.19 -11.94 -38.57
CA HIS C 417 -14.25 -11.85 -40.03
C HIS C 417 -13.05 -12.56 -40.63
N SER C 418 -12.92 -12.49 -41.96
CA SER C 418 -11.84 -13.18 -42.68
C SER C 418 -10.56 -12.33 -42.71
N LEU C 419 -9.55 -12.78 -43.46
CA LEU C 419 -8.21 -12.18 -43.37
C LEU C 419 -7.39 -12.15 -44.67
N PRO C 420 -8.02 -11.82 -45.81
CA PRO C 420 -7.32 -12.02 -47.08
C PRO C 420 -6.12 -11.09 -47.29
N LYS C 421 -6.31 -9.79 -47.08
CA LYS C 421 -5.26 -8.80 -47.35
C LYS C 421 -4.16 -8.79 -46.27
N LEU C 422 -4.50 -9.25 -45.07
CA LEU C 422 -3.52 -9.39 -43.96
C LEU C 422 -2.30 -10.24 -44.36
N PRO C 423 -1.14 -9.60 -44.56
CA PRO C 423 0.01 -10.31 -45.12
C PRO C 423 0.74 -11.22 -44.12
N VAL C 424 0.82 -10.79 -42.86
CA VAL C 424 1.59 -11.52 -41.86
C VAL C 424 0.63 -12.32 -40.97
N ALA C 425 1.20 -13.19 -40.14
CA ALA C 425 0.42 -13.90 -39.12
C ALA C 425 -0.17 -12.91 -38.11
N ASN C 426 -1.27 -13.32 -37.49
CA ASN C 426 -1.98 -12.48 -36.54
C ASN C 426 -2.28 -13.19 -35.22
N ALA C 427 -2.63 -12.40 -34.21
CA ALA C 427 -3.16 -12.89 -32.96
C ALA C 427 -4.05 -11.80 -32.39
N LEU C 428 -5.16 -12.20 -31.77
CA LEU C 428 -6.21 -11.26 -31.40
C LEU C 428 -6.80 -11.63 -30.04
N TRP C 429 -6.99 -10.63 -29.18
CA TRP C 429 -7.38 -10.87 -27.79
C TRP C 429 -8.13 -9.73 -27.10
N LYS C 430 -8.71 -10.05 -25.95
CA LYS C 430 -9.50 -9.12 -25.16
C LYS C 430 -8.78 -8.84 -23.82
N ALA C 431 -8.21 -7.63 -23.69
CA ALA C 431 -7.32 -7.26 -22.59
C ALA C 431 -8.06 -7.07 -21.26
N GLN C 432 -7.45 -7.59 -20.19
CA GLN C 432 -8.19 -8.12 -19.03
C GLN C 432 -9.27 -7.22 -18.43
N PRO C 433 -8.89 -6.21 -17.63
CA PRO C 433 -9.96 -5.42 -17.01
C PRO C 433 -10.89 -4.85 -18.09
N ASP C 434 -10.31 -4.07 -19.01
CA ASP C 434 -11.02 -3.52 -20.18
C ASP C 434 -10.03 -2.69 -21.01
N LEU C 435 -10.24 -2.63 -22.31
CA LEU C 435 -9.27 -2.01 -23.23
C LEU C 435 -8.76 -0.64 -22.76
N PRO C 436 -9.66 0.27 -22.34
CA PRO C 436 -9.19 1.59 -21.88
C PRO C 436 -8.30 1.58 -20.63
N THR C 437 -8.60 0.68 -19.69
CA THR C 437 -7.85 0.62 -18.43
C THR C 437 -6.55 -0.15 -18.57
N ALA C 438 -6.62 -1.32 -19.20
CA ALA C 438 -5.46 -2.20 -19.40
C ALA C 438 -4.32 -1.54 -20.19
N SER C 439 -4.67 -0.64 -21.11
CA SER C 439 -3.69 0.07 -21.95
C SER C 439 -3.09 1.27 -21.22
N GLU C 440 -3.95 2.08 -20.62
CA GLU C 440 -3.53 3.19 -19.77
C GLU C 440 -2.59 2.70 -18.68
N ALA C 441 -2.99 1.64 -17.98
CA ALA C 441 -2.15 1.03 -16.96
C ALA C 441 -0.75 0.66 -17.49
N TRP C 442 -0.72 -0.12 -18.57
CA TRP C 442 0.53 -0.44 -19.26
C TRP C 442 1.37 0.81 -19.57
N ILE C 443 0.72 1.85 -20.09
CA ILE C 443 1.41 3.06 -20.53
C ILE C 443 1.91 3.91 -19.35
N LEU C 444 1.05 4.03 -18.34
CA LEU C 444 1.42 4.70 -17.10
C LEU C 444 2.66 4.05 -16.53
N ALA C 445 2.71 2.72 -16.61
CA ALA C 445 3.83 1.93 -16.11
C ALA C 445 4.92 1.64 -17.17
N GLY C 446 5.07 2.54 -18.14
CA GLY C 446 6.16 2.43 -19.09
C GLY C 446 5.83 1.45 -20.20
N GLY C 447 5.94 0.17 -19.88
CA GLY C 447 5.43 -0.91 -20.73
C GLY C 447 5.86 -0.86 -22.20
N ALA C 448 6.70 -1.81 -22.60
CA ALA C 448 7.21 -1.85 -23.98
C ALA C 448 6.15 -2.34 -24.96
N HIS C 449 6.21 -1.82 -26.18
CA HIS C 449 5.30 -2.25 -27.23
C HIS C 449 5.54 -3.71 -27.63
N HIS C 450 6.77 -4.19 -27.47
CA HIS C 450 7.08 -5.62 -27.61
C HIS C 450 6.67 -6.38 -26.35
N THR C 451 6.24 -7.61 -26.55
CA THR C 451 5.72 -8.42 -25.46
C THR C 451 5.93 -9.89 -25.76
N VAL C 452 6.11 -10.68 -24.71
CA VAL C 452 6.16 -12.12 -24.84
C VAL C 452 4.76 -12.62 -24.54
N PHE C 453 4.09 -13.11 -25.57
CA PHE C 453 2.76 -13.70 -25.43
C PHE C 453 2.92 -15.17 -25.02
N SER C 454 1.98 -15.68 -24.23
CA SER C 454 2.09 -17.06 -23.71
C SER C 454 0.77 -17.62 -23.15
N HIS C 455 0.40 -18.81 -23.64
CA HIS C 455 -0.77 -19.57 -23.16
C HIS C 455 -0.41 -20.53 -22.03
N ALA C 456 0.82 -21.05 -22.03
CA ALA C 456 1.27 -22.02 -21.03
C ALA C 456 1.56 -21.40 -19.66
N LEU C 457 1.81 -20.09 -19.63
CA LEU C 457 2.17 -19.41 -18.38
C LEU C 457 1.02 -18.54 -17.88
N ASN C 458 0.96 -18.39 -16.57
CA ASN C 458 -0.12 -17.64 -15.92
C ASN C 458 0.45 -16.54 -15.03
N LEU C 459 -0.42 -15.92 -14.24
CA LEU C 459 -0.02 -14.87 -13.31
C LEU C 459 0.87 -15.40 -12.19
N ASN C 460 0.47 -16.55 -11.65
CA ASN C 460 1.13 -17.15 -10.49
C ASN C 460 2.61 -17.40 -10.76
N ASP C 461 2.92 -17.84 -11.98
CA ASP C 461 4.29 -18.17 -12.36
C ASP C 461 5.14 -16.92 -12.43
N MET C 462 4.55 -15.84 -12.94
CA MET C 462 5.26 -14.59 -13.12
C MET C 462 5.60 -13.93 -11.78
N ARG C 463 4.68 -14.00 -10.82
CA ARG C 463 4.94 -13.50 -9.45
C ARG C 463 6.07 -14.27 -8.75
N GLN C 464 6.11 -15.57 -8.96
CA GLN C 464 7.19 -16.40 -8.45
C GLN C 464 8.48 -16.06 -9.16
N PHE C 465 8.37 -15.64 -10.42
CA PHE C 465 9.52 -15.28 -11.24
C PHE C 465 10.10 -13.97 -10.75
N ALA C 466 9.23 -12.98 -10.61
CA ALA C 466 9.62 -11.64 -10.18
C ALA C 466 10.22 -11.66 -8.78
N GLU C 467 9.71 -12.54 -7.92
CA GLU C 467 10.28 -12.74 -6.58
C GLU C 467 11.67 -13.34 -6.65
N MET C 468 11.80 -14.44 -7.38
CA MET C 468 13.10 -15.07 -7.59
C MET C 468 14.18 -14.09 -8.04
N HIS C 469 13.79 -13.06 -8.79
CA HIS C 469 14.73 -12.05 -9.23
C HIS C 469 14.58 -10.73 -8.49
N ASP C 470 13.67 -10.70 -7.52
CA ASP C 470 13.43 -9.52 -6.67
C ASP C 470 13.22 -8.29 -7.54
N ILE C 471 12.28 -8.39 -8.47
CA ILE C 471 11.91 -7.25 -9.31
C ILE C 471 10.42 -6.96 -9.13
N GLU C 472 10.07 -5.69 -9.36
CA GLU C 472 8.68 -5.24 -9.23
C GLU C 472 7.85 -5.94 -10.29
N ILE C 473 6.77 -6.57 -9.85
CA ILE C 473 5.77 -7.05 -10.78
C ILE C 473 4.71 -5.97 -10.82
N THR C 474 4.40 -5.50 -12.02
CA THR C 474 3.26 -4.63 -12.23
C THR C 474 2.18 -5.47 -12.91
N VAL C 475 1.03 -5.59 -12.23
CA VAL C 475 -0.02 -6.54 -12.60
C VAL C 475 -1.25 -5.86 -13.25
N ILE C 476 -1.80 -6.52 -14.28
CA ILE C 476 -3.03 -6.06 -14.92
C ILE C 476 -4.02 -7.23 -15.21
N ASP C 477 -5.17 -7.17 -14.54
CA ASP C 477 -6.16 -8.26 -14.58
C ASP C 477 -7.54 -7.69 -14.25
N ASN C 478 -8.56 -8.54 -14.22
CA ASN C 478 -9.90 -8.09 -13.82
C ASN C 478 -9.85 -7.15 -12.63
N ASP C 479 -9.05 -7.52 -11.63
CA ASP C 479 -9.02 -6.81 -10.34
C ASP C 479 -8.40 -5.40 -10.38
N THR C 480 -7.66 -5.09 -11.44
CA THR C 480 -6.95 -3.82 -11.59
C THR C 480 -7.88 -2.60 -11.48
N ARG C 481 -7.69 -1.81 -10.41
CA ARG C 481 -8.28 -0.48 -10.27
C ARG C 481 -7.17 0.56 -10.36
N LEU C 482 -7.33 1.56 -11.22
CA LEU C 482 -6.25 2.53 -11.50
C LEU C 482 -5.73 3.32 -10.30
N PRO C 483 -6.62 3.98 -9.53
CA PRO C 483 -6.11 4.77 -8.40
C PRO C 483 -5.23 3.96 -7.44
N ALA C 484 -5.57 2.68 -7.22
CA ALA C 484 -4.72 1.78 -6.43
C ALA C 484 -3.49 1.35 -7.22
N PHE C 485 -3.67 1.15 -8.52
CA PHE C 485 -2.58 0.82 -9.44
C PHE C 485 -1.50 1.86 -9.35
N LYS C 486 -1.92 3.13 -9.40
CA LYS C 486 -1.00 4.25 -9.30
C LYS C 486 -0.33 4.31 -7.93
N ASP C 487 -1.10 4.06 -6.87
CA ASP C 487 -0.54 3.97 -5.52
C ASP C 487 0.59 2.93 -5.41
N ALA C 488 0.32 1.70 -5.86
CA ALA C 488 1.34 0.66 -5.78
C ALA C 488 2.57 1.04 -6.60
N LEU C 489 2.39 1.73 -7.72
CA LEU C 489 3.52 2.21 -8.50
C LEU C 489 4.43 3.10 -7.63
N ARG C 490 3.81 3.97 -6.84
CA ARG C 490 4.56 4.86 -5.95
C ARG C 490 5.27 4.13 -4.83
N TRP C 491 4.52 3.29 -4.14
CA TRP C 491 5.00 2.66 -2.94
C TRP C 491 6.10 1.66 -3.25
N ASN C 492 5.95 0.97 -4.39
CA ASN C 492 7.00 0.13 -4.95
C ASN C 492 8.22 0.94 -5.35
N GLU C 493 8.00 2.04 -6.04
CA GLU C 493 9.11 2.92 -6.44
C GLU C 493 10.09 3.20 -5.29
N VAL C 494 9.58 3.56 -4.13
CA VAL C 494 10.42 3.77 -2.95
C VAL C 494 10.89 2.44 -2.31
N TYR C 495 10.15 1.36 -2.46
CA TYR C 495 10.66 0.08 -1.96
C TYR C 495 11.88 -0.32 -2.74
N TYR C 496 11.71 -0.51 -4.05
CA TYR C 496 12.83 -0.93 -4.91
C TYR C 496 13.84 0.20 -5.18
N GLY C 497 13.58 1.42 -4.73
CA GLY C 497 14.54 2.52 -4.88
C GLY C 497 15.65 2.47 -3.84
N PHE C 498 16.31 1.30 -3.80
CA PHE C 498 17.39 0.93 -2.85
C PHE C 498 17.24 -0.57 -2.51
MN MN D . -12.38 30.67 11.09
MN MN E . 9.86 -24.21 23.45
MN MN F . 9.25 -3.68 -33.81
#